data_3IN8
# 
_entry.id   3IN8 
# 
_audit_conform.dict_name       mmcif_pdbx.dic 
_audit_conform.dict_version    5.378 
_audit_conform.dict_location   http://mmcif.pdb.org/dictionaries/ascii/mmcif_pdbx.dic 
# 
loop_
_database_2.database_id 
_database_2.database_code 
_database_2.pdbx_database_accession 
_database_2.pdbx_DOI 
PDB   3IN8         pdb_00003in8 10.2210/pdb3in8/pdb 
RCSB  RCSB054622   ?            ?                   
WWPDB D_1000054622 ?            ?                   
# 
loop_
_pdbx_database_related.db_name 
_pdbx_database_related.db_id 
_pdbx_database_related.details 
_pdbx_database_related.content_type 
PDB 2HUW . unspecified 
PDB 3C7I . unspecified 
PDB 3IMD . unspecified 
PDB 3IMJ . unspecified 
PDB 3IN7 . unspecified 
# 
_pdbx_database_status.entry_id                        3IN8 
_pdbx_database_status.status_code                     REL 
_pdbx_database_status.deposit_site                    RCSB 
_pdbx_database_status.process_site                    RCSB 
_pdbx_database_status.recvd_initial_deposition_date   2009-08-11 
_pdbx_database_status.status_code_sf                  REL 
_pdbx_database_status.status_code_mr                  ? 
_pdbx_database_status.SG_entry                        ? 
_pdbx_database_status.status_code_cs                  ? 
_pdbx_database_status.pdb_format_compatible           Y 
_pdbx_database_status.methods_development_category    ? 
_pdbx_database_status.status_code_nmr_data            ? 
# 
loop_
_audit_author.name 
_audit_author.pdbx_ordinal 
'Benfield, A.P.' 1 
'Clements, J.H.' 2 
# 
loop_
_citation.id 
_citation.title 
_citation.journal_abbrev 
_citation.journal_volume 
_citation.page_first 
_citation.page_last 
_citation.year 
_citation.journal_id_ASTM 
_citation.country 
_citation.journal_id_ISSN 
_citation.journal_id_CSD 
_citation.book_publisher 
_citation.pdbx_database_id_PubMed 
_citation.pdbx_database_id_DOI 
primary 
;Thermodynamic and Structural Effects of Conformational Constraints in Protein-Ligand Interactions. Entropic Paradoxy Associated with Ligand Preorganization.
;
J.Am.Chem.Soc.          131 16758 16770 2009 JACSAT US 0002-7863 0004 ? 19886660 10.1021/ja904698q 
1       'Ligand Preorganization May Be Accompanied by Entropic Penalties in Protein-Ligand Interactions' Angew.Chem.Int.Ed.Engl. 
45  6830  6835  2006 ?      GE 1433-7851 9999 ? ?        ?                 
# 
loop_
_citation_author.citation_id 
_citation_author.name 
_citation_author.ordinal 
_citation_author.identifier_ORCID 
primary 'Delorbe, J.E.'    1  ? 
primary 'Clements, J.H.'   2  ? 
primary 'Teresk, M.G.'     3  ? 
primary 'Benfield, A.P.'   4  ? 
primary 'Plake, H.R.'      5  ? 
primary 'Millspaugh, L.E.' 6  ? 
primary 'Martin, S.F.'     7  ? 
1       'Benfield, A.P.'   8  ? 
1       'Teresk, M.G.'     9  ? 
1       'Plake, H.R.'      10 ? 
1       'DeLorbe, J.E.'    11 ? 
1       'Millspaugh, L.E.' 12 ? 
1       'Martin, S.F.'     13 ? 
# 
_cell.entry_id           3IN8 
_cell.length_a           42.034 
_cell.length_b           42.034 
_cell.length_c           109.757 
_cell.angle_alpha        90.00 
_cell.angle_beta         90.00 
_cell.angle_gamma        90.00 
_cell.Z_PDB              8 
_cell.pdbx_unique_axis   ? 
_cell.length_a_esd       ? 
_cell.length_b_esd       ? 
_cell.length_c_esd       ? 
_cell.angle_alpha_esd    ? 
_cell.angle_beta_esd     ? 
_cell.angle_gamma_esd    ? 
# 
_symmetry.entry_id                         3IN8 
_symmetry.space_group_name_H-M             'P 43 21 2' 
_symmetry.pdbx_full_space_group_name_H-M   ? 
_symmetry.cell_setting                     ? 
_symmetry.Int_Tables_number                96 
_symmetry.space_group_name_Hall            ? 
# 
loop_
_entity.id 
_entity.type 
_entity.src_method 
_entity.pdbx_description 
_entity.formula_weight 
_entity.pdbx_number_of_molecules 
_entity.pdbx_ec 
_entity.pdbx_mutation 
_entity.pdbx_fragment 
_entity.details 
1 polymer     man 'Growth factor receptor-bound protein 2'                                                      13758.543 1   ? ? 
'SH2 domain' ? 
2 non-polymer syn 'N-{(2S)-4-(methylamino)-4-oxo-2-[4-(phosphonooxy)benzyl]butanoyl}-L-isoleucyl-L-aspartamide' 543.507   1   ? ? 
?            ? 
3 non-polymer syn 'FORMIC ACID'                                                                                 46.025    1   ? ? 
?            ? 
4 water       nat water                                                                                         18.015    116 ? ? 
?            ? 
# 
_entity_name_com.entity_id   1 
_entity_name_com.name        'Adapter protein GRB2, SH2/SH3 adapter GRB2, Protein Ash' 
# 
_entity_poly.entity_id                      1 
_entity_poly.type                           'polypeptide(L)' 
_entity_poly.nstd_linkage                   no 
_entity_poly.nstd_monomer                   no 
_entity_poly.pdbx_seq_one_letter_code       
;IEMKPHPWFFGKIPRAKAEEMLSKQRHDGAFLIRESESAPGDFSLSVKFGNDVQHFKVLRDGAGKYFLWVVKFNSLNELV
DYHRSTSVSRNQQIFLRDIEQVPQQPTYVQAHHHHHH
;
_entity_poly.pdbx_seq_one_letter_code_can   
;IEMKPHPWFFGKIPRAKAEEMLSKQRHDGAFLIRESESAPGDFSLSVKFGNDVQHFKVLRDGAGKYFLWVVKFNSLNELV
DYHRSTSVSRNQQIFLRDIEQVPQQPTYVQAHHHHHH
;
_entity_poly.pdbx_strand_id                 A 
_entity_poly.pdbx_target_identifier         ? 
# 
loop_
_entity_poly_seq.entity_id 
_entity_poly_seq.num 
_entity_poly_seq.mon_id 
_entity_poly_seq.hetero 
1 1   ILE n 
1 2   GLU n 
1 3   MET n 
1 4   LYS n 
1 5   PRO n 
1 6   HIS n 
1 7   PRO n 
1 8   TRP n 
1 9   PHE n 
1 10  PHE n 
1 11  GLY n 
1 12  LYS n 
1 13  ILE n 
1 14  PRO n 
1 15  ARG n 
1 16  ALA n 
1 17  LYS n 
1 18  ALA n 
1 19  GLU n 
1 20  GLU n 
1 21  MET n 
1 22  LEU n 
1 23  SER n 
1 24  LYS n 
1 25  GLN n 
1 26  ARG n 
1 27  HIS n 
1 28  ASP n 
1 29  GLY n 
1 30  ALA n 
1 31  PHE n 
1 32  LEU n 
1 33  ILE n 
1 34  ARG n 
1 35  GLU n 
1 36  SER n 
1 37  GLU n 
1 38  SER n 
1 39  ALA n 
1 40  PRO n 
1 41  GLY n 
1 42  ASP n 
1 43  PHE n 
1 44  SER n 
1 45  LEU n 
1 46  SER n 
1 47  VAL n 
1 48  LYS n 
1 49  PHE n 
1 50  GLY n 
1 51  ASN n 
1 52  ASP n 
1 53  VAL n 
1 54  GLN n 
1 55  HIS n 
1 56  PHE n 
1 57  LYS n 
1 58  VAL n 
1 59  LEU n 
1 60  ARG n 
1 61  ASP n 
1 62  GLY n 
1 63  ALA n 
1 64  GLY n 
1 65  LYS n 
1 66  TYR n 
1 67  PHE n 
1 68  LEU n 
1 69  TRP n 
1 70  VAL n 
1 71  VAL n 
1 72  LYS n 
1 73  PHE n 
1 74  ASN n 
1 75  SER n 
1 76  LEU n 
1 77  ASN n 
1 78  GLU n 
1 79  LEU n 
1 80  VAL n 
1 81  ASP n 
1 82  TYR n 
1 83  HIS n 
1 84  ARG n 
1 85  SER n 
1 86  THR n 
1 87  SER n 
1 88  VAL n 
1 89  SER n 
1 90  ARG n 
1 91  ASN n 
1 92  GLN n 
1 93  GLN n 
1 94  ILE n 
1 95  PHE n 
1 96  LEU n 
1 97  ARG n 
1 98  ASP n 
1 99  ILE n 
1 100 GLU n 
1 101 GLN n 
1 102 VAL n 
1 103 PRO n 
1 104 GLN n 
1 105 GLN n 
1 106 PRO n 
1 107 THR n 
1 108 TYR n 
1 109 VAL n 
1 110 GLN n 
1 111 ALA n 
1 112 HIS n 
1 113 HIS n 
1 114 HIS n 
1 115 HIS n 
1 116 HIS n 
1 117 HIS n 
# 
_entity_src_gen.entity_id                          1 
_entity_src_gen.pdbx_src_id                        1 
_entity_src_gen.pdbx_alt_source_flag               sample 
_entity_src_gen.pdbx_seq_type                      ? 
_entity_src_gen.pdbx_beg_seq_num                   ? 
_entity_src_gen.pdbx_end_seq_num                   ? 
_entity_src_gen.gene_src_common_name               human 
_entity_src_gen.gene_src_genus                     ? 
_entity_src_gen.pdbx_gene_src_gene                 'GRB2, ASH' 
_entity_src_gen.gene_src_species                   ? 
_entity_src_gen.gene_src_strain                    ? 
_entity_src_gen.gene_src_tissue                    ? 
_entity_src_gen.gene_src_tissue_fraction           ? 
_entity_src_gen.gene_src_details                   'residues 53-163 were expressed in addition to a C-terminal 6-his tag' 
_entity_src_gen.pdbx_gene_src_fragment             ? 
_entity_src_gen.pdbx_gene_src_scientific_name      'Homo sapiens' 
_entity_src_gen.pdbx_gene_src_ncbi_taxonomy_id     9606 
_entity_src_gen.pdbx_gene_src_variant              ? 
_entity_src_gen.pdbx_gene_src_cell_line            ? 
_entity_src_gen.pdbx_gene_src_atcc                 ? 
_entity_src_gen.pdbx_gene_src_organ                ? 
_entity_src_gen.pdbx_gene_src_organelle            ? 
_entity_src_gen.pdbx_gene_src_cell                 ? 
_entity_src_gen.pdbx_gene_src_cellular_location    ? 
_entity_src_gen.host_org_common_name               ? 
_entity_src_gen.pdbx_host_org_scientific_name      'Escherichia coli' 
_entity_src_gen.pdbx_host_org_ncbi_taxonomy_id     562 
_entity_src_gen.host_org_genus                     ? 
_entity_src_gen.pdbx_host_org_gene                 ? 
_entity_src_gen.pdbx_host_org_organ                ? 
_entity_src_gen.host_org_species                   ? 
_entity_src_gen.pdbx_host_org_tissue               ? 
_entity_src_gen.pdbx_host_org_tissue_fraction      ? 
_entity_src_gen.pdbx_host_org_strain               SG13009 
_entity_src_gen.pdbx_host_org_variant              ? 
_entity_src_gen.pdbx_host_org_cell_line            ? 
_entity_src_gen.pdbx_host_org_atcc                 ? 
_entity_src_gen.pdbx_host_org_culture_collection   ? 
_entity_src_gen.pdbx_host_org_cell                 ? 
_entity_src_gen.pdbx_host_org_organelle            ? 
_entity_src_gen.pdbx_host_org_cellular_location    ? 
_entity_src_gen.pdbx_host_org_vector_type          plasmid 
_entity_src_gen.pdbx_host_org_vector               ? 
_entity_src_gen.host_org_details                   ? 
_entity_src_gen.expression_system_id               ? 
_entity_src_gen.plasmid_name                       pQE-60 
_entity_src_gen.plasmid_details                    ? 
_entity_src_gen.pdbx_description                   ? 
# 
_struct_ref.id                         1 
_struct_ref.db_name                    UNP 
_struct_ref.db_code                    GRB2_HUMAN 
_struct_ref.pdbx_db_accession          P62993 
_struct_ref.entity_id                  1 
_struct_ref.pdbx_seq_one_letter_code   
;IEMKPHPWFFGKIPRAKAEEMLSKQRHDGAFLIRESESAPGDFSLSVKFGNDVQHFKVLRDGAGKYFLWVVKFNSLNELV
DYHRSTSVSRNQQIFLRDIEQVPQQPTYVQA
;
_struct_ref.pdbx_align_begin           53 
_struct_ref.pdbx_db_isoform            ? 
# 
_struct_ref_seq.align_id                      1 
_struct_ref_seq.ref_id                        1 
_struct_ref_seq.pdbx_PDB_id_code              3IN8 
_struct_ref_seq.pdbx_strand_id                A 
_struct_ref_seq.seq_align_beg                 1 
_struct_ref_seq.pdbx_seq_align_beg_ins_code   ? 
_struct_ref_seq.seq_align_end                 111 
_struct_ref_seq.pdbx_seq_align_end_ins_code   ? 
_struct_ref_seq.pdbx_db_accession             P62993 
_struct_ref_seq.db_align_beg                  53 
_struct_ref_seq.pdbx_db_align_beg_ins_code    ? 
_struct_ref_seq.db_align_end                  163 
_struct_ref_seq.pdbx_db_align_end_ins_code    ? 
_struct_ref_seq.pdbx_auth_seq_align_beg       53 
_struct_ref_seq.pdbx_auth_seq_align_end       163 
# 
loop_
_struct_ref_seq_dif.align_id 
_struct_ref_seq_dif.pdbx_pdb_id_code 
_struct_ref_seq_dif.mon_id 
_struct_ref_seq_dif.pdbx_pdb_strand_id 
_struct_ref_seq_dif.seq_num 
_struct_ref_seq_dif.pdbx_pdb_ins_code 
_struct_ref_seq_dif.pdbx_seq_db_name 
_struct_ref_seq_dif.pdbx_seq_db_accession_code 
_struct_ref_seq_dif.db_mon_id 
_struct_ref_seq_dif.pdbx_seq_db_seq_num 
_struct_ref_seq_dif.details 
_struct_ref_seq_dif.pdbx_auth_seq_num 
_struct_ref_seq_dif.pdbx_ordinal 
1 3IN8 HIS A 112 ? UNP P62993 ? ? 'expression tag' 164 1 
1 3IN8 HIS A 113 ? UNP P62993 ? ? 'expression tag' 165 2 
1 3IN8 HIS A 114 ? UNP P62993 ? ? 'expression tag' 166 3 
1 3IN8 HIS A 115 ? UNP P62993 ? ? 'expression tag' 167 4 
1 3IN8 HIS A 116 ? UNP P62993 ? ? 'expression tag' 168 5 
1 3IN8 HIS A 117 ? UNP P62993 ? ? 'expression tag' 169 6 
# 
loop_
_chem_comp.id 
_chem_comp.type 
_chem_comp.mon_nstd_flag 
_chem_comp.name 
_chem_comp.pdbx_synonyms 
_chem_comp.formula 
_chem_comp.formula_weight 
ALA 'L-peptide linking' y ALANINE                                                                                       ? 
'C3 H7 N O2'      89.093  
ARG 'L-peptide linking' y ARGININE                                                                                      ? 
'C6 H15 N4 O2 1'  175.209 
ASN 'L-peptide linking' y ASPARAGINE                                                                                    ? 
'C4 H8 N2 O3'     132.118 
ASP 'L-peptide linking' y 'ASPARTIC ACID'                                                                               ? 
'C4 H7 N O4'      133.103 
FMT non-polymer         . 'FORMIC ACID'                                                                                 ? 
'C H2 O2'         46.025  
FYI peptide-like        . 'N-{(2S)-4-(methylamino)-4-oxo-2-[4-(phosphonooxy)benzyl]butanoyl}-L-isoleucyl-L-aspartamide' ? 
'C22 H34 N5 O9 P' 543.507 
GLN 'L-peptide linking' y GLUTAMINE                                                                                     ? 
'C5 H10 N2 O3'    146.144 
GLU 'L-peptide linking' y 'GLUTAMIC ACID'                                                                               ? 
'C5 H9 N O4'      147.129 
GLY 'peptide linking'   y GLYCINE                                                                                       ? 
'C2 H5 N O2'      75.067  
HIS 'L-peptide linking' y HISTIDINE                                                                                     ? 
'C6 H10 N3 O2 1'  156.162 
HOH non-polymer         . WATER                                                                                         ? 'H2 O' 
18.015  
ILE 'L-peptide linking' y ISOLEUCINE                                                                                    ? 
'C6 H13 N O2'     131.173 
LEU 'L-peptide linking' y LEUCINE                                                                                       ? 
'C6 H13 N O2'     131.173 
LYS 'L-peptide linking' y LYSINE                                                                                        ? 
'C6 H15 N2 O2 1'  147.195 
MET 'L-peptide linking' y METHIONINE                                                                                    ? 
'C5 H11 N O2 S'   149.211 
PHE 'L-peptide linking' y PHENYLALANINE                                                                                 ? 
'C9 H11 N O2'     165.189 
PRO 'L-peptide linking' y PROLINE                                                                                       ? 
'C5 H9 N O2'      115.130 
SER 'L-peptide linking' y SERINE                                                                                        ? 
'C3 H7 N O3'      105.093 
THR 'L-peptide linking' y THREONINE                                                                                     ? 
'C4 H9 N O3'      119.119 
TRP 'L-peptide linking' y TRYPTOPHAN                                                                                    ? 
'C11 H12 N2 O2'   204.225 
TYR 'L-peptide linking' y TYROSINE                                                                                      ? 
'C9 H11 N O3'     181.189 
VAL 'L-peptide linking' y VALINE                                                                                        ? 
'C5 H11 N O2'     117.146 
# 
_exptl.crystals_number   1 
_exptl.entry_id          3IN8 
_exptl.method            'X-RAY DIFFRACTION' 
# 
_exptl_crystal.id                    1 
_exptl_crystal.density_Matthews      1.762 
_exptl_crystal.density_meas          ? 
_exptl_crystal.density_percent_sol   30.187 
_exptl_crystal.description           ? 
_exptl_crystal.F_000                 ? 
_exptl_crystal.preparation           ? 
# 
_exptl_crystal_grow.crystal_id      1 
_exptl_crystal_grow.method          'VAPOR DIFFUSION, HANGING DROP' 
_exptl_crystal_grow.pH              7.5 
_exptl_crystal_grow.temp            298 
_exptl_crystal_grow.temp_details    ? 
_exptl_crystal_grow.pdbx_details    
;Ligand in lyophilized powder form was dissolved in a 15.0 mg/mL solution of Grb2 SH2 in water such to give a protein/ligand molar ratio of 1:1.  3.5 uL of this solution was mixed with 3.5 uL of 5.0 M sodium formate, pH 7.5 to create the hanging drop, which yielded crystals of the protein-ligand complex in the presence of the above-mentioned solution after six weeks at room temperature., VAPOR DIFFUSION, HANGING DROP, temperature 298K
;
_exptl_crystal_grow.pdbx_pH_range   ? 
# 
_diffrn.id                     1 
_diffrn.ambient_temp           100 
_diffrn.ambient_temp_details   ? 
_diffrn.crystal_id             1 
# 
_diffrn_detector.diffrn_id              1 
_diffrn_detector.detector               'IMAGE PLATE' 
_diffrn_detector.type                   'RIGAKU RAXIS IV++' 
_diffrn_detector.pdbx_collection_date   2005-03-17 
_diffrn_detector.details                ? 
# 
_diffrn_radiation.diffrn_id                        1 
_diffrn_radiation.wavelength_id                    1 
_diffrn_radiation.pdbx_diffrn_protocol             'SINGLE WAVELENGTH' 
_diffrn_radiation.monochromator                    'blue max-flux confocal' 
_diffrn_radiation.pdbx_monochromatic_or_laue_m_l   M 
_diffrn_radiation.pdbx_scattering_type             x-ray 
# 
_diffrn_radiation_wavelength.id           1 
_diffrn_radiation_wavelength.wavelength   1.5418 
_diffrn_radiation_wavelength.wt           1.0 
# 
_diffrn_source.diffrn_id                   1 
_diffrn_source.source                      'ROTATING ANODE' 
_diffrn_source.type                        'RIGAKU RU200' 
_diffrn_source.pdbx_wavelength             ? 
_diffrn_source.pdbx_wavelength_list        1.5418 
_diffrn_source.pdbx_synchrotron_site       ? 
_diffrn_source.pdbx_synchrotron_beamline   ? 
# 
_reflns.entry_id                     3IN8 
_reflns.d_resolution_high            1.700 
_reflns.d_resolution_low             30.000 
_reflns.number_obs                   11224 
_reflns.pdbx_Rmerge_I_obs            0.054 
_reflns.pdbx_netI_over_sigmaI        23.300 
_reflns.pdbx_chi_squared             1.545 
_reflns.pdbx_redundancy              5.200 
_reflns.percent_possible_obs         97.200 
_reflns.observed_criterion_sigma_F   0 
_reflns.observed_criterion_sigma_I   0 
_reflns.number_all                   11547 
_reflns.pdbx_Rsym_value              ? 
_reflns.B_iso_Wilson_estimate        ? 
_reflns.R_free_details               ? 
_reflns.limit_h_max                  ? 
_reflns.limit_h_min                  ? 
_reflns.limit_k_max                  ? 
_reflns.limit_k_min                  ? 
_reflns.limit_l_max                  ? 
_reflns.limit_l_min                  ? 
_reflns.observed_criterion_F_max     ? 
_reflns.observed_criterion_F_min     ? 
_reflns.pdbx_scaling_rejects         ? 
_reflns.pdbx_ordinal                 1 
_reflns.pdbx_diffrn_id               1 
# 
_reflns_shell.d_res_high             1.70 
_reflns_shell.d_res_low              1.76 
_reflns_shell.number_measured_obs    ? 
_reflns_shell.number_measured_all    ? 
_reflns_shell.number_unique_obs      ? 
_reflns_shell.Rmerge_I_obs           0.174 
_reflns_shell.meanI_over_sigI_obs    ? 
_reflns_shell.pdbx_Rsym_value        ? 
_reflns_shell.pdbx_chi_squared       1.423 
_reflns_shell.pdbx_redundancy        2.60 
_reflns_shell.percent_possible_obs   ? 
_reflns_shell.number_unique_all      889 
_reflns_shell.percent_possible_all   79.70 
_reflns_shell.pdbx_ordinal           1 
_reflns_shell.pdbx_diffrn_id         1 
# 
_refine.entry_id                                 3IN8 
_refine.ls_d_res_high                            1.700 
_refine.ls_d_res_low                             20.000 
_refine.pdbx_ls_sigma_F                          0.00 
_refine.pdbx_data_cutoff_high_absF               ? 
_refine.pdbx_data_cutoff_low_absF                ? 
_refine.ls_percent_reflns_obs                    97.200 
_refine.ls_number_reflns_obs                     11165 
_refine.ls_number_reflns_all                     11487 
_refine.pdbx_ls_cross_valid_method               THROUGHOUT 
_refine.pdbx_R_Free_selection_details            random 
_refine.details                                  ? 
_refine.ls_R_factor_all                          ? 
_refine.ls_R_factor_obs                          ? 
_refine.ls_R_factor_R_work                       0.189 
_refine.ls_wR_factor_R_work                      ? 
_refine.ls_R_factor_R_free                       0.211 
_refine.ls_wR_factor_R_free                      ? 
_refine.ls_percent_reflns_R_free                 4.900 
_refine.ls_number_reflns_R_free                  560 
_refine.ls_R_factor_R_free_error                 ? 
_refine.B_iso_mean                               17.748 
_refine.solvent_model_param_bsol                 48.876 
_refine.solvent_model_param_ksol                 ? 
_refine.pdbx_isotropic_thermal_model             ? 
_refine.aniso_B[1][1]                            1.481 
_refine.aniso_B[2][2]                            1.481 
_refine.aniso_B[3][3]                            -2.963 
_refine.aniso_B[1][2]                            0.000 
_refine.aniso_B[1][3]                            0.000 
_refine.aniso_B[2][3]                            0.000 
_refine.correlation_coeff_Fo_to_Fc               ? 
_refine.correlation_coeff_Fo_to_Fc_free          ? 
_refine.overall_SU_R_Cruickshank_DPI             ? 
_refine.overall_SU_R_free                        ? 
_refine.pdbx_overall_ESU_R_Free                  ? 
_refine.overall_SU_ML                            ? 
_refine.overall_SU_B                             ? 
_refine.solvent_model_details                    ? 
_refine.pdbx_solvent_vdw_probe_radii             ? 
_refine.pdbx_solvent_ion_probe_radii             ? 
_refine.pdbx_solvent_shrinkage_radii             ? 
_refine.ls_number_parameters                     ? 
_refine.ls_number_restraints                     ? 
_refine.pdbx_starting_model                      'pdb entry 1JYR' 
_refine.pdbx_method_to_determine_struct          'MOLECULAR REPLACEMENT' 
_refine.pdbx_stereochemistry_target_values       'Engh & Huber' 
_refine.pdbx_stereochem_target_val_spec_case     ? 
_refine.overall_FOM_work_R_set                   0.883 
_refine.B_iso_max                                56.50 
_refine.B_iso_min                                7.31 
_refine.occupancy_max                            1.00 
_refine.occupancy_min                            0.50 
_refine.pdbx_ls_sigma_I                          0 
_refine.ls_redundancy_reflns_obs                 ? 
_refine.ls_R_factor_R_free_error_details         ? 
_refine.pdbx_data_cutoff_high_rms_absF           ? 
_refine.overall_FOM_free_R_set                   ? 
_refine.pdbx_overall_phase_error                 ? 
_refine.pdbx_refine_id                           'X-RAY DIFFRACTION' 
_refine.pdbx_overall_ESU_R                       ? 
_refine.pdbx_diffrn_id                           1 
_refine.pdbx_TLS_residual_ADP_flag               ? 
_refine.pdbx_overall_SU_R_free_Cruickshank_DPI   ? 
_refine.pdbx_overall_SU_R_Blow_DPI               ? 
_refine.pdbx_overall_SU_R_free_Blow_DPI          ? 
# 
_refine_hist.pdbx_refine_id                   'X-RAY DIFFRACTION' 
_refine_hist.cycle_id                         LAST 
_refine_hist.pdbx_number_atoms_protein        832 
_refine_hist.pdbx_number_atoms_nucleic_acid   0 
_refine_hist.pdbx_number_atoms_ligand         40 
_refine_hist.number_atoms_solvent             116 
_refine_hist.number_atoms_total               988 
_refine_hist.d_res_high                       1.700 
_refine_hist.d_res_low                        20.000 
# 
loop_
_refine_ls_restr.type 
_refine_ls_restr.number 
_refine_ls_restr.dev_ideal 
_refine_ls_restr.dev_ideal_target 
_refine_ls_restr.weight 
_refine_ls_restr.pdbx_refine_id 
_refine_ls_restr.pdbx_restraint_function 
c_bond_d     ? 0.005 ?     ? 'X-RAY DIFFRACTION' ? 
c_angle_d    ? 1.328 ?     ? 'X-RAY DIFFRACTION' ? 
c_mcbond_it  ? 1.211 1.500 ? 'X-RAY DIFFRACTION' ? 
c_scbond_it  ? 1.914 2.000 ? 'X-RAY DIFFRACTION' ? 
c_mcangle_it ? 1.929 2.000 ? 'X-RAY DIFFRACTION' ? 
c_scangle_it ? 2.858 2.500 ? 'X-RAY DIFFRACTION' ? 
# 
loop_
_pdbx_xplor_file.serial_no 
_pdbx_xplor_file.param_file 
_pdbx_xplor_file.topol_file 
_pdbx_xplor_file.pdbx_refine_id 
1 CNS_TOPPAR:protein_rep.param CNS_TOPPAR:protein.top 'X-RAY DIFFRACTION' 
2 fpyin.param                  fpyin.top              'X-RAY DIFFRACTION' 
3 CNS_TOPPAR:water_rep.param   CNS_TOPPAR:water.top   'X-RAY DIFFRACTION' 
4 CNS_TOPPAR:ion.param         CNS_TOPPAR:ion.top     'X-RAY DIFFRACTION' 
5 formate.param                formate.top            'X-RAY DIFFRACTION' 
# 
_struct.entry_id                  3IN8 
_struct.title                     
'Crystal Structure of the Grb2 SH2 Domain in Complex with a Flexible Ac-pTyr-Ile-Asn-NH2 Tripeptide Mimic' 
_struct.pdbx_model_details        ? 
_struct.pdbx_CASP_flag            ? 
_struct.pdbx_model_type_details   ? 
# 
_struct_keywords.entry_id        3IN8 
_struct_keywords.text            
;ligand preorganization, Golgi apparatus, PEPTIDE MIMICS, Host-virus interaction, Phosphoprotein, SH2 domain, SH3, SIGNALING PROTEIN, SIGNALING PROTEIN-pseudopeptide ligand complex, SIGNALING PROTEIN-PEPTIDE COMPLEX
;
_struct_keywords.pdbx_keywords   'SIGNALING PROTEIN/PEPTIDE' 
# 
loop_
_struct_asym.id 
_struct_asym.pdbx_blank_PDB_chainid_flag 
_struct_asym.pdbx_modified 
_struct_asym.entity_id 
_struct_asym.details 
A N N 1 ? 
B N N 2 ? 
C N N 3 ? 
D N N 4 ? 
# 
_struct_biol.id        1 
_struct_biol.details   ? 
# 
loop_
_struct_conf.conf_type_id 
_struct_conf.id 
_struct_conf.pdbx_PDB_helix_id 
_struct_conf.beg_label_comp_id 
_struct_conf.beg_label_asym_id 
_struct_conf.beg_label_seq_id 
_struct_conf.pdbx_beg_PDB_ins_code 
_struct_conf.end_label_comp_id 
_struct_conf.end_label_asym_id 
_struct_conf.end_label_seq_id 
_struct_conf.pdbx_end_PDB_ins_code 
_struct_conf.beg_auth_comp_id 
_struct_conf.beg_auth_asym_id 
_struct_conf.beg_auth_seq_id 
_struct_conf.end_auth_comp_id 
_struct_conf.end_auth_asym_id 
_struct_conf.end_auth_seq_id 
_struct_conf.pdbx_PDB_helix_class 
_struct_conf.details 
_struct_conf.pdbx_PDB_helix_length 
HELX_P HELX_P1 1 PRO A 14 ? LYS A 24 ? PRO A 66  LYS A 76  1 ? 11 
HELX_P HELX_P2 2 SER A 75 ? HIS A 83 ? SER A 127 HIS A 135 1 ? 9  
# 
_struct_conf_type.id          HELX_P 
_struct_conf_type.criteria    ? 
_struct_conf_type.reference   ? 
# 
loop_
_struct_sheet.id 
_struct_sheet.type 
_struct_sheet.number_strands 
_struct_sheet.details 
A ? 3 ? 
B ? 3 ? 
# 
loop_
_struct_sheet_order.sheet_id 
_struct_sheet_order.range_id_1 
_struct_sheet_order.range_id_2 
_struct_sheet_order.offset 
_struct_sheet_order.sense 
A 1 2 ? anti-parallel 
A 2 3 ? anti-parallel 
B 1 2 ? anti-parallel 
B 2 3 ? anti-parallel 
# 
loop_
_struct_sheet_range.sheet_id 
_struct_sheet_range.id 
_struct_sheet_range.beg_label_comp_id 
_struct_sheet_range.beg_label_asym_id 
_struct_sheet_range.beg_label_seq_id 
_struct_sheet_range.pdbx_beg_PDB_ins_code 
_struct_sheet_range.end_label_comp_id 
_struct_sheet_range.end_label_asym_id 
_struct_sheet_range.end_label_seq_id 
_struct_sheet_range.pdbx_end_PDB_ins_code 
_struct_sheet_range.beg_auth_comp_id 
_struct_sheet_range.beg_auth_asym_id 
_struct_sheet_range.beg_auth_seq_id 
_struct_sheet_range.end_auth_comp_id 
_struct_sheet_range.end_auth_asym_id 
_struct_sheet_range.end_auth_seq_id 
A 1 PHE A 31 ? GLU A 35 ? PHE A 83  GLU A 87  
A 2 PHE A 43 ? PHE A 49 ? PHE A 95  PHE A 101 
A 3 ASP A 52 ? LYS A 57 ? ASP A 104 LYS A 109 
B 1 LEU A 59 ? ARG A 60 ? LEU A 111 ARG A 112 
B 2 TYR A 66 ? PHE A 67 ? TYR A 118 PHE A 119 
B 3 LYS A 72 ? PHE A 73 ? LYS A 124 PHE A 125 
# 
loop_
_pdbx_struct_sheet_hbond.sheet_id 
_pdbx_struct_sheet_hbond.range_id_1 
_pdbx_struct_sheet_hbond.range_id_2 
_pdbx_struct_sheet_hbond.range_1_label_atom_id 
_pdbx_struct_sheet_hbond.range_1_label_comp_id 
_pdbx_struct_sheet_hbond.range_1_label_asym_id 
_pdbx_struct_sheet_hbond.range_1_label_seq_id 
_pdbx_struct_sheet_hbond.range_1_PDB_ins_code 
_pdbx_struct_sheet_hbond.range_1_auth_atom_id 
_pdbx_struct_sheet_hbond.range_1_auth_comp_id 
_pdbx_struct_sheet_hbond.range_1_auth_asym_id 
_pdbx_struct_sheet_hbond.range_1_auth_seq_id 
_pdbx_struct_sheet_hbond.range_2_label_atom_id 
_pdbx_struct_sheet_hbond.range_2_label_comp_id 
_pdbx_struct_sheet_hbond.range_2_label_asym_id 
_pdbx_struct_sheet_hbond.range_2_label_seq_id 
_pdbx_struct_sheet_hbond.range_2_PDB_ins_code 
_pdbx_struct_sheet_hbond.range_2_auth_atom_id 
_pdbx_struct_sheet_hbond.range_2_auth_comp_id 
_pdbx_struct_sheet_hbond.range_2_auth_asym_id 
_pdbx_struct_sheet_hbond.range_2_auth_seq_id 
A 1 2 N ARG A 34 ? N ARG A 86  O SER A 44 ? O SER A 96  
A 2 3 N LEU A 45 ? N LEU A 97  O PHE A 56 ? O PHE A 108 
B 1 2 N LEU A 59 ? N LEU A 111 O PHE A 67 ? O PHE A 119 
B 2 3 N TYR A 66 ? N TYR A 118 O PHE A 73 ? O PHE A 125 
# 
loop_
_struct_site.id 
_struct_site.pdbx_evidence_code 
_struct_site.pdbx_auth_asym_id 
_struct_site.pdbx_auth_comp_id 
_struct_site.pdbx_auth_seq_id 
_struct_site.pdbx_auth_ins_code 
_struct_site.pdbx_num_residues 
_struct_site.details 
AC1 Software A FYI 1   ? 20 'BINDING SITE FOR RESIDUE FYI A 1'   
AC2 Software A FMT 170 ? 7  'BINDING SITE FOR RESIDUE FMT A 170' 
# 
loop_
_struct_site_gen.id 
_struct_site_gen.site_id 
_struct_site_gen.pdbx_num_res 
_struct_site_gen.label_comp_id 
_struct_site_gen.label_asym_id 
_struct_site_gen.label_seq_id 
_struct_site_gen.pdbx_auth_ins_code 
_struct_site_gen.auth_comp_id 
_struct_site_gen.auth_asym_id 
_struct_site_gen.auth_seq_id 
_struct_site_gen.label_atom_id 
_struct_site_gen.label_alt_id 
_struct_site_gen.symmetry 
_struct_site_gen.details 
1  AC1 20 HOH D .   ? HOH A 12  . ? 1_555 ? 
2  AC1 20 HOH D .   ? HOH A 37  . ? 1_555 ? 
3  AC1 20 HOH D .   ? HOH A 38  . ? 1_555 ? 
4  AC1 20 ARG A 15  ? ARG A 67  . ? 1_555 ? 
5  AC1 20 ARG A 26  ? ARG A 78  . ? 7_565 ? 
6  AC1 20 ARG A 34  ? ARG A 86  . ? 1_555 ? 
7  AC1 20 SER A 36  ? SER A 88  . ? 1_555 ? 
8  AC1 20 SER A 38  ? SER A 90  . ? 1_555 ? 
9  AC1 20 SER A 44  ? SER A 96  . ? 1_555 ? 
10 AC1 20 HIS A 55  ? HIS A 107 . ? 1_555 ? 
11 AC1 20 PHE A 56  ? PHE A 108 . ? 1_555 ? 
12 AC1 20 LYS A 57  ? LYS A 109 . ? 1_555 ? 
13 AC1 20 LEU A 68  ? LEU A 120 . ? 1_555 ? 
14 AC1 20 TRP A 69  ? TRP A 121 . ? 1_555 ? 
15 AC1 20 GLU A 100 ? GLU A 152 . ? 7_565 ? 
16 AC1 20 VAL A 102 ? VAL A 154 . ? 7_565 ? 
17 AC1 20 PRO A 103 ? PRO A 155 . ? 7_565 ? 
18 AC1 20 HOH D .   ? HOH A 189 . ? 1_555 ? 
19 AC1 20 HOH D .   ? HOH A 207 . ? 1_555 ? 
20 AC1 20 HOH D .   ? HOH A 230 . ? 1_555 ? 
21 AC2 7  HOH D .   ? HOH A 4   . ? 1_555 ? 
22 AC2 7  HOH D .   ? HOH A 35  . ? 7_455 ? 
23 AC2 7  GLN A 25  ? GLN A 77  . ? 1_555 ? 
24 AC2 7  ARG A 26  ? ARG A 78  . ? 1_555 ? 
25 AC2 7  HIS A 27  ? HIS A 79  . ? 1_555 ? 
26 AC2 7  LYS A 57  ? LYS A 109 . ? 7_455 ? 
27 AC2 7  GLU A 100 ? GLU A 152 . ? 1_555 ? 
# 
_atom_sites.entry_id                    3IN8 
_atom_sites.fract_transf_matrix[1][1]   -0.00008041 
_atom_sites.fract_transf_matrix[1][2]   0.01148200 
_atom_sites.fract_transf_matrix[1][3]   -0.02083558 
_atom_sites.fract_transf_matrix[2][1]   -0.02086955 
_atom_sites.fract_transf_matrix[2][2]   -0.01003606 
_atom_sites.fract_transf_matrix[2][3]   -0.00545009 
_atom_sites.fract_transf_matrix[3][1]   -0.00437364 
_atom_sites.fract_transf_matrix[3][2]   0.00699291 
_atom_sites.fract_transf_matrix[3][3]   0.00387051 
_atom_sites.fract_transf_vector[1]      -0.302000 
_atom_sites.fract_transf_vector[2]      0.048018 
_atom_sites.fract_transf_vector[3]      0.029687 
# 
loop_
_atom_type.symbol 
C 
N 
O 
P 
S 
# 
loop_
_atom_site.group_PDB 
_atom_site.id 
_atom_site.type_symbol 
_atom_site.label_atom_id 
_atom_site.label_alt_id 
_atom_site.label_comp_id 
_atom_site.label_asym_id 
_atom_site.label_entity_id 
_atom_site.label_seq_id 
_atom_site.pdbx_PDB_ins_code 
_atom_site.Cartn_x 
_atom_site.Cartn_y 
_atom_site.Cartn_z 
_atom_site.occupancy 
_atom_site.B_iso_or_equiv 
_atom_site.pdbx_formal_charge 
_atom_site.auth_seq_id 
_atom_site.auth_comp_id 
_atom_site.auth_asym_id 
_atom_site.auth_atom_id 
_atom_site.pdbx_PDB_model_num 
ATOM   1   N N   . MET A 1 3   ? 15.331  15.816  2.248   0.50 37.16 ? 55  MET A N   1 
ATOM   2   C CA  . MET A 1 3   ? 14.338  14.742  1.961   0.50 36.91 ? 55  MET A CA  1 
ATOM   3   C C   . MET A 1 3   ? 14.999  13.365  1.965   1.00 35.79 ? 55  MET A C   1 
ATOM   4   O O   . MET A 1 3   ? 16.193  13.236  1.696   1.00 36.73 ? 55  MET A O   1 
ATOM   5   C CB  . MET A 1 3   ? 13.679  14.985  0.600   0.50 38.30 ? 55  MET A CB  1 
ATOM   6   C CG  . MET A 1 3   ? 12.929  16.305  0.491   0.50 39.96 ? 55  MET A CG  1 
ATOM   7   S SD  . MET A 1 3   ? 11.500  16.416  1.589   0.50 41.82 ? 55  MET A SD  1 
ATOM   8   C CE  . MET A 1 3   ? 12.209  17.278  2.995   0.50 41.77 ? 55  MET A CE  1 
ATOM   9   N N   . LYS A 1 4   ? 14.210  12.342  2.272   1.00 33.85 ? 56  LYS A N   1 
ATOM   10  C CA  . LYS A 1 4   ? 14.701  10.968  2.310   1.00 31.38 ? 56  LYS A CA  1 
ATOM   11  C C   . LYS A 1 4   ? 13.794  10.091  1.454   1.00 28.41 ? 56  LYS A C   1 
ATOM   12  O O   . LYS A 1 4   ? 12.632  10.429  1.220   1.00 29.20 ? 56  LYS A O   1 
ATOM   13  C CB  . LYS A 1 4   ? 14.704  10.446  3.747   1.00 33.02 ? 56  LYS A CB  1 
ATOM   14  C CG  . LYS A 1 4   ? 15.549  11.267  4.709   0.50 33.93 ? 56  LYS A CG  1 
ATOM   15  C CD  . LYS A 1 4   ? 15.503  10.686  6.113   0.50 35.43 ? 56  LYS A CD  1 
ATOM   16  C CE  . LYS A 1 4   ? 16.357  11.496  7.076   0.50 36.29 ? 56  LYS A CE  1 
ATOM   17  N NZ  . LYS A 1 4   ? 15.884  12.904  7.198   0.50 36.97 ? 56  LYS A NZ  1 
ATOM   18  N N   . PRO A 1 5   ? 14.311  8.952   0.966   1.00 24.69 ? 57  PRO A N   1 
ATOM   19  C CA  . PRO A 1 5   ? 13.464  8.085   0.143   1.00 22.26 ? 57  PRO A CA  1 
ATOM   20  C C   . PRO A 1 5   ? 12.343  7.482   0.989   1.00 20.33 ? 57  PRO A C   1 
ATOM   21  O O   . PRO A 1 5   ? 12.486  7.318   2.198   1.00 21.09 ? 57  PRO A O   1 
ATOM   22  C CB  . PRO A 1 5   ? 14.445  7.038   -0.378  1.00 22.08 ? 57  PRO A CB  1 
ATOM   23  C CG  . PRO A 1 5   ? 15.459  6.947   0.721   1.00 23.56 ? 57  PRO A CG  1 
ATOM   24  C CD  . PRO A 1 5   ? 15.666  8.390   1.112   1.00 23.63 ? 57  PRO A CD  1 
ATOM   25  N N   . HIS A 1 6   ? 11.222  7.163   0.356   1.00 17.96 ? 58  HIS A N   1 
ATOM   26  C CA  . HIS A 1 6   ? 10.097  6.595   1.085   1.00 16.98 ? 58  HIS A CA  1 
ATOM   27  C C   . HIS A 1 6   ? 10.338  5.149   1.479   1.00 17.23 ? 58  HIS A C   1 
ATOM   28  O O   . HIS A 1 6   ? 10.729  4.321   0.654   1.00 19.19 ? 58  HIS A O   1 
ATOM   29  C CB  . HIS A 1 6   ? 8.826   6.721   0.250   1.00 14.67 ? 58  HIS A CB  1 
ATOM   30  C CG  . HIS A 1 6   ? 8.394   8.138   0.046   1.00 13.93 ? 58  HIS A CG  1 
ATOM   31  N ND1 . HIS A 1 6   ? 8.014   8.955   1.090   1.00 14.64 ? 58  HIS A ND1 1 
ATOM   32  C CD2 . HIS A 1 6   ? 8.311   8.894   -1.074  1.00 14.50 ? 58  HIS A CD2 1 
ATOM   33  C CE1 . HIS A 1 6   ? 7.713   10.152  0.621   1.00 15.11 ? 58  HIS A CE1 1 
ATOM   34  N NE2 . HIS A 1 6   ? 7.885   10.141  -0.689  1.00 14.54 ? 58  HIS A NE2 1 
ATOM   35  N N   . PRO A 1 7   ? 10.100  4.823   2.758   1.00 17.30 ? 59  PRO A N   1 
ATOM   36  C CA  . PRO A 1 7   ? 10.299  3.465   3.266   1.00 17.54 ? 59  PRO A CA  1 
ATOM   37  C C   . PRO A 1 7   ? 9.224   2.478   2.834   1.00 17.05 ? 59  PRO A C   1 
ATOM   38  O O   . PRO A 1 7   ? 9.289   1.300   3.184   1.00 18.76 ? 59  PRO A O   1 
ATOM   39  C CB  . PRO A 1 7   ? 10.314  3.671   4.774   1.00 19.05 ? 59  PRO A CB  1 
ATOM   40  C CG  . PRO A 1 7   ? 9.293   4.751   4.949   1.00 20.80 ? 59  PRO A CG  1 
ATOM   41  C CD  . PRO A 1 7   ? 9.663   5.724   3.841   1.00 18.68 ? 59  PRO A CD  1 
ATOM   42  N N   . TRP A 1 8   ? 8.243   2.953   2.071   1.00 14.79 ? 60  TRP A N   1 
ATOM   43  C CA  . TRP A 1 8   ? 7.159   2.086   1.630   1.00 12.47 ? 60  TRP A CA  1 
ATOM   44  C C   . TRP A 1 8   ? 7.212   1.612   0.185   1.00 12.47 ? 60  TRP A C   1 
ATOM   45  O O   . TRP A 1 8   ? 6.370   0.818   -0.229  1.00 11.53 ? 60  TRP A O   1 
ATOM   46  C CB  . TRP A 1 8   ? 5.799   2.755   1.886   1.00 12.28 ? 60  TRP A CB  1 
ATOM   47  C CG  . TRP A 1 8   ? 5.701   4.210   1.503   1.00 10.15 ? 60  TRP A CG  1 
ATOM   48  C CD1 . TRP A 1 8   ? 5.777   5.284   2.345   1.00 10.38 ? 60  TRP A CD1 1 
ATOM   49  C CD2 . TRP A 1 8   ? 5.439   4.744   0.196   1.00 11.15 ? 60  TRP A CD2 1 
ATOM   50  N NE1 . TRP A 1 8   ? 5.570   6.452   1.647   1.00 11.44 ? 60  TRP A NE1 1 
ATOM   51  C CE2 . TRP A 1 8   ? 5.361   6.149   0.326   1.00 10.27 ? 60  TRP A CE2 1 
ATOM   52  C CE3 . TRP A 1 8   ? 5.257   4.170   -1.070  1.00 9.74  ? 60  TRP A CE3 1 
ATOM   53  C CZ2 . TRP A 1 8   ? 5.109   6.995   -0.765  1.00 11.06 ? 60  TRP A CZ2 1 
ATOM   54  C CZ3 . TRP A 1 8   ? 5.003   5.014   -2.159  1.00 10.39 ? 60  TRP A CZ3 1 
ATOM   55  C CH2 . TRP A 1 8   ? 4.932   6.409   -1.996  1.00 9.85  ? 60  TRP A CH2 1 
ATOM   56  N N   . PHE A 1 9   ? 8.189   2.079   -0.588  1.00 11.21 ? 61  PHE A N   1 
ATOM   57  C CA  . PHE A 1 9   ? 8.273   1.653   -1.983  1.00 11.70 ? 61  PHE A CA  1 
ATOM   58  C C   . PHE A 1 9   ? 9.240   0.491   -2.163  1.00 11.72 ? 61  PHE A C   1 
ATOM   59  O O   . PHE A 1 9   ? 10.457  0.659   -2.034  1.00 12.93 ? 61  PHE A O   1 
ATOM   60  C CB  . PHE A 1 9   ? 8.704   2.811   -2.884  1.00 10.78 ? 61  PHE A CB  1 
ATOM   61  C CG  . PHE A 1 9   ? 8.535   2.515   -4.343  1.00 12.19 ? 61  PHE A CG  1 
ATOM   62  C CD1 . PHE A 1 9   ? 7.285   2.622   -4.945  1.00 13.72 ? 61  PHE A CD1 1 
ATOM   63  C CD2 . PHE A 1 9   ? 9.608   2.056   -5.102  1.00 12.76 ? 61  PHE A CD2 1 
ATOM   64  C CE1 . PHE A 1 9   ? 7.102   2.272   -6.280  1.00 14.31 ? 61  PHE A CE1 1 
ATOM   65  C CE2 . PHE A 1 9   ? 9.434   1.703   -6.440  1.00 10.36 ? 61  PHE A CE2 1 
ATOM   66  C CZ  . PHE A 1 9   ? 8.181   1.810   -7.030  1.00 12.70 ? 61  PHE A CZ  1 
ATOM   67  N N   . PHE A 1 10  ? 8.698   -0.681  -2.486  1.00 10.20 ? 62  PHE A N   1 
ATOM   68  C CA  . PHE A 1 10  ? 9.519   -1.879  -2.660  1.00 11.40 ? 62  PHE A CA  1 
ATOM   69  C C   . PHE A 1 10  ? 9.710   -2.347  -4.092  1.00 10.86 ? 62  PHE A C   1 
ATOM   70  O O   . PHE A 1 10  ? 10.270  -3.418  -4.334  1.00 13.07 ? 62  PHE A O   1 
ATOM   71  C CB  . PHE A 1 10  ? 8.949   -3.026  -1.826  1.00 11.37 ? 62  PHE A CB  1 
ATOM   72  C CG  . PHE A 1 10  ? 9.233   -2.893  -0.357  1.00 13.43 ? 62  PHE A CG  1 
ATOM   73  C CD1 . PHE A 1 10  ? 8.656   -1.870  0.389   1.00 13.04 ? 62  PHE A CD1 1 
ATOM   74  C CD2 . PHE A 1 10  ? 10.111  -3.770  0.272   1.00 14.64 ? 62  PHE A CD2 1 
ATOM   75  C CE1 . PHE A 1 10  ? 8.948   -1.721  1.740   1.00 15.16 ? 62  PHE A CE1 1 
ATOM   76  C CE2 . PHE A 1 10  ? 10.409  -3.628  1.623   1.00 17.72 ? 62  PHE A CE2 1 
ATOM   77  C CZ  . PHE A 1 10  ? 9.826   -2.600  2.359   1.00 15.39 ? 62  PHE A CZ  1 
ATOM   78  N N   . GLY A 1 11  ? 9.253   -1.555  -5.050  1.00 10.38 ? 63  GLY A N   1 
ATOM   79  C CA  . GLY A 1 11  ? 9.421   -1.944  -6.436  1.00 10.15 ? 63  GLY A CA  1 
ATOM   80  C C   . GLY A 1 11  ? 8.766   -3.261  -6.796  1.00 11.61 ? 63  GLY A C   1 
ATOM   81  O O   . GLY A 1 11  ? 7.667   -3.571  -6.334  1.00 9.59  ? 63  GLY A O   1 
ATOM   82  N N   . LYS A 1 12  ? 9.452   -4.047  -7.613  1.00 11.33 ? 64  LYS A N   1 
ATOM   83  C CA  . LYS A 1 12  ? 8.918   -5.319  -8.072  1.00 14.61 ? 64  LYS A CA  1 
ATOM   84  C C   . LYS A 1 12  ? 9.203   -6.514  -7.171  1.00 16.19 ? 64  LYS A C   1 
ATOM   85  O O   . LYS A 1 12  ? 10.104  -7.310  -7.440  1.00 18.64 ? 64  LYS A O   1 
ATOM   86  C CB  . LYS A 1 12  ? 9.440   -5.613  -9.479  1.00 14.63 ? 64  LYS A CB  1 
ATOM   87  C CG  . LYS A 1 12  ? 8.754   -6.774  -10.175 1.00 19.46 ? 64  LYS A CG  1 
ATOM   88  C CD  . LYS A 1 12  ? 9.495   -7.129  -11.457 1.00 21.30 ? 64  LYS A CD  1 
ATOM   89  C CE  . LYS A 1 12  ? 8.833   -8.283  -12.179 0.50 21.35 ? 64  LYS A CE  1 
ATOM   90  N NZ  . LYS A 1 12  ? 7.445   -7.926  -12.558 0.50 21.43 ? 64  LYS A NZ  1 
ATOM   91  N N   . ILE A 1 13  ? 8.444   -6.634  -6.092  1.00 17.47 ? 65  ILE A N   1 
ATOM   92  C CA  . ILE A 1 13  ? 8.600   -7.771  -5.201  1.00 18.47 ? 65  ILE A CA  1 
ATOM   93  C C   . ILE A 1 13  ? 7.326   -8.577  -5.371  1.00 19.01 ? 65  ILE A C   1 
ATOM   94  O O   . ILE A 1 13  ? 6.243   -8.009  -5.519  1.00 19.71 ? 65  ILE A O   1 
ATOM   95  C CB  . ILE A 1 13  ? 8.749   -7.352  -3.725  1.00 20.40 ? 65  ILE A CB  1 
ATOM   96  C CG1 . ILE A 1 13  ? 7.561   -6.492  -3.298  1.00 20.12 ? 65  ILE A CG1 1 
ATOM   97  C CG2 . ILE A 1 13  ? 10.059  -6.615  -3.530  1.00 21.88 ? 65  ILE A CG2 1 
ATOM   98  C CD1 . ILE A 1 13  ? 7.493   -6.262  -1.805  1.00 23.95 ? 65  ILE A CD1 1 
ATOM   99  N N   . PRO A 1 14  ? 7.435   -9.910  -5.370  1.00 17.21 ? 66  PRO A N   1 
ATOM   100 C CA  . PRO A 1 14  ? 6.246   -10.749 -5.533  1.00 15.95 ? 66  PRO A CA  1 
ATOM   101 C C   . PRO A 1 14  ? 5.189   -10.494 -4.469  1.00 14.44 ? 66  PRO A C   1 
ATOM   102 O O   . PRO A 1 14  ? 5.501   -10.108 -3.345  1.00 14.33 ? 66  PRO A O   1 
ATOM   103 C CB  . PRO A 1 14  ? 6.812   -12.165 -5.452  1.00 16.40 ? 66  PRO A CB  1 
ATOM   104 C CG  . PRO A 1 14  ? 8.200   -12.002 -6.003  1.00 17.59 ? 66  PRO A CG  1 
ATOM   105 C CD  . PRO A 1 14  ? 8.661   -10.727 -5.348  1.00 16.32 ? 66  PRO A CD  1 
ATOM   106 N N   . ARG A 1 15  ? 3.933   -10.714 -4.836  1.00 13.06 ? 67  ARG A N   1 
ATOM   107 C CA  . ARG A 1 15  ? 2.820   -10.542 -3.916  1.00 12.33 ? 67  ARG A CA  1 
ATOM   108 C C   . ARG A 1 15  ? 3.056   -11.389 -2.667  1.00 11.79 ? 67  ARG A C   1 
ATOM   109 O O   . ARG A 1 15  ? 2.800   -10.945 -1.546  1.00 12.31 ? 67  ARG A O   1 
ATOM   110 C CB  . ARG A 1 15  ? 1.530   -10.974 -4.611  1.00 12.81 ? 67  ARG A CB  1 
ATOM   111 C CG  . ARG A 1 15  ? 0.300   -11.071 -3.732  1.00 12.76 ? 67  ARG A CG  1 
ATOM   112 C CD  . ARG A 1 15  ? -0.829  -11.676 -4.549  1.00 14.30 ? 67  ARG A CD  1 
ATOM   113 N NE  . ARG A 1 15  ? -2.041  -11.911 -3.773  1.00 16.54 ? 67  ARG A NE  1 
ATOM   114 C CZ  . ARG A 1 15  ? -3.156  -11.195 -3.882  1.00 15.79 ? 67  ARG A CZ  1 
ATOM   115 N NH1 . ARG A 1 15  ? -3.226  -10.181 -4.736  1.00 16.03 ? 67  ARG A NH1 1 
ATOM   116 N NH2 . ARG A 1 15  ? -4.213  -11.510 -3.146  1.00 15.24 ? 67  ARG A NH2 1 
ATOM   117 N N   . ALA A 1 16  ? 3.558   -12.606 -2.863  1.00 11.37 ? 68  ALA A N   1 
ATOM   118 C CA  . ALA A 1 16  ? 3.819   -13.517 -1.751  1.00 10.89 ? 68  ALA A CA  1 
ATOM   119 C C   . ALA A 1 16  ? 4.907   -12.968 -0.835  1.00 10.57 ? 68  ALA A C   1 
ATOM   120 O O   . ALA A 1 16  ? 4.843   -13.126 0.385   1.00 11.41 ? 68  ALA A O   1 
ATOM   121 C CB  . ALA A 1 16  ? 4.223   -14.895 -2.281  1.00 10.65 ? 68  ALA A CB  1 
ATOM   122 N N   . LYS A 1 17  ? 5.906   -12.319 -1.429  1.00 10.60 ? 69  LYS A N   1 
ATOM   123 C CA  . LYS A 1 17  ? 6.994   -11.743 -0.650  1.00 12.03 ? 69  LYS A CA  1 
ATOM   124 C C   . LYS A 1 17  ? 6.471   -10.605 0.224   1.00 10.78 ? 69  LYS A C   1 
ATOM   125 O O   . LYS A 1 17  ? 6.920   -10.423 1.357   1.00 11.67 ? 69  LYS A O   1 
ATOM   126 C CB  . LYS A 1 17  ? 8.088   -11.224 -1.582  1.00 12.97 ? 69  LYS A CB  1 
ATOM   127 C CG  . LYS A 1 17  ? 9.271   -10.600 -0.862  1.00 17.25 ? 69  LYS A CG  1 
ATOM   128 C CD  . LYS A 1 17  ? 9.944   -11.591 0.081   1.00 21.30 ? 69  LYS A CD  1 
ATOM   129 C CE  . LYS A 1 17  ? 10.465  -12.812 -0.667  1.00 21.75 ? 69  LYS A CE  1 
ATOM   130 N NZ  . LYS A 1 17  ? 11.271  -13.701 0.214   1.00 28.09 ? 69  LYS A NZ  1 
ATOM   131 N N   . ALA A 1 18  ? 5.528   -9.832  -0.304  1.00 11.80 ? 70  ALA A N   1 
ATOM   132 C CA  . ALA A 1 18  ? 4.949   -8.731  0.460   1.00 11.34 ? 70  ALA A CA  1 
ATOM   133 C C   . ALA A 1 18  ? 4.218   -9.312  1.668   1.00 11.67 ? 70  ALA A C   1 
ATOM   134 O O   . ALA A 1 18  ? 4.278   -8.762  2.769   1.00 13.14 ? 70  ALA A O   1 
ATOM   135 C CB  . ALA A 1 18  ? 3.981   -7.933  -0.408  1.00 13.37 ? 70  ALA A CB  1 
ATOM   136 N N   . GLU A 1 19  ? 3.531   -10.433 1.463   1.00 11.98 ? 71  GLU A N   1 
ATOM   137 C CA  . GLU A 1 19  ? 2.808   -11.074 2.557   1.00 11.49 ? 71  GLU A CA  1 
ATOM   138 C C   . GLU A 1 19  ? 3.798   -11.599 3.591   1.00 12.85 ? 71  GLU A C   1 
ATOM   139 O O   . GLU A 1 19  ? 3.581   -11.461 4.793   1.00 13.42 ? 71  GLU A O   1 
ATOM   140 C CB  . GLU A 1 19  ? 1.943   -12.226 2.036   1.00 13.27 ? 71  GLU A CB  1 
ATOM   141 C CG  . GLU A 1 19  ? 0.926   -11.812 0.993   1.00 18.31 ? 71  GLU A CG  1 
ATOM   142 C CD  . GLU A 1 19  ? -0.170  -12.842 0.797   1.00 22.48 ? 71  GLU A CD  1 
ATOM   143 O OE1 . GLU A 1 19  ? 0.134   -14.055 0.801   1.00 26.97 ? 71  GLU A OE1 1 
ATOM   144 O OE2 . GLU A 1 19  ? -1.338  -12.439 0.625   1.00 23.14 ? 71  GLU A OE2 1 
ATOM   145 N N   . GLU A 1 20  ? 4.883   -12.206 3.119   1.00 11.89 ? 72  GLU A N   1 
ATOM   146 C CA  . GLU A 1 20  ? 5.905   -12.737 4.018   1.00 12.81 ? 72  GLU A CA  1 
ATOM   147 C C   . GLU A 1 20  ? 6.439   -11.619 4.909   1.00 13.41 ? 72  GLU A C   1 
ATOM   148 O O   . GLU A 1 20  ? 6.530   -11.763 6.129   1.00 12.60 ? 72  GLU A O   1 
ATOM   149 C CB  . GLU A 1 20  ? 7.068   -13.333 3.223   1.00 13.08 ? 72  GLU A CB  1 
ATOM   150 C CG  . GLU A 1 20  ? 8.175   -13.899 4.102   1.00 15.99 ? 72  GLU A CG  1 
ATOM   151 C CD  . GLU A 1 20  ? 9.418   -14.255 3.317   1.00 16.84 ? 72  GLU A CD  1 
ATOM   152 O OE1 . GLU A 1 20  ? 9.298   -14.542 2.107   1.00 17.76 ? 72  GLU A OE1 1 
ATOM   153 O OE2 . GLU A 1 20  ? 10.515  -14.259 3.913   1.00 18.72 ? 72  GLU A OE2 1 
ATOM   154 N N   . MET A 1 21  ? 6.779   -10.494 4.287   1.00 13.08 ? 73  MET A N   1 
ATOM   155 C CA  . MET A 1 21  ? 7.315   -9.352  5.016   1.00 14.27 ? 73  MET A CA  1 
ATOM   156 C C   . MET A 1 21  ? 6.334   -8.737  6.008   1.00 14.27 ? 73  MET A C   1 
ATOM   157 O O   . MET A 1 21  ? 6.647   -8.575  7.189   1.00 13.18 ? 73  MET A O   1 
ATOM   158 C CB  . MET A 1 21  ? 7.773   -8.281  4.027   1.00 16.99 ? 73  MET A CB  1 
ATOM   159 C CG  . MET A 1 21  ? 8.830   -8.768  3.060   1.00 25.48 ? 73  MET A CG  1 
ATOM   160 S SD  . MET A 1 21  ? 9.257   -7.525  1.834   1.00 33.32 ? 73  MET A SD  1 
ATOM   161 C CE  . MET A 1 21  ? 10.524  -6.650  2.713   1.00 33.07 ? 73  MET A CE  1 
ATOM   162 N N   . LEU A 1 22  ? 5.146   -8.391  5.526   1.00 12.92 ? 74  LEU A N   1 
ATOM   163 C CA  . LEU A 1 22  ? 4.140   -7.766  6.375   1.00 13.43 ? 74  LEU A CA  1 
ATOM   164 C C   . LEU A 1 22  ? 3.610   -8.666  7.490   1.00 13.82 ? 74  LEU A C   1 
ATOM   165 O O   . LEU A 1 22  ? 3.126   -8.175  8.515   1.00 14.28 ? 74  LEU A O   1 
ATOM   166 C CB  . LEU A 1 22  ? 2.992   -7.238  5.506   1.00 14.24 ? 74  LEU A CB  1 
ATOM   167 C CG  . LEU A 1 22  ? 3.431   -6.105  4.566   1.00 15.75 ? 74  LEU A CG  1 
ATOM   168 C CD1 . LEU A 1 22  ? 2.289   -5.711  3.634   1.00 16.74 ? 74  LEU A CD1 1 
ATOM   169 C CD2 . LEU A 1 22  ? 3.891   -4.907  5.392   1.00 14.62 ? 74  LEU A CD2 1 
ATOM   170 N N   . SER A 1 23  ? 3.703   -9.978  7.304   1.00 14.45 ? 75  SER A N   1 
ATOM   171 C CA  . SER A 1 23  ? 3.235   -10.904 8.330   1.00 15.65 ? 75  SER A CA  1 
ATOM   172 C C   . SER A 1 23  ? 4.046   -10.719 9.609   1.00 15.72 ? 75  SER A C   1 
ATOM   173 O O   . SER A 1 23  ? 3.528   -10.907 10.714  1.00 15.27 ? 75  SER A O   1 
ATOM   174 C CB  . SER A 1 23  ? 3.365   -12.354 7.852   1.00 17.25 ? 75  SER A CB  1 
ATOM   175 O OG  . SER A 1 23  ? 2.448   -12.631 6.805   1.00 23.77 ? 75  SER A OG  1 
ATOM   176 N N   . LYS A 1 24  ? 5.312   -10.340 9.448   1.00 14.90 ? 76  LYS A N   1 
ATOM   177 C CA  . LYS A 1 24  ? 6.220   -10.136 10.575  1.00 14.96 ? 76  LYS A CA  1 
ATOM   178 C C   . LYS A 1 24  ? 6.047   -8.788  11.270  1.00 14.66 ? 76  LYS A C   1 
ATOM   179 O O   . LYS A 1 24  ? 6.584   -8.573  12.355  1.00 15.55 ? 76  LYS A O   1 
ATOM   180 C CB  . LYS A 1 24  ? 7.667   -10.289 10.102  1.00 14.42 ? 76  LYS A CB  1 
ATOM   181 C CG  . LYS A 1 24  ? 7.989   -11.689 9.602   1.00 16.35 ? 76  LYS A CG  1 
ATOM   182 C CD  . LYS A 1 24  ? 9.449   -11.835 9.210   1.00 15.83 ? 76  LYS A CD  1 
ATOM   183 C CE  . LYS A 1 24  ? 9.790   -11.003 7.989   1.00 19.10 ? 76  LYS A CE  1 
ATOM   184 N NZ  . LYS A 1 24  ? 11.151  -11.334 7.488   1.00 20.98 ? 76  LYS A NZ  1 
ATOM   185 N N   . GLN A 1 25  ? 5.309   -7.883  10.639  1.00 13.08 ? 77  GLN A N   1 
ATOM   186 C CA  . GLN A 1 25  ? 5.073   -6.571  11.223  1.00 12.67 ? 77  GLN A CA  1 
ATOM   187 C C   . GLN A 1 25  ? 4.094   -6.730  12.374  1.00 12.50 ? 77  GLN A C   1 
ATOM   188 O O   . GLN A 1 25  ? 3.164   -7.521  12.294  1.00 14.31 ? 77  GLN A O   1 
ATOM   189 C CB  . GLN A 1 25  ? 4.507   -5.623  10.166  1.00 13.42 ? 77  GLN A CB  1 
ATOM   190 C CG  . GLN A 1 25  ? 5.538   -5.198  9.133   1.00 10.99 ? 77  GLN A CG  1 
ATOM   191 C CD  . GLN A 1 25  ? 6.619   -4.326  9.737   1.00 15.02 ? 77  GLN A CD  1 
ATOM   192 O OE1 . GLN A 1 25  ? 6.331   -3.262  10.283  1.00 14.79 ? 77  GLN A OE1 1 
ATOM   193 N NE2 . GLN A 1 25  ? 7.871   -4.770  9.642   1.00 14.71 ? 77  GLN A NE2 1 
ATOM   194 N N   . ARG A 1 26  ? 4.309   -5.974  13.443  1.00 12.75 ? 78  ARG A N   1 
ATOM   195 C CA  . ARG A 1 26  ? 3.454   -6.058  14.620  1.00 13.93 ? 78  ARG A CA  1 
ATOM   196 C C   . ARG A 1 26  ? 2.152   -5.276  14.567  1.00 14.39 ? 78  ARG A C   1 
ATOM   197 O O   . ARG A 1 26  ? 1.140   -5.714  15.115  1.00 16.01 ? 78  ARG A O   1 
ATOM   198 C CB  . ARG A 1 26  ? 4.220   -5.586  15.856  1.00 12.81 ? 78  ARG A CB  1 
ATOM   199 C CG  . ARG A 1 26  ? 5.241   -6.559  16.391  1.00 12.19 ? 78  ARG A CG  1 
ATOM   200 C CD  . ARG A 1 26  ? 5.998   -5.913  17.538  1.00 10.30 ? 78  ARG A CD  1 
ATOM   201 N NE  . ARG A 1 26  ? 6.700   -6.890  18.362  1.00 11.16 ? 78  ARG A NE  1 
ATOM   202 C CZ  . ARG A 1 26  ? 7.398   -6.577  19.447  1.00 10.85 ? 78  ARG A CZ  1 
ATOM   203 N NH1 . ARG A 1 26  ? 7.496   -5.311  19.834  1.00 11.52 ? 78  ARG A NH1 1 
ATOM   204 N NH2 . ARG A 1 26  ? 7.973   -7.535  20.163  1.00 8.74  ? 78  ARG A NH2 1 
ATOM   205 N N   . HIS A 1 27  ? 2.166   -4.121  13.913  1.00 16.23 ? 79  HIS A N   1 
ATOM   206 C CA  . HIS A 1 27  ? 0.975   -3.282  13.905  1.00 16.21 ? 79  HIS A CA  1 
ATOM   207 C C   . HIS A 1 27  ? 0.152   -3.200  12.630  1.00 15.86 ? 79  HIS A C   1 
ATOM   208 O O   . HIS A 1 27  ? 0.686   -3.054  11.534  1.00 14.43 ? 79  HIS A O   1 
ATOM   209 C CB  . HIS A 1 27  ? 1.370   -1.882  14.371  1.00 18.73 ? 79  HIS A CB  1 
ATOM   210 C CG  . HIS A 1 27  ? 2.144   -1.885  15.655  1.00 20.26 ? 79  HIS A CG  1 
ATOM   211 N ND1 . HIS A 1 27  ? 3.522   -1.904  15.695  1.00 23.42 ? 79  HIS A ND1 1 
ATOM   212 C CD2 . HIS A 1 27  ? 1.731   -1.940  16.943  1.00 21.85 ? 79  HIS A CD2 1 
ATOM   213 C CE1 . HIS A 1 27  ? 3.924   -1.971  16.952  1.00 21.12 ? 79  HIS A CE1 1 
ATOM   214 N NE2 . HIS A 1 27  ? 2.857   -1.994  17.729  1.00 23.54 ? 79  HIS A NE2 1 
ATOM   215 N N   . ASP A 1 28  ? -1.166  -3.296  12.796  1.00 14.85 ? 80  ASP A N   1 
ATOM   216 C CA  . ASP A 1 28  ? -2.080  -3.216  11.667  1.00 14.13 ? 80  ASP A CA  1 
ATOM   217 C C   . ASP A 1 28  ? -1.888  -1.877  10.974  1.00 13.23 ? 80  ASP A C   1 
ATOM   218 O O   . ASP A 1 28  ? -1.707  -0.845  11.623  1.00 14.04 ? 80  ASP A O   1 
ATOM   219 C CB  . ASP A 1 28  ? -3.531  -3.367  12.135  1.00 16.16 ? 80  ASP A CB  1 
ATOM   220 C CG  . ASP A 1 28  ? -3.807  -4.734  12.741  1.00 18.82 ? 80  ASP A CG  1 
ATOM   221 O OD1 . ASP A 1 28  ? -3.097  -5.701  12.386  1.00 18.12 ? 80  ASP A OD1 1 
ATOM   222 O OD2 . ASP A 1 28  ? -4.745  -4.844  13.559  1.00 22.38 ? 80  ASP A OD2 1 
ATOM   223 N N   . GLY A 1 29  ? -1.926  -1.897  9.647   1.00 12.36 ? 81  GLY A N   1 
ATOM   224 C CA  . GLY A 1 29  ? -1.721  -0.674  8.896   1.00 10.71 ? 81  GLY A CA  1 
ATOM   225 C C   . GLY A 1 29  ? -0.342  -0.650  8.266   1.00 10.89 ? 81  GLY A C   1 
ATOM   226 O O   . GLY A 1 29  ? -0.107  0.120   7.340   1.00 10.65 ? 81  GLY A O   1 
ATOM   227 N N   . ALA A 1 30  ? 0.580   -1.470  8.772   1.00 9.27  ? 82  ALA A N   1 
ATOM   228 C CA  . ALA A 1 30  ? 1.931   -1.539  8.203   1.00 9.91  ? 82  ALA A CA  1 
ATOM   229 C C   . ALA A 1 30  ? 1.703   -1.888  6.735   1.00 9.37  ? 82  ALA A C   1 
ATOM   230 O O   . ALA A 1 30  ? 0.955   -2.814  6.431   1.00 10.25 ? 82  ALA A O   1 
ATOM   231 C CB  . ALA A 1 30  ? 2.746   -2.626  8.891   1.00 11.17 ? 82  ALA A CB  1 
ATOM   232 N N   . PHE A 1 31  ? 2.358   -1.166  5.831   1.00 8.44  ? 83  PHE A N   1 
ATOM   233 C CA  . PHE A 1 31  ? 2.115   -1.378  4.407   1.00 8.07  ? 83  PHE A CA  1 
ATOM   234 C C   . PHE A 1 31  ? 3.320   -1.158  3.516   1.00 8.88  ? 83  PHE A C   1 
ATOM   235 O O   . PHE A 1 31  ? 4.378   -0.714  3.955   1.00 9.29  ? 83  PHE A O   1 
ATOM   236 C CB  . PHE A 1 31  ? 1.047   -0.387  3.943   1.00 8.07  ? 83  PHE A CB  1 
ATOM   237 C CG  . PHE A 1 31  ? 1.570   1.024   3.809   1.00 9.52  ? 83  PHE A CG  1 
ATOM   238 C CD1 . PHE A 1 31  ? 1.918   1.539   2.561   1.00 9.51  ? 83  PHE A CD1 1 
ATOM   239 C CD2 . PHE A 1 31  ? 1.798   1.806   4.940   1.00 9.95  ? 83  PHE A CD2 1 
ATOM   240 C CE1 . PHE A 1 31  ? 2.492   2.810   2.445   1.00 10.27 ? 83  PHE A CE1 1 
ATOM   241 C CE2 . PHE A 1 31  ? 2.369   3.076   4.831   1.00 10.55 ? 83  PHE A CE2 1 
ATOM   242 C CZ  . PHE A 1 31  ? 2.717   3.578   3.581   1.00 9.54  ? 83  PHE A CZ  1 
ATOM   243 N N   . LEU A 1 32  ? 3.112   -1.446  2.237   1.00 9.16  ? 84  LEU A N   1 
ATOM   244 C CA  . LEU A 1 32  ? 4.118   -1.226  1.220   1.00 8.39  ? 84  LEU A CA  1 
ATOM   245 C C   . LEU A 1 32  ? 3.416   -1.100  -0.127  1.00 7.95  ? 84  LEU A C   1 
ATOM   246 O O   . LEU A 1 32  ? 2.305   -1.612  -0.318  1.00 8.11  ? 84  LEU A O   1 
ATOM   247 C CB  . LEU A 1 32  ? 5.137   -2.374  1.183   1.00 9.30  ? 84  LEU A CB  1 
ATOM   248 C CG  . LEU A 1 32  ? 4.709   -3.792  0.791   1.00 9.39  ? 84  LEU A CG  1 
ATOM   249 C CD1 . LEU A 1 32  ? 4.578   -3.919  -0.725  1.00 11.13 ? 84  LEU A CD1 1 
ATOM   250 C CD2 . LEU A 1 32  ? 5.760   -4.776  1.294   1.00 11.80 ? 84  LEU A CD2 1 
ATOM   251 N N   . ILE A 1 33  ? 4.053   -0.374  -1.036  1.00 8.56  ? 85  ILE A N   1 
ATOM   252 C CA  . ILE A 1 33  ? 3.552   -0.215  -2.395  1.00 9.65  ? 85  ILE A CA  1 
ATOM   253 C C   . ILE A 1 33  ? 4.505   -1.063  -3.224  1.00 9.59  ? 85  ILE A C   1 
ATOM   254 O O   . ILE A 1 33  ? 5.718   -1.010  -3.021  1.00 9.37  ? 85  ILE A O   1 
ATOM   255 C CB  . ILE A 1 33  ? 3.654   1.243   -2.884  1.00 10.52 ? 85  ILE A CB  1 
ATOM   256 C CG1 . ILE A 1 33  ? 2.578   2.105   -2.212  1.00 12.48 ? 85  ILE A CG1 1 
ATOM   257 C CG2 . ILE A 1 33  ? 3.511   1.287   -4.402  1.00 10.38 ? 85  ILE A CG2 1 
ATOM   258 C CD1 . ILE A 1 33  ? 1.170   1.788   -2.660  1.00 15.34 ? 85  ILE A CD1 1 
ATOM   259 N N   . ARG A 1 34  ? 3.959   -1.860  -4.135  1.00 9.21  ? 86  ARG A N   1 
ATOM   260 C CA  . ARG A 1 34  ? 4.786   -2.701  -4.987  1.00 8.59  ? 86  ARG A CA  1 
ATOM   261 C C   . ARG A 1 34  ? 4.319   -2.604  -6.428  1.00 10.12 ? 86  ARG A C   1 
ATOM   262 O O   . ARG A 1 34  ? 3.219   -2.125  -6.708  1.00 8.84  ? 86  ARG A O   1 
ATOM   263 C CB  . ARG A 1 34  ? 4.737   -4.160  -4.514  1.00 7.44  ? 86  ARG A CB  1 
ATOM   264 C CG  . ARG A 1 34  ? 3.340   -4.771  -4.474  1.00 7.31  ? 86  ARG A CG  1 
ATOM   265 C CD  . ARG A 1 34  ? 3.350   -6.144  -3.810  1.00 8.92  ? 86  ARG A CD  1 
ATOM   266 N NE  . ARG A 1 34  ? 1.994   -6.642  -3.601  1.00 9.71  ? 86  ARG A NE  1 
ATOM   267 C CZ  . ARG A 1 34  ? 1.239   -7.200  -4.540  1.00 9.80  ? 86  ARG A CZ  1 
ATOM   268 N NH1 . ARG A 1 34  ? 1.704   -7.356  -5.775  1.00 10.21 ? 86  ARG A NH1 1 
ATOM   269 N NH2 . ARG A 1 34  ? -0.001  -7.574  -4.251  1.00 9.30  ? 86  ARG A NH2 1 
ATOM   270 N N   . GLU A 1 35  ? 5.171   -3.035  -7.345  1.00 8.35  ? 87  GLU A N   1 
ATOM   271 C CA  . GLU A 1 35  ? 4.824   -3.008  -8.755  1.00 9.58  ? 87  GLU A CA  1 
ATOM   272 C C   . GLU A 1 35  ? 4.302   -4.392  -9.095  1.00 10.68 ? 87  GLU A C   1 
ATOM   273 O O   . GLU A 1 35  ? 5.028   -5.387  -9.007  1.00 11.43 ? 87  GLU A O   1 
ATOM   274 C CB  . GLU A 1 35  ? 6.052   -2.644  -9.582  1.00 9.15  ? 87  GLU A CB  1 
ATOM   275 C CG  . GLU A 1 35  ? 6.675   -1.342  -9.108  1.00 9.39  ? 87  GLU A CG  1 
ATOM   276 C CD  . GLU A 1 35  ? 7.671   -0.779  -10.082 1.00 10.83 ? 87  GLU A CD  1 
ATOM   277 O OE1 . GLU A 1 35  ? 7.243   -0.304  -11.154 1.00 10.48 ? 87  GLU A OE1 1 
ATOM   278 O OE2 . GLU A 1 35  ? 8.880   -0.813  -9.777  1.00 10.97 ? 87  GLU A OE2 1 
ATOM   279 N N   . SER A 1 36  ? 3.024   -4.443  -9.454  1.00 9.64  ? 88  SER A N   1 
ATOM   280 C CA  . SER A 1 36  ? 2.357   -5.695  -9.771  1.00 10.39 ? 88  SER A CA  1 
ATOM   281 C C   . SER A 1 36  ? 3.078   -6.527  -10.813 1.00 12.45 ? 88  SER A C   1 
ATOM   282 O O   . SER A 1 36  ? 3.597   -6.004  -11.797 1.00 11.28 ? 88  SER A O   1 
ATOM   283 C CB  . SER A 1 36  ? 0.931   -5.428  -10.254 1.00 9.23  ? 88  SER A CB  1 
ATOM   284 O OG  . SER A 1 36  ? 0.240   -6.648  -10.477 1.00 11.32 ? 88  SER A OG  1 
ATOM   285 N N   . GLU A 1 37  ? 3.099   -7.832  -10.581 1.00 11.91 ? 89  GLU A N   1 
ATOM   286 C CA  . GLU A 1 37  ? 3.720   -8.752  -11.514 1.00 13.84 ? 89  GLU A CA  1 
ATOM   287 C C   . GLU A 1 37  ? 2.651   -9.289  -12.462 1.00 14.99 ? 89  GLU A C   1 
ATOM   288 O O   . GLU A 1 37  ? 2.932   -9.572  -13.627 1.00 15.49 ? 89  GLU A O   1 
ATOM   289 C CB  . GLU A 1 37  ? 4.387   -9.901  -10.760 1.00 15.06 ? 89  GLU A CB  1 
ATOM   290 C CG  . GLU A 1 37  ? 5.599   -9.468  -9.963  1.00 15.71 ? 89  GLU A CG  1 
ATOM   291 C CD  . GLU A 1 37  ? 6.442   -10.638 -9.499  1.00 17.90 ? 89  GLU A CD  1 
ATOM   292 O OE1 . GLU A 1 37  ? 7.667   -10.593 -9.716  1.00 19.10 ? 89  GLU A OE1 1 
ATOM   293 O OE2 . GLU A 1 37  ? 5.889   -11.595 -8.914  1.00 16.21 ? 89  GLU A OE2 1 
ATOM   294 N N   . SER A 1 38  ? 1.422   -9.421  -11.965 1.00 14.73 ? 90  SER A N   1 
ATOM   295 C CA  . SER A 1 38  ? 0.324   -9.922  -12.792 1.00 14.74 ? 90  SER A CA  1 
ATOM   296 C C   . SER A 1 38  ? -0.193  -8.834  -13.734 1.00 16.02 ? 90  SER A C   1 
ATOM   297 O O   . SER A 1 38  ? -0.763  -9.130  -14.793 1.00 14.93 ? 90  SER A O   1 
ATOM   298 C CB  . SER A 1 38  ? -0.820  -10.443 -11.912 1.00 15.92 ? 90  SER A CB  1 
ATOM   299 O OG  . SER A 1 38  ? -1.394  -9.409  -11.137 1.00 15.65 ? 90  SER A OG  1 
ATOM   300 N N   . ALA A 1 39  ? 0.011   -7.579  -13.348 1.00 15.81 ? 91  ALA A N   1 
ATOM   301 C CA  . ALA A 1 39  ? -0.416  -6.444  -14.160 1.00 16.03 ? 91  ALA A CA  1 
ATOM   302 C C   . ALA A 1 39  ? 0.739   -5.461  -14.327 1.00 16.62 ? 91  ALA A C   1 
ATOM   303 O O   . ALA A 1 39  ? 0.807   -4.440  -13.641 1.00 14.91 ? 91  ALA A O   1 
ATOM   304 C CB  . ALA A 1 39  ? -1.609  -5.750  -13.506 1.00 17.96 ? 91  ALA A CB  1 
ATOM   305 N N   . PRO A 1 40  ? 1.676   -5.765  -15.239 1.00 17.12 ? 92  PRO A N   1 
ATOM   306 C CA  . PRO A 1 40  ? 2.831   -4.895  -15.486 1.00 16.14 ? 92  PRO A CA  1 
ATOM   307 C C   . PRO A 1 40  ? 2.399   -3.452  -15.731 1.00 15.25 ? 92  PRO A C   1 
ATOM   308 O O   . PRO A 1 40  ? 1.477   -3.195  -16.505 1.00 15.11 ? 92  PRO A O   1 
ATOM   309 C CB  . PRO A 1 40  ? 3.479   -5.527  -16.717 1.00 18.40 ? 92  PRO A CB  1 
ATOM   310 C CG  . PRO A 1 40  ? 3.161   -6.977  -16.549 1.00 19.79 ? 92  PRO A CG  1 
ATOM   311 C CD  . PRO A 1 40  ? 1.712   -6.946  -16.121 1.00 17.94 ? 92  PRO A CD  1 
ATOM   312 N N   . GLY A 1 41  ? 3.061   -2.516  -15.056 1.00 13.11 ? 93  GLY A N   1 
ATOM   313 C CA  . GLY A 1 41  ? 2.723   -1.115  -15.226 1.00 14.23 ? 93  GLY A CA  1 
ATOM   314 C C   . GLY A 1 41  ? 1.751   -0.603  -14.179 1.00 12.95 ? 93  GLY A C   1 
ATOM   315 O O   . GLY A 1 41  ? 1.515   0.601   -14.096 1.00 14.42 ? 93  GLY A O   1 
ATOM   316 N N   . ASP A 1 42  ? 1.178   -1.510  -13.391 1.00 11.87 ? 94  ASP A N   1 
ATOM   317 C CA  . ASP A 1 42  ? 0.239   -1.122  -12.341 1.00 12.29 ? 94  ASP A CA  1 
ATOM   318 C C   . ASP A 1 42  ? 0.847   -1.350  -10.964 1.00 11.30 ? 94  ASP A C   1 
ATOM   319 O O   . ASP A 1 42  ? 1.718   -2.205  -10.787 1.00 13.01 ? 94  ASP A O   1 
ATOM   320 C CB  . ASP A 1 42  ? -1.068  -1.921  -12.432 1.00 13.69 ? 94  ASP A CB  1 
ATOM   321 C CG  . ASP A 1 42  ? -1.867  -1.616  -13.684 1.00 19.53 ? 94  ASP A CG  1 
ATOM   322 O OD1 . ASP A 1 42  ? -1.700  -0.519  -14.255 1.00 20.67 ? 94  ASP A OD1 1 
ATOM   323 O OD2 . ASP A 1 42  ? -2.680  -2.475  -14.086 1.00 22.80 ? 94  ASP A OD2 1 
ATOM   324 N N   . PHE A 1 43  ? 0.376   -0.584  -9.987  1.00 9.52  ? 95  PHE A N   1 
ATOM   325 C CA  . PHE A 1 43  ? 0.865   -0.717  -8.626  1.00 9.41  ? 95  PHE A CA  1 
ATOM   326 C C   . PHE A 1 43  ? -0.167  -1.395  -7.740  1.00 8.06  ? 95  PHE A C   1 
ATOM   327 O O   . PHE A 1 43  ? -1.372  -1.342  -8.005  1.00 9.54  ? 95  PHE A O   1 
ATOM   328 C CB  . PHE A 1 43  ? 1.202   0.652   -8.037  1.00 8.02  ? 95  PHE A CB  1 
ATOM   329 C CG  . PHE A 1 43  ? 2.258   1.394   -8.800  1.00 8.52  ? 95  PHE A CG  1 
ATOM   330 C CD1 . PHE A 1 43  ? 1.912   2.254   -9.838  1.00 11.37 ? 95  PHE A CD1 1 
ATOM   331 C CD2 . PHE A 1 43  ? 3.604   1.216   -8.497  1.00 9.13  ? 95  PHE A CD2 1 
ATOM   332 C CE1 . PHE A 1 43  ? 2.895   2.924   -10.563 1.00 12.44 ? 95  PHE A CE1 1 
ATOM   333 C CE2 . PHE A 1 43  ? 4.593   1.881   -9.217  1.00 9.92  ? 95  PHE A CE2 1 
ATOM   334 C CZ  . PHE A 1 43  ? 4.239   2.734   -10.249 1.00 9.79  ? 95  PHE A CZ  1 
ATOM   335 N N   . SER A 1 44  ? 0.323   -2.040  -6.692  1.00 8.27  ? 96  SER A N   1 
ATOM   336 C CA  . SER A 1 44  ? -0.533  -2.716  -5.731  1.00 8.76  ? 96  SER A CA  1 
ATOM   337 C C   . SER A 1 44  ? -0.122  -2.266  -4.337  1.00 9.17  ? 96  SER A C   1 
ATOM   338 O O   . SER A 1 44  ? 1.049   -1.988  -4.078  1.00 8.60  ? 96  SER A O   1 
ATOM   339 C CB  . SER A 1 44  ? -0.387  -4.233  -5.850  1.00 10.50 ? 96  SER A CB  1 
ATOM   340 O OG  . SER A 1 44  ? -0.889  -4.699  -7.098  1.00 12.13 ? 96  SER A OG  1 
ATOM   341 N N   . LEU A 1 45  ? -1.101  -2.181  -3.450  1.00 8.99  ? 97  LEU A N   1 
ATOM   342 C CA  . LEU A 1 45  ? -0.858  -1.775  -2.076  1.00 9.13  ? 97  LEU A CA  1 
ATOM   343 C C   . LEU A 1 45  ? -1.141  -2.989  -1.203  1.00 9.61  ? 97  LEU A C   1 
ATOM   344 O O   . LEU A 1 45  ? -2.212  -3.582  -1.288  1.00 9.80  ? 97  LEU A O   1 
ATOM   345 C CB  . LEU A 1 45  ? -1.795  -0.620  -1.696  1.00 9.48  ? 97  LEU A CB  1 
ATOM   346 C CG  . LEU A 1 45  ? -1.909  -0.247  -0.215  1.00 10.48 ? 97  LEU A CG  1 
ATOM   347 C CD1 . LEU A 1 45  ? -0.594  0.325   0.296   1.00 11.69 ? 97  LEU A CD1 1 
ATOM   348 C CD2 . LEU A 1 45  ? -3.033  0.768   -0.043  1.00 10.50 ? 97  LEU A CD2 1 
ATOM   349 N N   . SER A 1 46  ? -0.170  -3.368  -0.379  1.00 8.90  ? 98  SER A N   1 
ATOM   350 C CA  . SER A 1 46  ? -0.332  -4.512  0.510   1.00 9.69  ? 98  SER A CA  1 
ATOM   351 C C   . SER A 1 46  ? -0.298  -3.970  1.931   1.00 9.99  ? 98  SER A C   1 
ATOM   352 O O   . SER A 1 46  ? 0.597   -3.203  2.287   1.00 10.59 ? 98  SER A O   1 
ATOM   353 C CB  . SER A 1 46  ? 0.794   -5.526  0.273   1.00 9.02  ? 98  SER A CB  1 
ATOM   354 O OG  . SER A 1 46  ? 0.710   -6.056  -1.041  1.00 9.61  ? 98  SER A OG  1 
ATOM   355 N N   . VAL A 1 47  ? -1.280  -4.370  2.736   1.00 8.75  ? 99  VAL A N   1 
ATOM   356 C CA  . VAL A 1 47  ? -1.408  -3.873  4.105   1.00 9.74  ? 99  VAL A CA  1 
ATOM   357 C C   . VAL A 1 47  ? -1.658  -4.969  5.133   1.00 10.94 ? 99  VAL A C   1 
ATOM   358 O O   . VAL A 1 47  ? -2.459  -5.874  4.909   1.00 10.87 ? 99  VAL A O   1 
ATOM   359 C CB  . VAL A 1 47  ? -2.582  -2.870  4.197   1.00 11.40 ? 99  VAL A CB  1 
ATOM   360 C CG1 . VAL A 1 47  ? -2.572  -2.168  5.546   1.00 9.86  ? 99  VAL A CG1 1 
ATOM   361 C CG2 . VAL A 1 47  ? -2.504  -1.863  3.056   1.00 11.77 ? 99  VAL A CG2 1 
ATOM   362 N N   . LYS A 1 48  ? -0.987  -4.873  6.276   1.00 11.99 ? 100 LYS A N   1 
ATOM   363 C CA  . LYS A 1 48  ? -1.182  -5.861  7.332   1.00 12.98 ? 100 LYS A CA  1 
ATOM   364 C C   . LYS A 1 48  ? -2.415  -5.553  8.175   1.00 14.76 ? 100 LYS A C   1 
ATOM   365 O O   . LYS A 1 48  ? -2.702  -4.398  8.484   1.00 13.97 ? 100 LYS A O   1 
ATOM   366 C CB  . LYS A 1 48  ? 0.015   -5.907  8.280   1.00 12.96 ? 100 LYS A CB  1 
ATOM   367 C CG  . LYS A 1 48  ? -0.225  -6.845  9.464   1.00 15.94 ? 100 LYS A CG  1 
ATOM   368 C CD  . LYS A 1 48  ? 0.620   -6.500  10.669  1.00 18.67 ? 100 LYS A CD  1 
ATOM   369 C CE  . LYS A 1 48  ? 0.351   -7.485  11.800  1.00 19.16 ? 100 LYS A CE  1 
ATOM   370 N NZ  . LYS A 1 48  ? 0.696   -8.876  11.389  1.00 22.72 ? 100 LYS A NZ  1 
ATOM   371 N N   . PHE A 1 49  ? -3.143  -6.601  8.538   1.00 18.46 ? 101 PHE A N   1 
ATOM   372 C CA  . PHE A 1 49  ? -4.303  -6.462  9.404   1.00 20.95 ? 101 PHE A CA  1 
ATOM   373 C C   . PHE A 1 49  ? -4.570  -7.798  10.077  1.00 21.75 ? 101 PHE A C   1 
ATOM   374 O O   . PHE A 1 49  ? -5.003  -8.755  9.435   1.00 21.67 ? 101 PHE A O   1 
ATOM   375 C CB  . PHE A 1 49  ? -5.547  -6.008  8.643   1.00 23.18 ? 101 PHE A CB  1 
ATOM   376 C CG  . PHE A 1 49  ? -6.745  -5.819  9.535   1.00 26.31 ? 101 PHE A CG  1 
ATOM   377 C CD1 . PHE A 1 49  ? -7.713  -6.814  9.652   1.00 28.00 ? 101 PHE A CD1 1 
ATOM   378 C CD2 . PHE A 1 49  ? -6.870  -4.670  10.313  1.00 27.15 ? 101 PHE A CD2 1 
ATOM   379 C CE1 . PHE A 1 49  ? -8.789  -6.668  10.533  1.00 28.93 ? 101 PHE A CE1 1 
ATOM   380 C CE2 . PHE A 1 49  ? -7.939  -4.514  11.195  1.00 29.44 ? 101 PHE A CE2 1 
ATOM   381 C CZ  . PHE A 1 49  ? -8.901  -5.516  11.307  1.00 28.91 ? 101 PHE A CZ  1 
ATOM   382 N N   . GLY A 1 50  ? -4.296  -7.855  11.375  1.00 22.75 ? 102 GLY A N   1 
ATOM   383 C CA  . GLY A 1 50  ? -4.500  -9.083  12.112  1.00 23.10 ? 102 GLY A CA  1 
ATOM   384 C C   . GLY A 1 50  ? -3.566  -10.161 11.606  1.00 24.85 ? 102 GLY A C   1 
ATOM   385 O O   . GLY A 1 50  ? -2.381  -9.910  11.369  1.00 26.24 ? 102 GLY A O   1 
ATOM   386 N N   . ASN A 1 51  ? -4.101  -11.362 11.425  1.00 24.47 ? 103 ASN A N   1 
ATOM   387 C CA  . ASN A 1 51  ? -3.305  -12.484 10.948  0.50 24.78 ? 103 ASN A CA  1 
ATOM   388 C C   . ASN A 1 51  ? -3.362  -12.587 9.431   1.00 23.91 ? 103 ASN A C   1 
ATOM   389 O O   . ASN A 1 51  ? -3.153  -13.660 8.868   1.00 24.75 ? 103 ASN A O   1 
ATOM   390 C CB  . ASN A 1 51  ? -3.814  -13.787 11.567  0.50 26.00 ? 103 ASN A CB  1 
ATOM   391 C CG  . ASN A 1 51  ? -3.887  -13.724 13.079  0.50 27.45 ? 103 ASN A CG  1 
ATOM   392 O OD1 . ASN A 1 51  ? -2.880  -13.501 13.753  0.50 29.24 ? 103 ASN A OD1 1 
ATOM   393 N ND2 . ASN A 1 51  ? -5.082  -13.922 13.622  0.50 28.31 ? 103 ASN A ND2 1 
ATOM   394 N N   . ASP A 1 52  ? -3.635  -11.471 8.764   1.00 21.48 ? 104 ASP A N   1 
ATOM   395 C CA  . ASP A 1 52  ? -3.720  -11.488 7.310   1.00 21.39 ? 104 ASP A CA  1 
ATOM   396 C C   . ASP A 1 52  ? -3.077  -10.262 6.674   1.00 18.16 ? 104 ASP A C   1 
ATOM   397 O O   . ASP A 1 52  ? -2.743  -9.294  7.354   1.00 16.50 ? 104 ASP A O   1 
ATOM   398 C CB  . ASP A 1 52  ? -5.189  -11.587 6.888   1.00 25.62 ? 104 ASP A CB  1 
ATOM   399 C CG  . ASP A 1 52  ? -5.363  -11.719 5.388   1.00 29.70 ? 104 ASP A CG  1 
ATOM   400 O OD1 . ASP A 1 52  ? -4.761  -12.640 4.792   1.00 32.95 ? 104 ASP A OD1 1 
ATOM   401 O OD2 . ASP A 1 52  ? -6.108  -10.902 4.803   0.50 31.40 ? 104 ASP A OD2 1 
ATOM   402 N N   . VAL A 1 53  ? -2.889  -10.327 5.362   1.00 16.06 ? 105 VAL A N   1 
ATOM   403 C CA  . VAL A 1 53  ? -2.321  -9.221  4.603   1.00 16.56 ? 105 VAL A CA  1 
ATOM   404 C C   . VAL A 1 53  ? -3.296  -8.951  3.464   1.00 16.31 ? 105 VAL A C   1 
ATOM   405 O O   . VAL A 1 53  ? -3.544  -9.827  2.634   1.00 19.68 ? 105 VAL A O   1 
ATOM   406 C CB  . VAL A 1 53  ? -0.925  -9.574  4.035   1.00 14.95 ? 105 VAL A CB  1 
ATOM   407 C CG1 . VAL A 1 53  ? -0.413  -8.441  3.152   1.00 15.46 ? 105 VAL A CG1 1 
ATOM   408 C CG2 . VAL A 1 53  ? 0.050   -9.820  5.179   1.00 15.82 ? 105 VAL A CG2 1 
ATOM   409 N N   . GLN A 1 54  ? -3.863  -7.749  3.448   1.00 15.50 ? 106 GLN A N   1 
ATOM   410 C CA  . GLN A 1 54  ? -4.829  -7.355  2.426   1.00 15.96 ? 106 GLN A CA  1 
ATOM   411 C C   . GLN A 1 54  ? -4.131  -6.683  1.242   1.00 14.35 ? 106 GLN A C   1 
ATOM   412 O O   . GLN A 1 54  ? -3.191  -5.909  1.424   1.00 13.80 ? 106 GLN A O   1 
ATOM   413 C CB  . GLN A 1 54  ? -5.870  -6.392  3.025   1.00 19.45 ? 106 GLN A CB  1 
ATOM   414 C CG  . GLN A 1 54  ? -6.655  -6.962  4.213   1.00 22.73 ? 106 GLN A CG  1 
ATOM   415 C CD  . GLN A 1 54  ? -7.730  -6.014  4.743   1.00 26.52 ? 106 GLN A CD  1 
ATOM   416 O OE1 . GLN A 1 54  ? -8.401  -6.312  5.737   1.00 29.23 ? 106 GLN A OE1 1 
ATOM   417 N NE2 . GLN A 1 54  ? -7.898  -4.874  4.083   1.00 24.87 ? 106 GLN A NE2 1 
ATOM   418 N N   . HIS A 1 55  ? -4.599  -6.978  0.033   1.00 11.79 ? 107 HIS A N   1 
ATOM   419 C CA  . HIS A 1 55  ? -4.020  -6.391  -1.172  1.00 11.05 ? 107 HIS A CA  1 
ATOM   420 C C   . HIS A 1 55  ? -5.035  -5.524  -1.912  1.00 11.79 ? 107 HIS A C   1 
ATOM   421 O O   . HIS A 1 55  ? -6.181  -5.931  -2.118  1.00 11.29 ? 107 HIS A O   1 
ATOM   422 C CB  . HIS A 1 55  ? -3.523  -7.493  -2.109  1.00 12.03 ? 107 HIS A CB  1 
ATOM   423 C CG  . HIS A 1 55  ? -2.500  -8.393  -1.493  1.00 12.17 ? 107 HIS A CG  1 
ATOM   424 N ND1 . HIS A 1 55  ? -1.186  -8.016  -1.320  1.00 11.67 ? 107 HIS A ND1 1 
ATOM   425 C CD2 . HIS A 1 55  ? -2.600  -9.650  -0.999  1.00 13.38 ? 107 HIS A CD2 1 
ATOM   426 C CE1 . HIS A 1 55  ? -0.518  -9.002  -0.747  1.00 11.26 ? 107 HIS A CE1 1 
ATOM   427 N NE2 . HIS A 1 55  ? -1.353  -10.006 -0.542  1.00 13.85 ? 107 HIS A NE2 1 
ATOM   428 N N   . PHE A 1 56  ? -4.602  -4.332  -2.314  1.00 10.65 ? 108 PHE A N   1 
ATOM   429 C CA  . PHE A 1 56  ? -5.450  -3.399  -3.048  1.00 10.01 ? 108 PHE A CA  1 
ATOM   430 C C   . PHE A 1 56  ? -4.806  -3.036  -4.384  1.00 10.69 ? 108 PHE A C   1 
ATOM   431 O O   . PHE A 1 56  ? -3.585  -2.941  -4.488  1.00 10.91 ? 108 PHE A O   1 
ATOM   432 C CB  . PHE A 1 56  ? -5.636  -2.085  -2.280  1.00 9.56  ? 108 PHE A CB  1 
ATOM   433 C CG  . PHE A 1 56  ? -6.288  -2.233  -0.936  1.00 10.89 ? 108 PHE A CG  1 
ATOM   434 C CD1 . PHE A 1 56  ? -5.588  -2.768  0.140   1.00 12.04 ? 108 PHE A CD1 1 
ATOM   435 C CD2 . PHE A 1 56  ? -7.598  -1.805  -0.740  1.00 11.21 ? 108 PHE A CD2 1 
ATOM   436 C CE1 . PHE A 1 56  ? -6.186  -2.871  1.400   1.00 13.20 ? 108 PHE A CE1 1 
ATOM   437 C CE2 . PHE A 1 56  ? -8.205  -1.906  0.510   1.00 12.49 ? 108 PHE A CE2 1 
ATOM   438 C CZ  . PHE A 1 56  ? -7.500  -2.438  1.582   1.00 11.30 ? 108 PHE A CZ  1 
ATOM   439 N N   . LYS A 1 57  ? -5.632  -2.830  -5.404  1.00 10.70 ? 109 LYS A N   1 
ATOM   440 C CA  . LYS A 1 57  ? -5.121  -2.413  -6.701  1.00 11.57 ? 109 LYS A CA  1 
ATOM   441 C C   . LYS A 1 57  ? -5.056  -0.894  -6.645  1.00 12.05 ? 109 LYS A C   1 
ATOM   442 O O   . LYS A 1 57  ? -5.994  -0.260  -6.165  1.00 12.36 ? 109 LYS A O   1 
ATOM   443 C CB  . LYS A 1 57  ? -6.095  -2.769  -7.833  1.00 13.77 ? 109 LYS A CB  1 
ATOM   444 C CG  . LYS A 1 57  ? -6.374  -4.231  -8.052  1.00 17.68 ? 109 LYS A CG  1 
ATOM   445 C CD  . LYS A 1 57  ? -7.399  -4.414  -9.177  1.00 16.74 ? 109 LYS A CD  1 
ATOM   446 C CE  . LYS A 1 57  ? -8.771  -3.869  -8.788  1.00 18.09 ? 109 LYS A CE  1 
ATOM   447 N NZ  . LYS A 1 57  ? -9.788  -4.029  -9.875  1.00 18.96 ? 109 LYS A NZ  1 
ATOM   448 N N   . VAL A 1 58  ? -3.960  -0.302  -7.101  1.00 11.20 ? 110 VAL A N   1 
ATOM   449 C CA  . VAL A 1 58  ? -3.911  1.153   -7.151  1.00 10.78 ? 110 VAL A CA  1 
ATOM   450 C C   . VAL A 1 58  ? -4.530  1.458   -8.511  1.00 11.62 ? 110 VAL A C   1 
ATOM   451 O O   . VAL A 1 58  ? -3.961  1.131   -9.551  1.00 11.00 ? 110 VAL A O   1 
ATOM   452 C CB  . VAL A 1 58  ? -2.471  1.701   -7.086  1.00 11.21 ? 110 VAL A CB  1 
ATOM   453 C CG1 . VAL A 1 58  ? -2.479  3.219   -7.293  1.00 8.64  ? 110 VAL A CG1 1 
ATOM   454 C CG2 . VAL A 1 58  ? -1.863  1.370   -5.729  1.00 9.90  ? 110 VAL A CG2 1 
ATOM   455 N N   . LEU A 1 59  ? -5.717  2.050   -8.501  1.00 10.72 ? 111 LEU A N   1 
ATOM   456 C CA  . LEU A 1 59  ? -6.419  2.356   -9.740  1.00 12.79 ? 111 LEU A CA  1 
ATOM   457 C C   . LEU A 1 59  ? -6.042  3.716   -10.309 1.00 11.75 ? 111 LEU A C   1 
ATOM   458 O O   . LEU A 1 59  ? -5.549  4.581   -9.590  1.00 11.42 ? 111 LEU A O   1 
ATOM   459 C CB  . LEU A 1 59  ? -7.929  2.287   -9.496  1.00 12.79 ? 111 LEU A CB  1 
ATOM   460 C CG  . LEU A 1 59  ? -8.405  0.955   -8.903  1.00 14.49 ? 111 LEU A CG  1 
ATOM   461 C CD1 . LEU A 1 59  ? -9.855  1.074   -8.456  1.00 16.13 ? 111 LEU A CD1 1 
ATOM   462 C CD2 . LEU A 1 59  ? -8.237  -0.155  -9.933  1.00 16.08 ? 111 LEU A CD2 1 
ATOM   463 N N   . ARG A 1 60  ? -6.262  3.887   -11.611 1.00 12.94 ? 112 ARG A N   1 
ATOM   464 C CA  . ARG A 1 60  ? -5.966  5.149   -12.286 1.00 12.89 ? 112 ARG A CA  1 
ATOM   465 C C   . ARG A 1 60  ? -7.203  5.641   -13.028 1.00 14.57 ? 112 ARG A C   1 
ATOM   466 O O   . ARG A 1 60  ? -7.960  4.837   -13.578 1.00 14.44 ? 112 ARG A O   1 
ATOM   467 C CB  . ARG A 1 60  ? -4.846  4.981   -13.318 1.00 15.26 ? 112 ARG A CB  1 
ATOM   468 C CG  . ARG A 1 60  ? -3.454  4.680   -12.778 1.00 17.60 ? 112 ARG A CG  1 
ATOM   469 C CD  . ARG A 1 60  ? -2.446  4.801   -13.927 1.00 22.52 ? 112 ARG A CD  1 
ATOM   470 N NE  . ARG A 1 60  ? -1.080  4.429   -13.564 1.00 26.01 ? 112 ARG A NE  1 
ATOM   471 C CZ  . ARG A 1 60  ? -0.640  3.176   -13.476 1.00 28.14 ? 112 ARG A CZ  1 
ATOM   472 N NH1 . ARG A 1 60  ? -1.457  2.160   -13.723 1.00 26.94 ? 112 ARG A NH1 1 
ATOM   473 N NH2 . ARG A 1 60  ? 0.625   2.940   -13.151 1.00 29.08 ? 112 ARG A NH2 1 
ATOM   474 N N   . ASP A 1 61  ? -7.411  6.955   -13.041 1.00 14.32 ? 113 ASP A N   1 
ATOM   475 C CA  . ASP A 1 61  ? -8.544  7.503   -13.770 1.00 15.30 ? 113 ASP A CA  1 
ATOM   476 C C   . ASP A 1 61  ? -8.042  7.793   -15.185 1.00 17.22 ? 113 ASP A C   1 
ATOM   477 O O   . ASP A 1 61  ? -6.911  7.425   -15.533 1.00 14.92 ? 113 ASP A O   1 
ATOM   478 C CB  . ASP A 1 61  ? -9.089  8.773   -13.087 1.00 14.84 ? 113 ASP A CB  1 
ATOM   479 C CG  . ASP A 1 61  ? -8.175  9.981   -13.230 1.00 14.37 ? 113 ASP A CG  1 
ATOM   480 O OD1 . ASP A 1 61  ? -7.030  9.834   -13.697 1.00 15.22 ? 113 ASP A OD1 1 
ATOM   481 O OD2 . ASP A 1 61  ? -8.613  11.094  -12.862 1.00 17.03 ? 113 ASP A OD2 1 
ATOM   482 N N   . GLY A 1 62  ? -8.870  8.434   -16.001 1.00 17.35 ? 114 GLY A N   1 
ATOM   483 C CA  . GLY A 1 62  ? -8.476  8.728   -17.369 1.00 19.97 ? 114 GLY A CA  1 
ATOM   484 C C   . GLY A 1 62  ? -7.248  9.606   -17.542 1.00 20.91 ? 114 GLY A C   1 
ATOM   485 O O   . GLY A 1 62  ? -6.568  9.532   -18.570 1.00 22.26 ? 114 GLY A O   1 
ATOM   486 N N   . ALA A 1 63  ? -6.956  10.435  -16.545 1.00 20.26 ? 115 ALA A N   1 
ATOM   487 C CA  . ALA A 1 63  ? -5.812  11.338  -16.614 1.00 20.14 ? 115 ALA A CA  1 
ATOM   488 C C   . ALA A 1 63  ? -4.542  10.754  -16.001 1.00 19.98 ? 115 ALA A C   1 
ATOM   489 O O   . ALA A 1 63  ? -3.455  11.301  -16.173 1.00 21.17 ? 115 ALA A O   1 
ATOM   490 C CB  . ALA A 1 63  ? -6.159  12.659  -15.932 1.00 20.85 ? 115 ALA A CB  1 
ATOM   491 N N   . GLY A 1 64  ? -4.678  9.645   -15.285 1.00 18.14 ? 116 GLY A N   1 
ATOM   492 C CA  . GLY A 1 64  ? -3.515  9.030   -14.673 1.00 18.32 ? 116 GLY A CA  1 
ATOM   493 C C   . GLY A 1 64  ? -3.441  9.230   -13.173 1.00 17.73 ? 116 GLY A C   1 
ATOM   494 O O   . GLY A 1 64  ? -2.458  8.838   -12.541 1.00 19.34 ? 116 GLY A O   1 
ATOM   495 N N   . LYS A 1 65  ? -4.469  9.845   -12.595 1.00 15.50 ? 117 LYS A N   1 
ATOM   496 C CA  . LYS A 1 65  ? -4.492  10.064  -11.153 1.00 14.92 ? 117 LYS A CA  1 
ATOM   497 C C   . LYS A 1 65  ? -4.723  8.726   -10.465 1.00 13.95 ? 117 LYS A C   1 
ATOM   498 O O   . LYS A 1 65  ? -5.388  7.849   -11.016 1.00 14.39 ? 117 LYS A O   1 
ATOM   499 C CB  . LYS A 1 65  ? -5.597  11.055  -10.779 1.00 18.16 ? 117 LYS A CB  1 
ATOM   500 C CG  . LYS A 1 65  ? -5.378  12.447  -11.354 1.00 22.08 ? 117 LYS A CG  1 
ATOM   501 C CD  . LYS A 1 65  ? -6.441  13.419  -10.872 1.00 26.40 ? 117 LYS A CD  1 
ATOM   502 C CE  . LYS A 1 65  ? -6.297  14.771  -11.549 1.00 29.63 ? 117 LYS A CE  1 
ATOM   503 N NZ  . LYS A 1 65  ? -4.968  15.382  -11.291 1.00 33.55 ? 117 LYS A NZ  1 
ATOM   504 N N   . TYR A 1 66  ? -4.184  8.580   -9.257  1.00 10.85 ? 118 TYR A N   1 
ATOM   505 C CA  . TYR A 1 66  ? -4.297  7.335   -8.502  1.00 11.45 ? 118 TYR A CA  1 
ATOM   506 C C   . TYR A 1 66  ? -5.370  7.331   -7.423  1.00 10.83 ? 118 TYR A C   1 
ATOM   507 O O   . TYR A 1 66  ? -5.608  8.346   -6.768  1.00 11.94 ? 118 TYR A O   1 
ATOM   508 C CB  . TYR A 1 66  ? -2.967  7.014   -7.826  1.00 11.08 ? 118 TYR A CB  1 
ATOM   509 C CG  . TYR A 1 66  ? -1.759  7.057   -8.731  1.00 12.21 ? 118 TYR A CG  1 
ATOM   510 C CD1 . TYR A 1 66  ? -1.004  8.221   -8.862  1.00 12.70 ? 118 TYR A CD1 1 
ATOM   511 C CD2 . TYR A 1 66  ? -1.336  5.915   -9.413  1.00 13.36 ? 118 TYR A CD2 1 
ATOM   512 C CE1 . TYR A 1 66  ? 0.153   8.244   -9.644  1.00 13.54 ? 118 TYR A CE1 1 
ATOM   513 C CE2 . TYR A 1 66  ? -0.184  5.928   -10.198 1.00 12.62 ? 118 TYR A CE2 1 
ATOM   514 C CZ  . TYR A 1 66  ? 0.556   7.094   -10.305 1.00 13.45 ? 118 TYR A CZ  1 
ATOM   515 O OH  . TYR A 1 66  ? 1.707   7.110   -11.062 1.00 14.18 ? 118 TYR A OH  1 
ATOM   516 N N   . PHE A 1 67  ? -5.992  6.174   -7.215  1.00 10.76 ? 119 PHE A N   1 
ATOM   517 C CA  . PHE A 1 67  ? -7.012  6.052   -6.183  1.00 10.87 ? 119 PHE A CA  1 
ATOM   518 C C   . PHE A 1 67  ? -7.284  4.606   -5.788  1.00 10.64 ? 119 PHE A C   1 
ATOM   519 O O   . PHE A 1 67  ? -6.933  3.672   -6.510  1.00 10.81 ? 119 PHE A O   1 
ATOM   520 C CB  . PHE A 1 67  ? -8.317  6.733   -6.637  1.00 10.74 ? 119 PHE A CB  1 
ATOM   521 C CG  . PHE A 1 67  ? -9.058  6.001   -7.729  1.00 11.60 ? 119 PHE A CG  1 
ATOM   522 C CD1 . PHE A 1 67  ? -10.099 5.124   -7.416  1.00 12.47 ? 119 PHE A CD1 1 
ATOM   523 C CD2 . PHE A 1 67  ? -8.750  6.218   -9.070  1.00 11.44 ? 119 PHE A CD2 1 
ATOM   524 C CE1 . PHE A 1 67  ? -10.823 4.481   -8.418  1.00 11.23 ? 119 PHE A CE1 1 
ATOM   525 C CE2 . PHE A 1 67  ? -9.469  5.578   -10.083 1.00 10.55 ? 119 PHE A CE2 1 
ATOM   526 C CZ  . PHE A 1 67  ? -10.508 4.709   -9.755  1.00 11.74 ? 119 PHE A CZ  1 
ATOM   527 N N   . LEU A 1 68  ? -7.885  4.426   -4.617  1.00 10.87 ? 120 LEU A N   1 
ATOM   528 C CA  . LEU A 1 68  ? -8.239  3.094   -4.150  1.00 9.59  ? 120 LEU A CA  1 
ATOM   529 C C   . LEU A 1 68  ? -9.743  2.907   -4.299  1.00 10.61 ? 120 LEU A C   1 
ATOM   530 O O   . LEU A 1 68  ? -10.205 1.889   -4.820  1.00 11.05 ? 120 LEU A O   1 
ATOM   531 C CB  . LEU A 1 68  ? -7.860  2.903   -2.681  1.00 9.94  ? 120 LEU A CB  1 
ATOM   532 C CG  . LEU A 1 68  ? -6.380  2.969   -2.306  1.00 7.86  ? 120 LEU A CG  1 
ATOM   533 C CD1 . LEU A 1 68  ? -6.237  2.635   -0.832  1.00 9.74  ? 120 LEU A CD1 1 
ATOM   534 C CD2 . LEU A 1 68  ? -5.572  1.989   -3.159  1.00 9.29  ? 120 LEU A CD2 1 
ATOM   535 N N   . TRP A 1 69  ? -10.502 3.901   -3.847  1.00 11.19 ? 121 TRP A N   1 
ATOM   536 C CA  . TRP A 1 69  ? -11.956 3.830   -3.906  1.00 11.90 ? 121 TRP A CA  1 
ATOM   537 C C   . TRP A 1 69  ? -12.610 4.978   -4.669  1.00 12.12 ? 121 TRP A C   1 
ATOM   538 O O   . TRP A 1 69  ? -13.139 4.779   -5.763  1.00 13.14 ? 121 TRP A O   1 
ATOM   539 C CB  . TRP A 1 69  ? -12.533 3.784   -2.485  1.00 11.30 ? 121 TRP A CB  1 
ATOM   540 C CG  . TRP A 1 69  ? -12.059 2.616   -1.667  1.00 11.62 ? 121 TRP A CG  1 
ATOM   541 C CD1 . TRP A 1 69  ? -11.136 2.640   -0.657  1.00 11.83 ? 121 TRP A CD1 1 
ATOM   542 C CD2 . TRP A 1 69  ? -12.507 1.259   -1.768  1.00 12.08 ? 121 TRP A CD2 1 
ATOM   543 N NE1 . TRP A 1 69  ? -10.988 1.381   -0.120  1.00 13.10 ? 121 TRP A NE1 1 
ATOM   544 C CE2 . TRP A 1 69  ? -11.818 0.515   -0.783  1.00 13.29 ? 121 TRP A CE2 1 
ATOM   545 C CE3 . TRP A 1 69  ? -13.426 0.598   -2.595  1.00 12.15 ? 121 TRP A CE3 1 
ATOM   546 C CZ2 . TRP A 1 69  ? -12.024 -0.856  -0.601  1.00 13.05 ? 121 TRP A CZ2 1 
ATOM   547 C CZ3 . TRP A 1 69  ? -13.629 -0.768  -2.412  1.00 12.72 ? 121 TRP A CZ3 1 
ATOM   548 C CH2 . TRP A 1 69  ? -12.931 -1.477  -1.423  1.00 13.31 ? 121 TRP A CH2 1 
ATOM   549 N N   . VAL A 1 70  ? -12.568 6.174   -4.087  1.00 13.22 ? 122 VAL A N   1 
ATOM   550 C CA  . VAL A 1 70  ? -13.183 7.353   -4.696  1.00 13.66 ? 122 VAL A CA  1 
ATOM   551 C C   . VAL A 1 70  ? -12.255 8.566   -4.806  1.00 12.94 ? 122 VAL A C   1 
ATOM   552 O O   . VAL A 1 70  ? -12.154 9.175   -5.872  1.00 13.65 ? 122 VAL A O   1 
ATOM   553 C CB  . VAL A 1 70  ? -14.453 7.779   -3.907  1.00 14.27 ? 122 VAL A CB  1 
ATOM   554 C CG1 . VAL A 1 70  ? -15.088 9.005   -4.550  1.00 16.23 ? 122 VAL A CG1 1 
ATOM   555 C CG2 . VAL A 1 70  ? -15.452 6.626   -3.864  1.00 17.85 ? 122 VAL A CG2 1 
ATOM   556 N N   . VAL A 1 71  ? -11.584 8.923   -3.715  1.00 13.41 ? 123 VAL A N   1 
ATOM   557 C CA  . VAL A 1 71  ? -10.692 10.083  -3.728  1.00 13.41 ? 123 VAL A CA  1 
ATOM   558 C C   . VAL A 1 71  ? -9.404  9.760   -4.485  1.00 13.88 ? 123 VAL A C   1 
ATOM   559 O O   . VAL A 1 71  ? -8.744  8.760   -4.202  1.00 14.97 ? 123 VAL A O   1 
ATOM   560 C CB  . VAL A 1 71  ? -10.363 10.538  -2.289  1.00 13.55 ? 123 VAL A CB  1 
ATOM   561 C CG1 . VAL A 1 71  ? -9.489  11.781  -2.314  1.00 15.16 ? 123 VAL A CG1 1 
ATOM   562 C CG2 . VAL A 1 71  ? -11.658 10.824  -1.537  1.00 14.77 ? 123 VAL A CG2 1 
ATOM   563 N N   . LYS A 1 72  ? -9.052  10.603  -5.451  1.00 14.08 ? 124 LYS A N   1 
ATOM   564 C CA  . LYS A 1 72  ? -7.859  10.369  -6.258  1.00 13.62 ? 124 LYS A CA  1 
ATOM   565 C C   . LYS A 1 72  ? -6.789  11.439  -6.107  1.00 13.89 ? 124 LYS A C   1 
ATOM   566 O O   . LYS A 1 72  ? -7.076  12.582  -5.736  1.00 14.02 ? 124 LYS A O   1 
ATOM   567 C CB  . LYS A 1 72  ? -8.247  10.202  -7.729  1.00 14.45 ? 124 LYS A CB  1 
ATOM   568 C CG  . LYS A 1 72  ? -9.005  11.367  -8.306  1.00 12.46 ? 124 LYS A CG  1 
ATOM   569 C CD  . LYS A 1 72  ? -9.543  11.022  -9.684  1.00 11.62 ? 124 LYS A CD  1 
ATOM   570 C CE  . LYS A 1 72  ? -10.272 12.206  -10.298 1.00 10.23 ? 124 LYS A CE  1 
ATOM   571 N NZ  . LYS A 1 72  ? -10.900 11.867  -11.600 1.00 9.70  ? 124 LYS A NZ  1 
ATOM   572 N N   . PHE A 1 73  ? -5.549  11.068  -6.415  1.00 13.47 ? 125 PHE A N   1 
ATOM   573 C CA  . PHE A 1 73  ? -4.439  11.991  -6.235  1.00 13.39 ? 125 PHE A CA  1 
ATOM   574 C C   . PHE A 1 73  ? -3.463  12.064  -7.396  1.00 11.98 ? 125 PHE A C   1 
ATOM   575 O O   . PHE A 1 73  ? -3.417  11.181  -8.247  1.00 11.44 ? 125 PHE A O   1 
ATOM   576 C CB  . PHE A 1 73  ? -3.690  11.615  -4.957  1.00 16.56 ? 125 PHE A CB  1 
ATOM   577 C CG  . PHE A 1 73  ? -4.602  11.190  -3.838  1.00 19.90 ? 125 PHE A CG  1 
ATOM   578 C CD1 . PHE A 1 73  ? -5.142  9.907   -3.817  1.00 20.17 ? 125 PHE A CD1 1 
ATOM   579 C CD2 . PHE A 1 73  ? -4.971  12.088  -2.847  1.00 21.76 ? 125 PHE A CD2 1 
ATOM   580 C CE1 . PHE A 1 73  ? -6.040  9.525   -2.829  1.00 23.08 ? 125 PHE A CE1 1 
ATOM   581 C CE2 . PHE A 1 73  ? -5.873  11.716  -1.852  1.00 21.97 ? 125 PHE A CE2 1 
ATOM   582 C CZ  . PHE A 1 73  ? -6.407  10.432  -1.847  1.00 21.68 ? 125 PHE A CZ  1 
ATOM   583 N N   . ASN A 1 74  ? -2.674  13.133  -7.399  1.00 12.27 ? 126 ASN A N   1 
ATOM   584 C CA  . ASN A 1 74  ? -1.687  13.377  -8.437  1.00 13.04 ? 126 ASN A CA  1 
ATOM   585 C C   . ASN A 1 74  ? -0.453  12.497  -8.301  1.00 13.47 ? 126 ASN A C   1 
ATOM   586 O O   . ASN A 1 74  ? 0.410   12.504  -9.177  1.00 15.71 ? 126 ASN A O   1 
ATOM   587 C CB  . ASN A 1 74  ? -1.264  14.847  -8.409  1.00 14.32 ? 126 ASN A CB  1 
ATOM   588 C CG  . ASN A 1 74  ? -2.322  15.765  -8.979  1.00 18.71 ? 126 ASN A CG  1 
ATOM   589 O OD1 . ASN A 1 74  ? -3.495  15.406  -9.050  1.00 22.08 ? 126 ASN A OD1 1 
ATOM   590 N ND2 . ASN A 1 74  ? -1.913  16.964  -9.380  1.00 21.92 ? 126 ASN A ND2 1 
ATOM   591 N N   . SER A 1 75  ? -0.370  11.739  -7.213  1.00 11.42 ? 127 SER A N   1 
ATOM   592 C CA  . SER A 1 75  ? 0.783   10.875  -6.996  1.00 11.24 ? 127 SER A CA  1 
ATOM   593 C C   . SER A 1 75  ? 0.490   9.741   -6.026  1.00 10.03 ? 127 SER A C   1 
ATOM   594 O O   . SER A 1 75  ? -0.464  9.804   -5.252  1.00 9.70  ? 127 SER A O   1 
ATOM   595 C CB  . SER A 1 75  ? 1.947   11.697  -6.438  1.00 10.98 ? 127 SER A CB  1 
ATOM   596 O OG  . SER A 1 75  ? 1.605   12.236  -5.169  1.00 11.13 ? 127 SER A OG  1 
ATOM   597 N N   . LEU A 1 76  ? 1.320   8.705   -6.078  1.00 9.69  ? 128 LEU A N   1 
ATOM   598 C CA  . LEU A 1 76  ? 1.195   7.577   -5.164  1.00 9.13  ? 128 LEU A CA  1 
ATOM   599 C C   . LEU A 1 76  ? 1.489   8.140   -3.776  1.00 9.93  ? 128 LEU A C   1 
ATOM   600 O O   . LEU A 1 76  ? 0.867   7.766   -2.782  1.00 9.76  ? 128 LEU A O   1 
ATOM   601 C CB  . LEU A 1 76  ? 2.238   6.512   -5.496  1.00 10.17 ? 128 LEU A CB  1 
ATOM   602 C CG  . LEU A 1 76  ? 2.054   5.695   -6.775  1.00 8.98  ? 128 LEU A CG  1 
ATOM   603 C CD1 . LEU A 1 76  ? 3.339   4.936   -7.076  1.00 9.95  ? 128 LEU A CD1 1 
ATOM   604 C CD2 . LEU A 1 76  ? 0.885   4.737   -6.606  1.00 9.74  ? 128 LEU A CD2 1 
ATOM   605 N N   . ASN A 1 77  ? 2.451   9.056   -3.735  1.00 8.90  ? 129 ASN A N   1 
ATOM   606 C CA  . ASN A 1 77  ? 2.879   9.693   -2.498  1.00 8.89  ? 129 ASN A CA  1 
ATOM   607 C C   . ASN A 1 77  ? 1.688   10.317  -1.764  1.00 9.39  ? 129 ASN A C   1 
ATOM   608 O O   . ASN A 1 77  ? 1.516   10.112  -0.562  1.00 8.64  ? 129 ASN A O   1 
ATOM   609 C CB  . ASN A 1 77  ? 3.943   10.752  -2.834  1.00 9.16  ? 129 ASN A CB  1 
ATOM   610 C CG  . ASN A 1 77  ? 4.722   11.230  -1.621  1.00 10.77 ? 129 ASN A CG  1 
ATOM   611 O OD1 . ASN A 1 77  ? 5.767   11.866  -1.765  1.00 12.68 ? 129 ASN A OD1 1 
ATOM   612 N ND2 . ASN A 1 77  ? 4.218   10.940  -0.423  1.00 10.48 ? 129 ASN A ND2 1 
ATOM   613 N N   . GLU A 1 78  ? 0.862   11.063  -2.495  1.00 9.01  ? 130 GLU A N   1 
ATOM   614 C CA  . GLU A 1 78  ? -0.302  11.716  -1.895  1.00 11.18 ? 130 GLU A CA  1 
ATOM   615 C C   . GLU A 1 78  ? -1.392  10.714  -1.523  1.00 11.25 ? 130 GLU A C   1 
ATOM   616 O O   . GLU A 1 78  ? -2.066  10.881  -0.508  1.00 10.31 ? 130 GLU A O   1 
ATOM   617 C CB  . GLU A 1 78  ? -0.852  12.784  -2.846  1.00 9.84  ? 130 GLU A CB  1 
ATOM   618 C CG  . GLU A 1 78  ? 0.068   13.991  -2.990  1.00 13.36 ? 130 GLU A CG  1 
ATOM   619 C CD  . GLU A 1 78  ? -0.297  14.863  -4.173  1.00 16.53 ? 130 GLU A CD  1 
ATOM   620 O OE1 . GLU A 1 78  ? -0.996  15.881  -3.977  1.00 18.57 ? 130 GLU A OE1 1 
ATOM   621 O OE2 . GLU A 1 78  ? 0.112   14.524  -5.304  1.00 14.59 ? 130 GLU A OE2 1 
ATOM   622 N N   . LEU A 1 79  ? -1.562  9.678   -2.340  1.00 9.81  ? 131 LEU A N   1 
ATOM   623 C CA  . LEU A 1 79  ? -2.556  8.644   -2.063  1.00 9.03  ? 131 LEU A CA  1 
ATOM   624 C C   . LEU A 1 79  ? -2.192  7.984   -0.740  1.00 9.82  ? 131 LEU A C   1 
ATOM   625 O O   . LEU A 1 79  ? -3.032  7.809   0.140   1.00 10.06 ? 131 LEU A O   1 
ATOM   626 C CB  . LEU A 1 79  ? -2.560  7.592   -3.181  1.00 11.12 ? 131 LEU A CB  1 
ATOM   627 C CG  . LEU A 1 79  ? -3.538  6.414   -3.052  1.00 13.21 ? 131 LEU A CG  1 
ATOM   628 C CD1 . LEU A 1 79  ? -3.633  5.707   -4.383  1.00 11.41 ? 131 LEU A CD1 1 
ATOM   629 C CD2 . LEU A 1 79  ? -3.080  5.434   -1.978  1.00 16.90 ? 131 LEU A CD2 1 
ATOM   630 N N   . VAL A 1 80  ? -0.925  7.606   -0.613  1.00 9.34  ? 132 VAL A N   1 
ATOM   631 C CA  . VAL A 1 80  ? -0.439  6.981   0.605   1.00 8.87  ? 132 VAL A CA  1 
ATOM   632 C C   . VAL A 1 80  ? -0.672  7.879   1.816   1.00 10.15 ? 132 VAL A C   1 
ATOM   633 O O   . VAL A 1 80  ? -1.232  7.443   2.817   1.00 8.98  ? 132 VAL A O   1 
ATOM   634 C CB  . VAL A 1 80  ? 1.075   6.656   0.494   1.00 8.48  ? 132 VAL A CB  1 
ATOM   635 C CG1 . VAL A 1 80  ? 1.661   6.352   1.869   1.00 11.24 ? 132 VAL A CG1 1 
ATOM   636 C CG2 . VAL A 1 80  ? 1.273   5.475   -0.440  1.00 9.79  ? 132 VAL A CG2 1 
ATOM   637 N N   . ASP A 1 81  ? -0.261  9.140   1.726   1.00 9.59  ? 133 ASP A N   1 
ATOM   638 C CA  . ASP A 1 81  ? -0.433  10.035  2.863   1.00 10.52 ? 133 ASP A CA  1 
ATOM   639 C C   . ASP A 1 81  ? -1.887  10.264  3.247   1.00 10.47 ? 133 ASP A C   1 
ATOM   640 O O   . ASP A 1 81  ? -2.207  10.378  4.430   1.00 9.89  ? 133 ASP A O   1 
ATOM   641 C CB  . ASP A 1 81  ? 0.278   11.366  2.603   1.00 11.77 ? 133 ASP A CB  1 
ATOM   642 C CG  . ASP A 1 81  ? 1.791   11.214  2.602   1.00 13.42 ? 133 ASP A CG  1 
ATOM   643 O OD1 . ASP A 1 81  ? 2.285   10.181  3.106   1.00 14.86 ? 133 ASP A OD1 1 
ATOM   644 O OD2 . ASP A 1 81  ? 2.487   12.122  2.108   1.00 14.11 ? 133 ASP A OD2 1 
ATOM   645 N N   . TYR A 1 82  ? -2.770  10.319  2.255   1.00 9.17  ? 134 TYR A N   1 
ATOM   646 C CA  . TYR A 1 82  ? -4.192  10.516  2.524   1.00 10.22 ? 134 TYR A CA  1 
ATOM   647 C C   . TYR A 1 82  ? -4.734  9.348   3.338   1.00 9.61  ? 134 TYR A C   1 
ATOM   648 O O   . TYR A 1 82  ? -5.531  9.535   4.259   1.00 10.86 ? 134 TYR A O   1 
ATOM   649 C CB  . TYR A 1 82  ? -4.973  10.607  1.210   1.00 10.56 ? 134 TYR A CB  1 
ATOM   650 C CG  . TYR A 1 82  ? -6.480  10.668  1.384   1.00 13.47 ? 134 TYR A CG  1 
ATOM   651 C CD1 . TYR A 1 82  ? -7.114  11.856  1.743   1.00 13.51 ? 134 TYR A CD1 1 
ATOM   652 C CD2 . TYR A 1 82  ? -7.269  9.535   1.184   1.00 13.02 ? 134 TYR A CD2 1 
ATOM   653 C CE1 . TYR A 1 82  ? -8.503  11.915  1.895   1.00 16.59 ? 134 TYR A CE1 1 
ATOM   654 C CE2 . TYR A 1 82  ? -8.657  9.582   1.333   1.00 16.00 ? 134 TYR A CE2 1 
ATOM   655 C CZ  . TYR A 1 82  ? -9.264  10.775  1.688   1.00 16.05 ? 134 TYR A CZ  1 
ATOM   656 O OH  . TYR A 1 82  ? -10.633 10.822  1.832   1.00 18.18 ? 134 TYR A OH  1 
ATOM   657 N N   . HIS A 1 83  ? -4.294  8.139   2.999   1.00 9.29  ? 135 HIS A N   1 
ATOM   658 C CA  . HIS A 1 83  ? -4.780  6.958   3.686   1.00 8.99  ? 135 HIS A CA  1 
ATOM   659 C C   . HIS A 1 83  ? -4.122  6.642   5.024   1.00 8.60  ? 135 HIS A C   1 
ATOM   660 O O   . HIS A 1 83  ? -4.332  5.572   5.590   1.00 10.22 ? 135 HIS A O   1 
ATOM   661 C CB  . HIS A 1 83  ? -4.744  5.757   2.731   1.00 9.60  ? 135 HIS A CB  1 
ATOM   662 C CG  . HIS A 1 83  ? -5.838  5.793   1.708   1.00 10.49 ? 135 HIS A CG  1 
ATOM   663 N ND1 . HIS A 1 83  ? -7.168  5.659   2.041   1.00 11.48 ? 135 HIS A ND1 1 
ATOM   664 C CD2 . HIS A 1 83  ? -5.809  6.016   0.372   1.00 10.44 ? 135 HIS A CD2 1 
ATOM   665 C CE1 . HIS A 1 83  ? -7.912  5.797   0.957   1.00 11.71 ? 135 HIS A CE1 1 
ATOM   666 N NE2 . HIS A 1 83  ? -7.111  6.015   -0.070  1.00 11.10 ? 135 HIS A NE2 1 
ATOM   667 N N   . ARG A 1 84  ? -3.328  7.583   5.526   1.00 9.87  ? 136 ARG A N   1 
ATOM   668 C CA  . ARG A 1 84  ? -2.715  7.434   6.839   1.00 10.28 ? 136 ARG A CA  1 
ATOM   669 C C   . ARG A 1 84  ? -3.765  7.931   7.842   1.00 11.07 ? 136 ARG A C   1 
ATOM   670 O O   . ARG A 1 84  ? -3.700  7.611   9.025   1.00 10.45 ? 136 ARG A O   1 
ATOM   671 C CB  . ARG A 1 84  ? -1.453  8.293   6.961   1.00 10.29 ? 136 ARG A CB  1 
ATOM   672 C CG  . ARG A 1 84  ? -0.255  7.782   6.185   1.00 8.10  ? 136 ARG A CG  1 
ATOM   673 C CD  . ARG A 1 84  ? 0.881   8.788   6.261   1.00 10.14 ? 136 ARG A CD  1 
ATOM   674 N NE  . ARG A 1 84  ? 2.051   8.382   5.483   1.00 9.90  ? 136 ARG A NE  1 
ATOM   675 C CZ  . ARG A 1 84  ? 2.916   7.443   5.850   1.00 12.83 ? 136 ARG A CZ  1 
ATOM   676 N NH1 . ARG A 1 84  ? 2.759   6.787   6.997   1.00 12.05 ? 136 ARG A NH1 1 
ATOM   677 N NH2 . ARG A 1 84  ? 3.945   7.156   5.066   1.00 11.75 ? 136 ARG A NH2 1 
ATOM   678 N N   . SER A 1 85  ? -4.731  8.718   7.363   1.00 12.55 ? 137 SER A N   1 
ATOM   679 C CA  . SER A 1 85  ? -5.788  9.229   8.241   1.00 12.65 ? 137 SER A CA  1 
ATOM   680 C C   . SER A 1 85  ? -7.212  8.917   7.766   1.00 12.57 ? 137 SER A C   1 
ATOM   681 O O   . SER A 1 85  ? -8.186  9.314   8.408   1.00 13.48 ? 137 SER A O   1 
ATOM   682 C CB  . SER A 1 85  ? -5.631  10.739  8.480   1.00 12.63 ? 137 SER A CB  1 
ATOM   683 O OG  . SER A 1 85  ? -5.663  11.476  7.277   1.00 15.35 ? 137 SER A OG  1 
ATOM   684 N N   . THR A 1 86  ? -7.330  8.217   6.640   1.00 11.60 ? 138 THR A N   1 
ATOM   685 C CA  . THR A 1 86  ? -8.626  7.794   6.110   1.00 12.57 ? 138 THR A CA  1 
ATOM   686 C C   . THR A 1 86  ? -8.438  6.312   5.784   1.00 12.84 ? 138 THR A C   1 
ATOM   687 O O   . THR A 1 86  ? -7.542  5.947   5.035   1.00 12.70 ? 138 THR A O   1 
ATOM   688 C CB  . THR A 1 86  ? -9.028  8.583   4.841   1.00 14.26 ? 138 THR A CB  1 
ATOM   689 O OG1 . THR A 1 86  ? -9.320  9.940   5.201   1.00 13.90 ? 138 THR A OG1 1 
ATOM   690 C CG2 . THR A 1 86  ? -10.269 7.970   4.196   1.00 15.80 ? 138 THR A CG2 1 
ATOM   691 N N   . SER A 1 87  ? -9.280  5.462   6.364   1.00 11.07 ? 139 SER A N   1 
ATOM   692 C CA  . SER A 1 87  ? -9.163  4.017   6.179   1.00 10.20 ? 139 SER A CA  1 
ATOM   693 C C   . SER A 1 87  ? -9.077  3.535   4.736   1.00 9.97  ? 139 SER A C   1 
ATOM   694 O O   . SER A 1 87  ? -9.766  4.045   3.856   1.00 12.00 ? 139 SER A O   1 
ATOM   695 C CB  . SER A 1 87  ? -10.330 3.305   6.869   1.00 8.78  ? 139 SER A CB  1 
ATOM   696 O OG  . SER A 1 87  ? -10.149 1.902   6.844   1.00 7.49  ? 139 SER A OG  1 
ATOM   697 N N   . VAL A 1 88  ? -8.213  2.551   4.501   1.00 10.05 ? 140 VAL A N   1 
ATOM   698 C CA  . VAL A 1 88  ? -8.066  1.975   3.171   1.00 10.38 ? 140 VAL A CA  1 
ATOM   699 C C   . VAL A 1 88  ? -9.127  0.894   3.014   1.00 10.62 ? 140 VAL A C   1 
ATOM   700 O O   . VAL A 1 88  ? -9.398  0.430   1.909   1.00 11.19 ? 140 VAL A O   1 
ATOM   701 C CB  . VAL A 1 88  ? -6.684  1.313   2.972   1.00 10.12 ? 140 VAL A CB  1 
ATOM   702 C CG1 . VAL A 1 88  ? -5.598  2.364   2.962   1.00 11.35 ? 140 VAL A CG1 1 
ATOM   703 C CG2 . VAL A 1 88  ? -6.430  0.284   4.079   1.00 13.06 ? 140 VAL A CG2 1 
ATOM   704 N N   . SER A 1 89  ? -9.731  0.512   4.135   1.00 10.40 ? 141 SER A N   1 
ATOM   705 C CA  . SER A 1 89  ? -10.743 -0.539  4.151   1.00 12.03 ? 141 SER A CA  1 
ATOM   706 C C   . SER A 1 89  ? -12.156 -0.047  4.444   1.00 12.44 ? 141 SER A C   1 
ATOM   707 O O   . SER A 1 89  ? -12.353 0.944   5.146   1.00 12.43 ? 141 SER A O   1 
ATOM   708 C CB  . SER A 1 89  ? -10.360 -1.601  5.184   1.00 12.46 ? 141 SER A CB  1 
ATOM   709 O OG  . SER A 1 89  ? -11.403 -2.533  5.377   1.00 14.34 ? 141 SER A OG  1 
ATOM   710 N N   . ARG A 1 90  ? -13.132 -0.762  3.895   1.00 14.36 ? 142 ARG A N   1 
ATOM   711 C CA  . ARG A 1 90  ? -14.539 -0.440  4.095   1.00 14.94 ? 142 ARG A CA  1 
ATOM   712 C C   . ARG A 1 90  ? -15.168 -1.404  5.097   1.00 14.63 ? 142 ARG A C   1 
ATOM   713 O O   . ARG A 1 90  ? -16.354 -1.297  5.406   1.00 15.70 ? 142 ARG A O   1 
ATOM   714 C CB  . ARG A 1 90  ? -15.288 -0.505  2.762   1.00 15.56 ? 142 ARG A CB  1 
ATOM   715 C CG  . ARG A 1 90  ? -14.950 0.638   1.818   1.00 17.23 ? 142 ARG A CG  1 
ATOM   716 C CD  . ARG A 1 90  ? -15.724 0.547   0.509   1.00 20.58 ? 142 ARG A CD  1 
ATOM   717 N NE  . ARG A 1 90  ? -15.690 1.815   -0.220  1.00 25.05 ? 142 ARG A NE  1 
ATOM   718 C CZ  . ARG A 1 90  ? -16.215 2.004   -1.427  1.00 27.10 ? 142 ARG A CZ  1 
ATOM   719 N NH1 . ARG A 1 90  ? -16.816 1.005   -2.057  1.00 28.80 ? 142 ARG A NH1 1 
ATOM   720 N NH2 . ARG A 1 90  ? -16.145 3.198   -2.002  1.00 27.32 ? 142 ARG A NH2 1 
ATOM   721 N N   . ASN A 1 91  ? -14.367 -2.342  5.599   1.00 13.49 ? 143 ASN A N   1 
ATOM   722 C CA  . ASN A 1 91  ? -14.838 -3.324  6.574   1.00 14.28 ? 143 ASN A CA  1 
ATOM   723 C C   . ASN A 1 91  ? -14.211 -3.120  7.948   1.00 12.82 ? 143 ASN A C   1 
ATOM   724 O O   . ASN A 1 91  ? -14.722 -3.611  8.954   1.00 10.91 ? 143 ASN A O   1 
ATOM   725 C CB  . ASN A 1 91  ? -14.525 -4.746  6.100   1.00 19.30 ? 143 ASN A CB  1 
ATOM   726 C CG  . ASN A 1 91  ? -15.207 -5.085  4.798   1.00 23.25 ? 143 ASN A CG  1 
ATOM   727 O OD1 . ASN A 1 91  ? -16.391 -4.808  4.618   1.00 25.16 ? 143 ASN A OD1 1 
ATOM   728 N ND2 . ASN A 1 91  ? -14.466 -5.700  3.882   1.00 25.70 ? 143 ASN A ND2 1 
ATOM   729 N N   . GLN A 1 92  ? -13.084 -2.418  7.979   1.00 13.04 ? 144 GLN A N   1 
ATOM   730 C CA  . GLN A 1 92  ? -12.380 -2.139  9.224   1.00 12.48 ? 144 GLN A CA  1 
ATOM   731 C C   . GLN A 1 92  ? -11.683 -0.795  9.102   1.00 12.88 ? 144 GLN A C   1 
ATOM   732 O O   . GLN A 1 92  ? -11.433 -0.315  7.996   1.00 13.31 ? 144 GLN A O   1 
ATOM   733 C CB  . GLN A 1 92  ? -11.317 -3.211  9.509   1.00 17.14 ? 144 GLN A CB  1 
ATOM   734 C CG  . GLN A 1 92  ? -11.813 -4.648  9.514   1.00 19.52 ? 144 GLN A CG  1 
ATOM   735 C CD  . GLN A 1 92  ? -11.609 -5.360  8.182   1.00 23.28 ? 144 GLN A CD  1 
ATOM   736 O OE1 . GLN A 1 92  ? -12.037 -6.504  8.007   1.00 26.52 ? 144 GLN A OE1 1 
ATOM   737 N NE2 . GLN A 1 92  ? -10.946 -4.692  7.242   1.00 22.08 ? 144 GLN A NE2 1 
ATOM   738 N N   . GLN A 1 93  ? -11.384 -0.177  10.239  1.00 11.53 ? 145 GLN A N   1 
ATOM   739 C CA  . GLN A 1 93  ? -10.672 1.092   10.235  1.00 11.45 ? 145 GLN A CA  1 
ATOM   740 C C   . GLN A 1 93  ? -9.195  0.723   10.221  1.00 11.94 ? 145 GLN A C   1 
ATOM   741 O O   . GLN A 1 93  ? -8.627  0.385   11.257  1.00 12.29 ? 145 GLN A O   1 
ATOM   742 C CB  . GLN A 1 93  ? -10.991 1.904   11.494  1.00 11.42 ? 145 GLN A CB  1 
ATOM   743 C CG  . GLN A 1 93  ? -12.392 2.500   11.532  1.00 11.17 ? 145 GLN A CG  1 
ATOM   744 C CD  . GLN A 1 93  ? -12.612 3.545   10.453  1.00 14.02 ? 145 GLN A CD  1 
ATOM   745 O OE1 . GLN A 1 93  ? -12.773 3.217   9.280   1.00 14.91 ? 145 GLN A OE1 1 
ATOM   746 N NE2 . GLN A 1 93  ? -12.610 4.817   10.849  1.00 13.84 ? 145 GLN A NE2 1 
ATOM   747 N N   . ILE A 1 94  ? -8.586  0.770   9.040   1.00 11.40 ? 146 ILE A N   1 
ATOM   748 C CA  . ILE A 1 94  ? -7.175  0.441   8.886   1.00 11.91 ? 146 ILE A CA  1 
ATOM   749 C C   . ILE A 1 94  ? -6.458  1.648   8.304   1.00 11.25 ? 146 ILE A C   1 
ATOM   750 O O   . ILE A 1 94  ? -6.737  2.055   7.178   1.00 11.50 ? 146 ILE A O   1 
ATOM   751 C CB  . ILE A 1 94  ? -6.978  -0.739  7.925   1.00 13.62 ? 146 ILE A CB  1 
ATOM   752 C CG1 . ILE A 1 94  ? -7.774  -1.953  8.411   1.00 14.02 ? 146 ILE A CG1 1 
ATOM   753 C CG2 . ILE A 1 94  ? -5.494  -1.064  7.813   1.00 13.41 ? 146 ILE A CG2 1 
ATOM   754 C CD1 . ILE A 1 94  ? -7.680  -3.157  7.480   1.00 15.86 ? 146 ILE A CD1 1 
ATOM   755 N N   . PHE A 1 95  ? -5.535  2.218   9.071   1.00 11.29 ? 147 PHE A N   1 
ATOM   756 C CA  . PHE A 1 95  ? -4.800  3.388   8.620   1.00 11.41 ? 147 PHE A CA  1 
ATOM   757 C C   . PHE A 1 95  ? -3.344  3.046   8.332   1.00 10.52 ? 147 PHE A C   1 
ATOM   758 O O   . PHE A 1 95  ? -2.675  2.404   9.137   1.00 10.61 ? 147 PHE A O   1 
ATOM   759 C CB  . PHE A 1 95  ? -4.887  4.496   9.669   1.00 11.48 ? 147 PHE A CB  1 
ATOM   760 C CG  . PHE A 1 95  ? -6.296  4.854   10.048  1.00 11.82 ? 147 PHE A CG  1 
ATOM   761 C CD1 . PHE A 1 95  ? -6.888  4.309   11.187  1.00 13.43 ? 147 PHE A CD1 1 
ATOM   762 C CD2 . PHE A 1 95  ? -7.040  5.717   9.252   1.00 12.75 ? 147 PHE A CD2 1 
ATOM   763 C CE1 . PHE A 1 95  ? -8.209  4.623   11.529  1.00 10.70 ? 147 PHE A CE1 1 
ATOM   764 C CE2 . PHE A 1 95  ? -8.360  6.036   9.582   1.00 10.76 ? 147 PHE A CE2 1 
ATOM   765 C CZ  . PHE A 1 95  ? -8.942  5.487   10.725  1.00 11.29 ? 147 PHE A CZ  1 
ATOM   766 N N   . LEU A 1 96  ? -2.859  3.488   7.177   1.00 11.43 ? 148 LEU A N   1 
ATOM   767 C CA  . LEU A 1 96  ? -1.487  3.210   6.778   1.00 10.20 ? 148 LEU A CA  1 
ATOM   768 C C   . LEU A 1 96  ? -0.470  3.817   7.733   1.00 12.21 ? 148 LEU A C   1 
ATOM   769 O O   . LEU A 1 96  ? -0.607  4.962   8.173   1.00 10.97 ? 148 LEU A O   1 
ATOM   770 C CB  . LEU A 1 96  ? -1.230  3.731   5.358   1.00 9.22  ? 148 LEU A CB  1 
ATOM   771 C CG  . LEU A 1 96  ? -2.145  3.196   4.250   1.00 8.83  ? 148 LEU A CG  1 
ATOM   772 C CD1 . LEU A 1 96  ? -1.721  3.782   2.909   1.00 8.72  ? 148 LEU A CD1 1 
ATOM   773 C CD2 . LEU A 1 96  ? -2.084  1.672   4.216   1.00 7.83  ? 148 LEU A CD2 1 
ATOM   774 N N   . ARG A 1 97  ? 0.541   3.023   8.058   1.00 12.06 ? 149 ARG A N   1 
ATOM   775 C CA  . ARG A 1 97  ? 1.623   3.450   8.930   1.00 14.99 ? 149 ARG A CA  1 
ATOM   776 C C   . ARG A 1 97  ? 2.888   2.783   8.411   1.00 14.66 ? 149 ARG A C   1 
ATOM   777 O O   . ARG A 1 97  ? 2.853   1.634   7.971   1.00 13.88 ? 149 ARG A O   1 
ATOM   778 C CB  . ARG A 1 97  ? 1.353   3.042   10.381  1.00 16.92 ? 149 ARG A CB  1 
ATOM   779 C CG  . ARG A 1 97  ? 1.082   1.566   10.592  1.00 18.63 ? 149 ARG A CG  1 
ATOM   780 C CD  . ARG A 1 97  ? 0.936   1.264   12.077  1.00 22.10 ? 149 ARG A CD  1 
ATOM   781 N NE  . ARG A 1 97  ? 2.177   1.527   12.802  1.00 24.94 ? 149 ARG A NE  1 
ATOM   782 C CZ  . ARG A 1 97  ? 2.271   1.624   14.127  1.00 27.31 ? 149 ARG A CZ  1 
ATOM   783 N NH1 . ARG A 1 97  ? 1.192   1.481   14.887  1.00 26.67 ? 149 ARG A NH1 1 
ATOM   784 N NH2 . ARG A 1 97  ? 3.446   1.864   14.692  1.00 29.45 ? 149 ARG A NH2 1 
ATOM   785 N N   . ASP A 1 98  ? 4.002   3.504   8.448   1.00 15.72 ? 150 ASP A N   1 
ATOM   786 C CA  . ASP A 1 98  ? 5.262   2.964   7.953   1.00 17.69 ? 150 ASP A CA  1 
ATOM   787 C C   . ASP A 1 98  ? 5.666   1.664   8.623   1.00 17.97 ? 150 ASP A C   1 
ATOM   788 O O   . ASP A 1 98  ? 5.483   1.484   9.825   1.00 16.43 ? 150 ASP A O   1 
ATOM   789 C CB  . ASP A 1 98  ? 6.392   3.979   8.130   1.00 20.17 ? 150 ASP A CB  1 
ATOM   790 C CG  . ASP A 1 98  ? 6.152   5.258   7.359   1.00 22.65 ? 150 ASP A CG  1 
ATOM   791 O OD1 . ASP A 1 98  ? 5.427   5.212   6.346   1.00 23.49 ? 150 ASP A OD1 1 
ATOM   792 O OD2 . ASP A 1 98  ? 6.701   6.304   7.761   1.00 25.54 ? 150 ASP A OD2 1 
ATOM   793 N N   . ILE A 1 99  ? 6.225   0.756   7.834   1.00 20.76 ? 151 ILE A N   1 
ATOM   794 C CA  . ILE A 1 99  ? 6.675   -0.516  8.369   1.00 23.46 ? 151 ILE A CA  1 
ATOM   795 C C   . ILE A 1 99  ? 7.871   -0.256  9.280   1.00 25.98 ? 151 ILE A C   1 
ATOM   796 O O   . ILE A 1 99  ? 8.579   0.743   9.124   1.00 25.04 ? 151 ILE A O   1 
ATOM   797 C CB  . ILE A 1 99  ? 7.118   -1.494  7.248   1.00 25.66 ? 151 ILE A CB  1 
ATOM   798 C CG1 . ILE A 1 99  ? 8.339   -0.940  6.509   1.00 27.31 ? 151 ILE A CG1 1 
ATOM   799 C CG2 . ILE A 1 99  ? 5.965   -1.749  6.298   0.50 24.26 ? 151 ILE A CG2 1 
ATOM   800 C CD1 . ILE A 1 99  ? 8.058   0.262   5.640   1.00 30.93 ? 151 ILE A CD1 1 
ATOM   801 N N   . GLU A 1 100 ? 8.070   -1.142  10.248  1.00 28.46 ? 152 GLU A N   1 
ATOM   802 C CA  . GLU A 1 100 ? 9.204   -1.043  11.156  1.00 32.40 ? 152 GLU A CA  1 
ATOM   803 C C   . GLU A 1 100 ? 10.336  -1.677  10.357  1.00 34.41 ? 152 GLU A C   1 
ATOM   804 O O   . GLU A 1 100 ? 10.501  -2.895  10.362  1.00 32.85 ? 152 GLU A O   1 
ATOM   805 C CB  . GLU A 1 100 ? 8.932   -1.850  12.425  1.00 33.91 ? 152 GLU A CB  1 
ATOM   806 C CG  . GLU A 1 100 ? 10.128  -2.014  13.353  1.00 37.51 ? 152 GLU A CG  1 
ATOM   807 C CD  . GLU A 1 100 ? 10.470  -0.748  14.107  1.00 38.64 ? 152 GLU A CD  1 
ATOM   808 O OE1 . GLU A 1 100 ? 9.623   -0.280  14.897  1.00 40.71 ? 152 GLU A OE1 1 
ATOM   809 O OE2 . GLU A 1 100 ? 11.585  -0.222  13.911  1.00 39.33 ? 152 GLU A OE2 1 
ATOM   810 N N   . GLN A 1 101 ? 11.097  -0.843  9.656   1.00 37.72 ? 153 GLN A N   1 
ATOM   811 C CA  . GLN A 1 101 ? 12.191  -1.314  8.815   1.00 41.62 ? 153 GLN A CA  1 
ATOM   812 C C   . GLN A 1 101 ? 13.330  -1.964  9.593   1.00 43.88 ? 153 GLN A C   1 
ATOM   813 O O   . GLN A 1 101 ? 13.633  -1.574  10.722  1.00 43.92 ? 153 GLN A O   1 
ATOM   814 C CB  . GLN A 1 101 ? 12.770  -0.161  7.993   0.50 42.23 ? 153 GLN A CB  1 
ATOM   815 C CG  . GLN A 1 101 ? 11.767  0.504   7.067   0.50 43.42 ? 153 GLN A CG  1 
ATOM   816 C CD  . GLN A 1 101 ? 12.376  1.641   6.271   1.00 20.00 ? 153 GLN A CD  1 
ATOM   817 O OE1 . GLN A 1 101 ? 13.560  1.942   6.407   1.00 20.00 ? 153 GLN A OE1 1 
ATOM   818 N NE2 . GLN A 1 101 ? 11.565  2.277   5.434   1.00 20.00 ? 153 GLN A NE2 1 
ATOM   819 N N   . VAL A 1 102 ? 13.954  -2.963  8.975   1.00 46.55 ? 154 VAL A N   1 
ATOM   820 C CA  . VAL A 1 102 ? 15.075  -3.676  9.577   1.00 49.51 ? 154 VAL A CA  1 
ATOM   821 C C   . VAL A 1 102 ? 16.365  -2.896  9.313   1.00 51.24 ? 154 VAL A C   1 
ATOM   822 O O   . VAL A 1 102 ? 16.761  -2.703  8.162   1.00 51.67 ? 154 VAL A O   1 
ATOM   823 C CB  . VAL A 1 102 ? 15.205  -5.105  8.987   1.00 49.93 ? 154 VAL A CB  1 
ATOM   824 C CG1 . VAL A 1 102 ? 15.262  -5.044  7.468   1.00 50.47 ? 154 VAL A CG1 1 
ATOM   825 C CG2 . VAL A 1 102 ? 16.451  -5.789  9.536   1.00 50.55 ? 154 VAL A CG2 1 
ATOM   826 N N   . PRO A 1 103 ? 17.031  -2.431  10.382  1.00 52.65 ? 155 PRO A N   1 
ATOM   827 C CA  . PRO A 1 103 ? 18.277  -1.669  10.254  1.00 53.96 ? 155 PRO A CA  1 
ATOM   828 C C   . PRO A 1 103 ? 19.422  -2.466  9.629   1.00 54.99 ? 155 PRO A C   1 
ATOM   829 O O   . PRO A 1 103 ? 19.185  -3.625  9.223   1.00 55.07 ? 155 PRO A O   1 
ATOM   830 C CB  . PRO A 1 103 ? 18.571  -1.251  11.695  1.00 53.95 ? 155 PRO A CB  1 
ATOM   831 C CG  . PRO A 1 103 ? 18.009  -2.389  12.488  1.00 53.65 ? 155 PRO A CG  1 
ATOM   832 C CD  . PRO A 1 103 ? 16.687  -2.636  11.799  1.00 52.80 ? 155 PRO A CD  1 
HETATM 833 C C1  . FYI B 2 .   ? -5.001  -6.842  -5.760  1.00 11.41 ? 1   FYI A C1  1 
HETATM 834 C C2  . FYI B 2 .   ? -3.885  -7.356  -6.418  1.00 13.44 ? 1   FYI A C2  1 
HETATM 835 C C3  . FYI B 2 .   ? -4.037  -8.076  -7.602  1.00 12.47 ? 1   FYI A C3  1 
HETATM 836 C C4  . FYI B 2 .   ? -5.314  -8.258  -8.123  1.00 12.39 ? 1   FYI A C4  1 
HETATM 837 C C5  . FYI B 2 .   ? -6.431  -7.746  -7.470  1.00 11.07 ? 1   FYI A C5  1 
HETATM 838 C C6  . FYI B 2 .   ? -6.279  -7.042  -6.279  1.00 12.22 ? 1   FYI A C6  1 
HETATM 839 O O1  . FYI B 2 .   ? -3.013  -8.677  -8.271  1.00 12.72 ? 1   FYI A O1  1 
HETATM 840 P P1  . FYI B 2 .   ? -1.511  -8.507  -7.708  1.00 13.50 ? 1   FYI A P1  1 
HETATM 841 O O2  . FYI B 2 .   ? -1.360  -8.748  -6.256  1.00 13.30 ? 1   FYI A O2  1 
HETATM 842 O O3  . FYI B 2 .   ? -0.643  -9.554  -8.572  1.00 15.06 ? 1   FYI A O3  1 
HETATM 843 O O4  . FYI B 2 .   ? -1.002  -7.046  -8.157  1.00 11.81 ? 1   FYI A O4  1 
HETATM 844 C C7  . FYI B 2 .   ? -7.531  -6.561  -5.537  1.00 12.61 ? 1   FYI A C7  1 
HETATM 845 C C8  . FYI B 2 .   ? -7.970  -7.488  -4.399  1.00 14.09 ? 1   FYI A C8  1 
HETATM 846 C C9  . FYI B 2 .   ? -9.218  -6.941  -3.702  1.00 14.16 ? 1   FYI A C9  1 
HETATM 847 O O5  . FYI B 2 .   ? -10.331 -7.051  -4.216  1.00 13.69 ? 1   FYI A O5  1 
HETATM 848 C C10 . FYI B 2 .   ? -8.285  -8.910  -4.876  1.00 16.00 ? 1   FYI A C10 1 
HETATM 849 C C11 . FYI B 2 .   ? -7.037  -9.769  -5.097  1.00 19.49 ? 1   FYI A C11 1 
HETATM 850 N N1  . FYI B 2 .   ? -7.128  -10.621 -6.115  1.00 21.49 ? 1   FYI A N1  1 
HETATM 851 C C12 . FYI B 2 .   ? -5.978  -11.499 -6.382  1.00 21.72 ? 1   FYI A C12 1 
HETATM 852 O O7  . FYI B 2 .   ? -6.055  -9.671  -4.362  1.00 19.29 ? 1   FYI A O7  1 
HETATM 853 N N2  . FYI B 2 .   ? -8.996  -6.355  -2.528  1.00 14.22 ? 1   FYI A N2  1 
HETATM 854 C C13 . FYI B 2 .   ? -10.070 -5.797  -1.693  1.00 14.28 ? 1   FYI A C13 1 
HETATM 855 C C14 . FYI B 2 .   ? -10.978 -4.832  -2.457  1.00 14.65 ? 1   FYI A C14 1 
HETATM 856 O O8  . FYI B 2 .   ? -12.199 -4.884  -2.308  1.00 14.68 ? 1   FYI A O8  1 
HETATM 857 C C15 . FYI B 2 .   ? -9.467  -5.107  -0.466  1.00 14.94 ? 1   FYI A C15 1 
HETATM 858 C C16 . FYI B 2 .   ? -8.626  -6.070  0.378   1.00 15.66 ? 1   FYI A C16 1 
HETATM 859 C C17 . FYI B 2 .   ? -10.551 -4.437  0.384   1.00 15.17 ? 1   FYI A C17 1 
HETATM 860 C C18 . FYI B 2 .   ? -9.417  -7.285  0.872   1.00 17.56 ? 1   FYI A C18 1 
HETATM 861 N N3  . FYI B 2 .   ? -10.371 -3.966  -3.265  1.00 12.32 ? 1   FYI A N3  1 
HETATM 862 C C19 . FYI B 2 .   ? -11.128 -2.972  -4.041  1.00 13.32 ? 1   FYI A C19 1 
HETATM 863 C C20 . FYI B 2 .   ? -11.328 -3.431  -5.490  1.00 14.99 ? 1   FYI A C20 1 
HETATM 864 O O10 . FYI B 2 .   ? -11.594 -2.622  -6.376  1.00 17.43 ? 1   FYI A O10 1 
HETATM 865 C C21 . FYI B 2 .   ? -10.418 -1.617  -3.996  1.00 11.34 ? 1   FYI A C21 1 
HETATM 866 C C22 . FYI B 2 .   ? -9.013  -1.664  -4.605  1.00 10.80 ? 1   FYI A C22 1 
HETATM 867 O O11 . FYI B 2 .   ? -8.374  -2.712  -4.643  1.00 10.44 ? 1   FYI A O11 1 
HETATM 868 N N4  . FYI B 2 .   ? -8.570  -0.503  -5.080  1.00 9.59  ? 1   FYI A N4  1 
HETATM 869 N N5  . FYI B 2 .   ? -11.210 -4.739  -5.697  1.00 15.91 ? 1   FYI A N5  1 
HETATM 870 C C   . FMT C 3 .   ? 7.235   -3.857  14.278  1.00 15.26 ? 170 FMT A C   1 
HETATM 871 O O1  . FMT C 3 .   ? 6.399   -2.970  14.557  1.00 18.05 ? 170 FMT A O1  1 
HETATM 872 O O2  . FMT C 3 .   ? 7.017   -4.884  13.600  1.00 14.31 ? 170 FMT A O2  1 
HETATM 873 O O   . HOH D 4 .   ? 3.238   9.250   -10.359 1.00 12.54 ? 2   HOH A O   1 
HETATM 874 O O   . HOH D 4 .   ? -1.443  1.437   -10.785 1.00 11.03 ? 3   HOH A O   1 
HETATM 875 O O   . HOH D 4 .   ? 4.647   -2.724  12.485  1.00 13.83 ? 4   HOH A O   1 
HETATM 876 O O   . HOH D 4 .   ? -7.178  11.456  5.121   1.00 14.12 ? 5   HOH A O   1 
HETATM 877 O O   . HOH D 4 .   ? -3.901  -8.347  -11.547 1.00 12.84 ? 6   HOH A O   1 
HETATM 878 O O   . HOH D 4 .   ? -12.690 -3.072  2.363   1.00 16.48 ? 7   HOH A O   1 
HETATM 879 O O   . HOH D 4 .   ? 8.770   -7.163  8.398   1.00 21.18 ? 8   HOH A O   1 
HETATM 880 O O   . HOH D 4 .   ? -6.322  -9.367  -0.489  1.00 18.20 ? 9   HOH A O   1 
HETATM 881 O O   . HOH D 4 .   ? 6.642   -9.623  17.832  1.00 15.08 ? 10  HOH A O   1 
HETATM 882 O O   . HOH D 4 .   ? 5.682   1.499   4.910   1.00 19.22 ? 11  HOH A O   1 
HETATM 883 O O   . HOH D 4 .   ? 1.876   -9.213  -8.382  1.00 14.48 ? 12  HOH A O   1 
HETATM 884 O O   . HOH D 4 .   ? -2.090  -3.685  15.499  1.00 20.85 ? 13  HOH A O   1 
HETATM 885 O O   . HOH D 4 .   ? 4.520   0.036   11.888  1.00 21.20 ? 14  HOH A O   1 
HETATM 886 O O   . HOH D 4 .   ? -8.755  6.341   -2.698  1.00 16.39 ? 15  HOH A O   1 
HETATM 887 O O   . HOH D 4 .   ? -8.603  13.801  -13.445 1.00 18.28 ? 16  HOH A O   1 
HETATM 888 O O   . HOH D 4 .   ? 3.546   -11.390 -7.598  1.00 15.38 ? 17  HOH A O   1 
HETATM 889 O O   . HOH D 4 .   ? -2.626  13.497  0.381   1.00 22.45 ? 18  HOH A O   1 
HETATM 890 O O   . HOH D 4 .   ? 3.732   6.065   10.079  1.00 20.14 ? 19  HOH A O   1 
HETATM 891 O O   . HOH D 4 .   ? 4.114   -3.212  -12.436 1.00 20.01 ? 20  HOH A O   1 
HETATM 892 O O   . HOH D 4 .   ? -3.451  15.119  -5.356  1.00 24.04 ? 21  HOH A O   1 
HETATM 893 O O   . HOH D 4 .   ? -4.772  0.940   11.619  1.00 19.89 ? 22  HOH A O   1 
HETATM 894 O O   . HOH D 4 .   ? -11.807 7.149   -1.512  1.00 22.48 ? 23  HOH A O   1 
HETATM 895 O O   . HOH D 4 .   ? 3.583   -14.010 -5.528  1.00 21.72 ? 24  HOH A O   1 
HETATM 896 O O   . HOH D 4 .   ? 4.688   9.014   2.788   1.00 14.14 ? 25  HOH A O   1 
HETATM 897 O O   . HOH D 4 .   ? -9.591  2.758   -13.469 1.00 20.15 ? 26  HOH A O   1 
HETATM 898 O O   . HOH D 4 .   ? -12.833 8.984   1.527   1.00 38.22 ? 27  HOH A O   1 
HETATM 899 O O   . HOH D 4 .   ? 7.690   -15.154 0.033   1.00 17.78 ? 28  HOH A O   1 
HETATM 900 O O   . HOH D 4 .   ? 6.372   -14.312 7.385   1.00 22.57 ? 29  HOH A O   1 
HETATM 901 O O   . HOH D 4 .   ? -1.598  0.166   14.229  1.00 21.97 ? 30  HOH A O   1 
HETATM 902 O O   . HOH D 4 .   ? -14.684 5.146   -8.037  1.00 21.61 ? 31  HOH A O   1 
HETATM 903 O O   . HOH D 4 .   ? 1.357   7.275   9.357   1.00 18.97 ? 32  HOH A O   1 
HETATM 904 O O   . HOH D 4 .   ? -0.879  17.617  -5.955  1.00 25.11 ? 33  HOH A O   1 
HETATM 905 O O   . HOH D 4 .   ? -10.943 -4.667  3.989   1.00 22.38 ? 34  HOH A O   1 
HETATM 906 O O   . HOH D 4 .   ? -6.394  -9.752  -11.142 1.00 28.98 ? 35  HOH A O   1 
HETATM 907 O O   . HOH D 4 .   ? -11.754 4.092   -13.423 1.00 28.11 ? 36  HOH A O   1 
HETATM 908 O O   . HOH D 4 .   ? -0.774  -12.131 -8.101  1.00 26.27 ? 37  HOH A O   1 
HETATM 909 O O   . HOH D 4 .   ? -13.620 -0.643  -6.375  1.00 40.81 ? 38  HOH A O   1 
HETATM 910 O O   . HOH D 4 .   ? -6.454  -3.109  14.321  1.00 24.72 ? 39  HOH A O   1 
HETATM 911 O O   . HOH D 4 .   ? 1.725   13.943  0.240   1.00 33.99 ? 40  HOH A O   1 
HETATM 912 O O   . HOH D 4 .   ? -6.305  -1.209  12.104  1.00 25.34 ? 41  HOH A O   1 
HETATM 913 O O   . HOH D 4 .   ? 7.201   -13.927 -8.582  1.00 31.31 ? 42  HOH A O   1 
HETATM 914 O O   . HOH D 4 .   ? 5.809   -5.964  -13.171 1.00 28.35 ? 43  HOH A O   1 
HETATM 915 O O   . HOH D 4 .   ? 5.252   12.261  2.222   1.00 17.51 ? 44  HOH A O   1 
HETATM 916 O O   . HOH D 4 .   ? -2.392  2.246   11.698  1.00 28.81 ? 45  HOH A O   1 
HETATM 917 O O   . HOH D 4 .   ? -1.697  -14.062 -1.880  1.00 40.23 ? 46  HOH A O   1 
HETATM 918 O O   . HOH D 4 .   ? -14.490 2.006   -6.293  1.00 30.15 ? 47  HOH A O   1 
HETATM 919 O O   . HOH D 4 .   ? -5.324  2.546   14.133  1.00 30.47 ? 48  HOH A O   1 
HETATM 920 O O   . HOH D 4 .   ? 5.482   3.308   11.821  1.00 37.08 ? 49  HOH A O   1 
HETATM 921 O O   . HOH D 4 .   ? 7.561   8.030   6.032   1.00 32.56 ? 50  HOH A O   1 
HETATM 922 O O   . HOH D 4 .   ? -1.139  -1.383  16.588  1.00 34.93 ? 51  HOH A O   1 
HETATM 923 O O   . HOH D 4 .   ? -0.397  -0.824  -16.887 1.00 34.70 ? 52  HOH A O   1 
HETATM 924 O O   . HOH D 4 .   ? -0.590  7.111   -13.619 1.00 22.71 ? 171 HOH A O   1 
HETATM 925 O O   . HOH D 4 .   ? 3.834   14.663  -1.403  1.00 36.76 ? 172 HOH A O   1 
HETATM 926 O O   . HOH D 4 .   ? -8.168  14.720  -3.941  1.00 23.38 ? 173 HOH A O   1 
HETATM 927 O O   . HOH D 4 .   ? -3.379  12.059  6.110   1.00 20.86 ? 174 HOH A O   1 
HETATM 928 O O   . HOH D 4 .   ? -11.301 5.225   13.339  1.00 20.31 ? 175 HOH A O   1 
HETATM 929 O O   . HOH D 4 .   ? 5.640   -15.115 -6.716  1.00 35.53 ? 176 HOH A O   1 
HETATM 930 O O   . HOH D 4 .   ? -14.783 -3.857  0.840   1.00 31.38 ? 177 HOH A O   1 
HETATM 931 O O   . HOH D 4 .   ? -0.520  14.864  1.026   1.00 31.38 ? 178 HOH A O   1 
HETATM 932 O O   . HOH D 4 .   ? 13.847  6.243   4.212   1.00 36.31 ? 179 HOH A O   1 
HETATM 933 O O   . HOH D 4 .   ? -3.007  -13.533 -6.819  1.00 36.14 ? 180 HOH A O   1 
HETATM 934 O O   . HOH D 4 .   ? 6.084   -8.837  -14.500 1.00 36.84 ? 181 HOH A O   1 
HETATM 935 O O   . HOH D 4 .   ? 7.498   9.113   3.709   1.00 38.28 ? 182 HOH A O   1 
HETATM 936 O O   . HOH D 4 .   ? 0.931   -12.499 11.164  1.00 40.37 ? 183 HOH A O   1 
HETATM 937 O O   . HOH D 4 .   ? -14.237 3.854   0.920   1.00 36.78 ? 184 HOH A O   1 
HETATM 938 O O   . HOH D 4 .   ? 12.392  -4.903  -2.727  1.00 38.25 ? 185 HOH A O   1 
HETATM 939 O O   . HOH D 4 .   ? 1.875   -13.371 -7.695  1.00 38.39 ? 186 HOH A O   1 
HETATM 940 O O   . HOH D 4 .   ? -0.454  -10.571 9.088   1.00 26.53 ? 187 HOH A O   1 
HETATM 941 O O   . HOH D 4 .   ? 1.263   -15.767 -5.763  1.00 46.18 ? 188 HOH A O   1 
HETATM 942 O O   . HOH D 4 .   ? -12.259 -3.060  -9.244  1.00 28.31 ? 189 HOH A O   1 
HETATM 943 O O   . HOH D 4 .   ? -0.653  7.399   -16.379 1.00 32.18 ? 190 HOH A O   1 
HETATM 944 O O   . HOH D 4 .   ? -11.724 5.481   -15.587 1.00 29.65 ? 191 HOH A O   1 
HETATM 945 O O   . HOH D 4 .   ? -0.236  -12.753 7.698   1.00 38.12 ? 192 HOH A O   1 
HETATM 946 O O   . HOH D 4 .   ? 8.513   -16.695 -1.918  1.00 38.85 ? 193 HOH A O   1 
HETATM 947 O O   . HOH D 4 .   ? 10.676  9.925   3.349   1.00 35.96 ? 194 HOH A O   1 
HETATM 948 O O   . HOH D 4 .   ? 11.403  -9.657  5.057   1.00 44.93 ? 195 HOH A O   1 
HETATM 949 O O   . HOH D 4 .   ? -3.809  13.941  2.766   1.00 46.16 ? 196 HOH A O   1 
HETATM 950 O O   . HOH D 4 .   ? -12.133 4.656   2.635   1.00 33.80 ? 197 HOH A O   1 
HETATM 951 O O   . HOH D 4 .   ? -14.898 6.292   -0.405  1.00 36.54 ? 198 HOH A O   1 
HETATM 952 O O   . HOH D 4 .   ? -16.949 2.147   -4.996  1.00 48.61 ? 199 HOH A O   1 
HETATM 953 O O   . HOH D 4 .   ? -9.261  11.995  8.094   1.00 37.08 ? 200 HOH A O   1 
HETATM 954 O O   . HOH D 4 .   ? 12.309  -8.787  -6.368  1.00 49.96 ? 201 HOH A O   1 
HETATM 955 O O   . HOH D 4 .   ? -4.152  1.317   -14.306 1.00 34.39 ? 202 HOH A O   1 
HETATM 956 O O   . HOH D 4 .   ? -18.012 -6.409  6.506   1.00 42.28 ? 203 HOH A O   1 
HETATM 957 O O   . HOH D 4 .   ? 4.227   -7.217  -7.018  1.00 11.75 ? 204 HOH A O   1 
HETATM 958 O O   . HOH D 4 .   ? -11.664 6.665   7.725   1.00 18.01 ? 205 HOH A O   1 
HETATM 959 O O   . HOH D 4 .   ? -7.254  -10.205 9.649   1.00 40.21 ? 206 HOH A O   1 
HETATM 960 O O   . HOH D 4 .   ? -11.184 -6.061  -8.381  1.00 48.68 ? 207 HOH A O   1 
HETATM 961 O O   . HOH D 4 .   ? 6.050   1.198   14.483  1.00 42.56 ? 208 HOH A O   1 
HETATM 962 O O   . HOH D 4 .   ? -18.428 -3.321  6.958   1.00 31.97 ? 209 HOH A O   1 
HETATM 963 O O   . HOH D 4 .   ? -6.562  1.583   -13.322 1.00 26.55 ? 210 HOH A O   1 
HETATM 964 O O   . HOH D 4 .   ? -6.021  18.416  -10.496 1.00 46.38 ? 211 HOH A O   1 
HETATM 965 O O   . HOH D 4 .   ? -8.728  13.459  5.105   1.00 37.68 ? 212 HOH A O   1 
HETATM 966 O O   . HOH D 4 .   ? 1.820   -10.206 13.704  1.00 35.32 ? 213 HOH A O   1 
HETATM 967 O O   . HOH D 4 .   ? 12.982  -5.523  -5.499  1.00 42.08 ? 214 HOH A O   1 
HETATM 968 O O   . HOH D 4 .   ? 5.026   -9.908  14.367  1.00 34.45 ? 215 HOH A O   1 
HETATM 969 O O   . HOH D 4 .   ? -13.535 5.127   -17.593 1.00 40.07 ? 216 HOH A O   1 
HETATM 970 O O   . HOH D 4 .   ? 8.752   1.636   13.400  1.00 52.21 ? 217 HOH A O   1 
HETATM 971 O O   . HOH D 4 .   ? 2.283   -12.772 13.652  1.00 48.07 ? 218 HOH A O   1 
HETATM 972 O O   . HOH D 4 .   ? -1.234  14.556  3.728   1.00 38.30 ? 219 HOH A O   1 
HETATM 973 O O   . HOH D 4 .   ? -4.338  1.982   -16.825 1.00 46.03 ? 220 HOH A O   1 
HETATM 974 O O   . HOH D 4 .   ? -5.717  13.645  4.616   1.00 42.27 ? 221 HOH A O   1 
HETATM 975 O O   . HOH D 4 .   ? -16.636 -2.795  -0.668  1.00 45.83 ? 222 HOH A O   1 
HETATM 976 O O   . HOH D 4 .   ? -8.171  -8.950  6.617   1.00 35.46 ? 223 HOH A O   1 
HETATM 977 O O   . HOH D 4 .   ? 0.322   7.780   11.838  1.00 34.69 ? 224 HOH A O   1 
HETATM 978 O O   . HOH D 4 .   ? 4.247   -16.111 6.742   1.00 32.01 ? 225 HOH A O   1 
HETATM 979 O O   . HOH D 4 .   ? -11.479 6.844   0.888   1.00 35.42 ? 226 HOH A O   1 
HETATM 980 O O   . HOH D 4 .   ? 0.549   -14.783 -2.944  1.00 42.69 ? 227 HOH A O   1 
HETATM 981 O O   . HOH D 4 .   ? 10.390  -14.004 6.549   1.00 46.27 ? 228 HOH A O   1 
HETATM 982 O O   . HOH D 4 .   ? -7.784  1.468   13.633  1.00 26.59 ? 229 HOH A O   1 
HETATM 983 O O   . HOH D 4 .   ? -13.946 -5.918  -0.399  1.00 34.55 ? 230 HOH A O   1 
HETATM 984 O O   . HOH D 4 .   ? 7.745   -5.624  5.081   1.00 30.27 ? 231 HOH A O   1 
HETATM 985 O O   . HOH D 4 .   ? -6.135  -7.037  14.423  1.00 40.13 ? 232 HOH A O   1 
HETATM 986 O O   . HOH D 4 .   ? -8.140  9.940   -20.878 1.00 45.67 ? 233 HOH A O   1 
HETATM 987 O O   . HOH D 4 .   ? -3.846  -12.534 1.671   1.00 41.17 ? 234 HOH A O   1 
HETATM 988 O O   . HOH D 4 .   ? -8.165  -4.917  15.758  1.00 44.10 ? 235 HOH A O   1 
# 
loop_
_pdbx_poly_seq_scheme.asym_id 
_pdbx_poly_seq_scheme.entity_id 
_pdbx_poly_seq_scheme.seq_id 
_pdbx_poly_seq_scheme.mon_id 
_pdbx_poly_seq_scheme.ndb_seq_num 
_pdbx_poly_seq_scheme.pdb_seq_num 
_pdbx_poly_seq_scheme.auth_seq_num 
_pdbx_poly_seq_scheme.pdb_mon_id 
_pdbx_poly_seq_scheme.auth_mon_id 
_pdbx_poly_seq_scheme.pdb_strand_id 
_pdbx_poly_seq_scheme.pdb_ins_code 
_pdbx_poly_seq_scheme.hetero 
A 1 1   ILE 1   53  ?   ?   ?   A . n 
A 1 2   GLU 2   54  ?   ?   ?   A . n 
A 1 3   MET 3   55  55  MET MET A . n 
A 1 4   LYS 4   56  56  LYS LYS A . n 
A 1 5   PRO 5   57  57  PRO PRO A . n 
A 1 6   HIS 6   58  58  HIS HIS A . n 
A 1 7   PRO 7   59  59  PRO PRO A . n 
A 1 8   TRP 8   60  60  TRP TRP A . n 
A 1 9   PHE 9   61  61  PHE PHE A . n 
A 1 10  PHE 10  62  62  PHE PHE A . n 
A 1 11  GLY 11  63  63  GLY GLY A . n 
A 1 12  LYS 12  64  64  LYS LYS A . n 
A 1 13  ILE 13  65  65  ILE ILE A . n 
A 1 14  PRO 14  66  66  PRO PRO A . n 
A 1 15  ARG 15  67  67  ARG ARG A . n 
A 1 16  ALA 16  68  68  ALA ALA A . n 
A 1 17  LYS 17  69  69  LYS LYS A . n 
A 1 18  ALA 18  70  70  ALA ALA A . n 
A 1 19  GLU 19  71  71  GLU GLU A . n 
A 1 20  GLU 20  72  72  GLU GLU A . n 
A 1 21  MET 21  73  73  MET MET A . n 
A 1 22  LEU 22  74  74  LEU LEU A . n 
A 1 23  SER 23  75  75  SER SER A . n 
A 1 24  LYS 24  76  76  LYS LYS A . n 
A 1 25  GLN 25  77  77  GLN GLN A . n 
A 1 26  ARG 26  78  78  ARG ARG A . n 
A 1 27  HIS 27  79  79  HIS HIS A . n 
A 1 28  ASP 28  80  80  ASP ASP A . n 
A 1 29  GLY 29  81  81  GLY GLY A . n 
A 1 30  ALA 30  82  82  ALA ALA A . n 
A 1 31  PHE 31  83  83  PHE PHE A . n 
A 1 32  LEU 32  84  84  LEU LEU A . n 
A 1 33  ILE 33  85  85  ILE ILE A . n 
A 1 34  ARG 34  86  86  ARG ARG A . n 
A 1 35  GLU 35  87  87  GLU GLU A . n 
A 1 36  SER 36  88  88  SER SER A . n 
A 1 37  GLU 37  89  89  GLU GLU A . n 
A 1 38  SER 38  90  90  SER SER A . n 
A 1 39  ALA 39  91  91  ALA ALA A . n 
A 1 40  PRO 40  92  92  PRO PRO A . n 
A 1 41  GLY 41  93  93  GLY GLY A . n 
A 1 42  ASP 42  94  94  ASP ASP A . n 
A 1 43  PHE 43  95  95  PHE PHE A . n 
A 1 44  SER 44  96  96  SER SER A . n 
A 1 45  LEU 45  97  97  LEU LEU A . n 
A 1 46  SER 46  98  98  SER SER A . n 
A 1 47  VAL 47  99  99  VAL VAL A . n 
A 1 48  LYS 48  100 100 LYS LYS A . n 
A 1 49  PHE 49  101 101 PHE PHE A . n 
A 1 50  GLY 50  102 102 GLY GLY A . n 
A 1 51  ASN 51  103 103 ASN ASN A . n 
A 1 52  ASP 52  104 104 ASP ASP A . n 
A 1 53  VAL 53  105 105 VAL VAL A . n 
A 1 54  GLN 54  106 106 GLN GLN A . n 
A 1 55  HIS 55  107 107 HIS HIS A . n 
A 1 56  PHE 56  108 108 PHE PHE A . n 
A 1 57  LYS 57  109 109 LYS LYS A . n 
A 1 58  VAL 58  110 110 VAL VAL A . n 
A 1 59  LEU 59  111 111 LEU LEU A . n 
A 1 60  ARG 60  112 112 ARG ARG A . n 
A 1 61  ASP 61  113 113 ASP ASP A . n 
A 1 62  GLY 62  114 114 GLY GLY A . n 
A 1 63  ALA 63  115 115 ALA ALA A . n 
A 1 64  GLY 64  116 116 GLY GLY A . n 
A 1 65  LYS 65  117 117 LYS LYS A . n 
A 1 66  TYR 66  118 118 TYR TYR A . n 
A 1 67  PHE 67  119 119 PHE PHE A . n 
A 1 68  LEU 68  120 120 LEU LEU A . n 
A 1 69  TRP 69  121 121 TRP TRP A . n 
A 1 70  VAL 70  122 122 VAL VAL A . n 
A 1 71  VAL 71  123 123 VAL VAL A . n 
A 1 72  LYS 72  124 124 LYS LYS A . n 
A 1 73  PHE 73  125 125 PHE PHE A . n 
A 1 74  ASN 74  126 126 ASN ASN A . n 
A 1 75  SER 75  127 127 SER SER A . n 
A 1 76  LEU 76  128 128 LEU LEU A . n 
A 1 77  ASN 77  129 129 ASN ASN A . n 
A 1 78  GLU 78  130 130 GLU GLU A . n 
A 1 79  LEU 79  131 131 LEU LEU A . n 
A 1 80  VAL 80  132 132 VAL VAL A . n 
A 1 81  ASP 81  133 133 ASP ASP A . n 
A 1 82  TYR 82  134 134 TYR TYR A . n 
A 1 83  HIS 83  135 135 HIS HIS A . n 
A 1 84  ARG 84  136 136 ARG ARG A . n 
A 1 85  SER 85  137 137 SER SER A . n 
A 1 86  THR 86  138 138 THR THR A . n 
A 1 87  SER 87  139 139 SER SER A . n 
A 1 88  VAL 88  140 140 VAL VAL A . n 
A 1 89  SER 89  141 141 SER SER A . n 
A 1 90  ARG 90  142 142 ARG ARG A . n 
A 1 91  ASN 91  143 143 ASN ASN A . n 
A 1 92  GLN 92  144 144 GLN GLN A . n 
A 1 93  GLN 93  145 145 GLN GLN A . n 
A 1 94  ILE 94  146 146 ILE ILE A . n 
A 1 95  PHE 95  147 147 PHE PHE A . n 
A 1 96  LEU 96  148 148 LEU LEU A . n 
A 1 97  ARG 97  149 149 ARG ARG A . n 
A 1 98  ASP 98  150 150 ASP ASP A . n 
A 1 99  ILE 99  151 151 ILE ILE A . n 
A 1 100 GLU 100 152 152 GLU GLU A . n 
A 1 101 GLN 101 153 153 GLN GLN A . n 
A 1 102 VAL 102 154 154 VAL VAL A . n 
A 1 103 PRO 103 155 155 PRO PRO A . n 
A 1 104 GLN 104 156 ?   ?   ?   A . n 
A 1 105 GLN 105 157 ?   ?   ?   A . n 
A 1 106 PRO 106 158 ?   ?   ?   A . n 
A 1 107 THR 107 159 ?   ?   ?   A . n 
A 1 108 TYR 108 160 ?   ?   ?   A . n 
A 1 109 VAL 109 161 ?   ?   ?   A . n 
A 1 110 GLN 110 162 ?   ?   ?   A . n 
A 1 111 ALA 111 163 ?   ?   ?   A . n 
A 1 112 HIS 112 164 ?   ?   ?   A . n 
A 1 113 HIS 113 165 ?   ?   ?   A . n 
A 1 114 HIS 114 166 ?   ?   ?   A . n 
A 1 115 HIS 115 167 ?   ?   ?   A . n 
A 1 116 HIS 116 168 ?   ?   ?   A . n 
A 1 117 HIS 117 169 ?   ?   ?   A . n 
# 
loop_
_pdbx_nonpoly_scheme.asym_id 
_pdbx_nonpoly_scheme.entity_id 
_pdbx_nonpoly_scheme.mon_id 
_pdbx_nonpoly_scheme.ndb_seq_num 
_pdbx_nonpoly_scheme.pdb_seq_num 
_pdbx_nonpoly_scheme.auth_seq_num 
_pdbx_nonpoly_scheme.pdb_mon_id 
_pdbx_nonpoly_scheme.auth_mon_id 
_pdbx_nonpoly_scheme.pdb_strand_id 
_pdbx_nonpoly_scheme.pdb_ins_code 
B 2 FYI 1   1   1   FYI FYI A . 
C 3 FMT 1   170 170 FMT FMT A . 
D 4 HOH 1   2   2   HOH HOH A . 
D 4 HOH 2   3   3   HOH HOH A . 
D 4 HOH 3   4   4   HOH HOH A . 
D 4 HOH 4   5   5   HOH HOH A . 
D 4 HOH 5   6   6   HOH HOH A . 
D 4 HOH 6   7   7   HOH HOH A . 
D 4 HOH 7   8   8   HOH HOH A . 
D 4 HOH 8   9   9   HOH HOH A . 
D 4 HOH 9   10  10  HOH HOH A . 
D 4 HOH 10  11  11  HOH HOH A . 
D 4 HOH 11  12  12  HOH HOH A . 
D 4 HOH 12  13  13  HOH HOH A . 
D 4 HOH 13  14  14  HOH HOH A . 
D 4 HOH 14  15  15  HOH HOH A . 
D 4 HOH 15  16  16  HOH HOH A . 
D 4 HOH 16  17  17  HOH HOH A . 
D 4 HOH 17  18  18  HOH HOH A . 
D 4 HOH 18  19  19  HOH HOH A . 
D 4 HOH 19  20  20  HOH HOH A . 
D 4 HOH 20  21  21  HOH HOH A . 
D 4 HOH 21  22  22  HOH HOH A . 
D 4 HOH 22  23  23  HOH HOH A . 
D 4 HOH 23  24  24  HOH HOH A . 
D 4 HOH 24  25  25  HOH HOH A . 
D 4 HOH 25  26  26  HOH HOH A . 
D 4 HOH 26  27  27  HOH HOH A . 
D 4 HOH 27  28  28  HOH HOH A . 
D 4 HOH 28  29  29  HOH HOH A . 
D 4 HOH 29  30  30  HOH HOH A . 
D 4 HOH 30  31  31  HOH HOH A . 
D 4 HOH 31  32  32  HOH HOH A . 
D 4 HOH 32  33  33  HOH HOH A . 
D 4 HOH 33  34  34  HOH HOH A . 
D 4 HOH 34  35  35  HOH HOH A . 
D 4 HOH 35  36  36  HOH HOH A . 
D 4 HOH 36  37  37  HOH HOH A . 
D 4 HOH 37  38  38  HOH HOH A . 
D 4 HOH 38  39  39  HOH HOH A . 
D 4 HOH 39  40  40  HOH HOH A . 
D 4 HOH 40  41  41  HOH HOH A . 
D 4 HOH 41  42  42  HOH HOH A . 
D 4 HOH 42  43  43  HOH HOH A . 
D 4 HOH 43  44  44  HOH HOH A . 
D 4 HOH 44  45  45  HOH HOH A . 
D 4 HOH 45  46  46  HOH HOH A . 
D 4 HOH 46  47  47  HOH HOH A . 
D 4 HOH 47  48  48  HOH HOH A . 
D 4 HOH 48  49  49  HOH HOH A . 
D 4 HOH 49  50  50  HOH HOH A . 
D 4 HOH 50  51  51  HOH HOH A . 
D 4 HOH 51  52  52  HOH HOH A . 
D 4 HOH 52  171 171 HOH HOH A . 
D 4 HOH 53  172 172 HOH HOH A . 
D 4 HOH 54  173 173 HOH HOH A . 
D 4 HOH 55  174 174 HOH HOH A . 
D 4 HOH 56  175 175 HOH HOH A . 
D 4 HOH 57  176 176 HOH HOH A . 
D 4 HOH 58  177 177 HOH HOH A . 
D 4 HOH 59  178 178 HOH HOH A . 
D 4 HOH 60  179 179 HOH HOH A . 
D 4 HOH 61  180 180 HOH HOH A . 
D 4 HOH 62  181 181 HOH HOH A . 
D 4 HOH 63  182 182 HOH HOH A . 
D 4 HOH 64  183 183 HOH HOH A . 
D 4 HOH 65  184 184 HOH HOH A . 
D 4 HOH 66  185 185 HOH HOH A . 
D 4 HOH 67  186 186 HOH HOH A . 
D 4 HOH 68  187 187 HOH HOH A . 
D 4 HOH 69  188 188 HOH HOH A . 
D 4 HOH 70  189 189 HOH HOH A . 
D 4 HOH 71  190 190 HOH HOH A . 
D 4 HOH 72  191 191 HOH HOH A . 
D 4 HOH 73  192 192 HOH HOH A . 
D 4 HOH 74  193 193 HOH HOH A . 
D 4 HOH 75  194 194 HOH HOH A . 
D 4 HOH 76  195 195 HOH HOH A . 
D 4 HOH 77  196 196 HOH HOH A . 
D 4 HOH 78  197 197 HOH HOH A . 
D 4 HOH 79  198 198 HOH HOH A . 
D 4 HOH 80  199 199 HOH HOH A . 
D 4 HOH 81  200 200 HOH HOH A . 
D 4 HOH 82  201 201 HOH HOH A . 
D 4 HOH 83  202 202 HOH HOH A . 
D 4 HOH 84  203 203 HOH HOH A . 
D 4 HOH 85  204 204 HOH HOH A . 
D 4 HOH 86  205 205 HOH HOH A . 
D 4 HOH 87  206 206 HOH HOH A . 
D 4 HOH 88  207 207 HOH HOH A . 
D 4 HOH 89  208 208 HOH HOH A . 
D 4 HOH 90  209 209 HOH HOH A . 
D 4 HOH 91  210 210 HOH HOH A . 
D 4 HOH 92  211 211 HOH HOH A . 
D 4 HOH 93  212 212 HOH HOH A . 
D 4 HOH 94  213 213 HOH HOH A . 
D 4 HOH 95  214 214 HOH HOH A . 
D 4 HOH 96  215 215 HOH HOH A . 
D 4 HOH 97  216 216 HOH HOH A . 
D 4 HOH 98  217 217 HOH HOH A . 
D 4 HOH 99  218 218 HOH HOH A . 
D 4 HOH 100 219 219 HOH HOH A . 
D 4 HOH 101 220 220 HOH HOH A . 
D 4 HOH 102 221 221 HOH HOH A . 
D 4 HOH 103 222 222 HOH HOH A . 
D 4 HOH 104 223 223 HOH HOH A . 
D 4 HOH 105 224 224 HOH HOH A . 
D 4 HOH 106 225 225 HOH HOH A . 
D 4 HOH 107 226 226 HOH HOH A . 
D 4 HOH 108 227 227 HOH HOH A . 
D 4 HOH 109 228 228 HOH HOH A . 
D 4 HOH 110 229 229 HOH HOH A . 
D 4 HOH 111 230 230 HOH HOH A . 
D 4 HOH 112 231 231 HOH HOH A . 
D 4 HOH 113 232 232 HOH HOH A . 
D 4 HOH 114 233 233 HOH HOH A . 
D 4 HOH 115 234 234 HOH HOH A . 
D 4 HOH 116 235 235 HOH HOH A . 
# 
_pdbx_molecule_features.prd_id    PRD_000634 
_pdbx_molecule_features.name      'AC-PTYR-ILE-ASN-NH2 TRIPEPTIDE MIMIC' 
_pdbx_molecule_features.type      Peptide-like 
_pdbx_molecule_features.class     Inhibitor 
_pdbx_molecule_features.details   ? 
# 
_pdbx_molecule.instance_id   1 
_pdbx_molecule.prd_id        PRD_000634 
_pdbx_molecule.asym_id       B 
# 
_pdbx_struct_assembly.id                   1 
_pdbx_struct_assembly.details              software_defined_assembly 
_pdbx_struct_assembly.method_details       PISA 
_pdbx_struct_assembly.oligomeric_details   dimeric 
_pdbx_struct_assembly.oligomeric_count     2 
# 
_pdbx_struct_assembly_gen.assembly_id       1 
_pdbx_struct_assembly_gen.oper_expression   1,2 
_pdbx_struct_assembly_gen.asym_id_list      A,B,C,D 
# 
loop_
_pdbx_struct_assembly_prop.biol_id 
_pdbx_struct_assembly_prop.type 
_pdbx_struct_assembly_prop.value 
_pdbx_struct_assembly_prop.details 
1 'ABSA (A^2)' 2700  ? 
1 MORE         -18   ? 
1 'SSA (A^2)'  10320 ? 
# 
loop_
_pdbx_struct_oper_list.id 
_pdbx_struct_oper_list.type 
_pdbx_struct_oper_list.name 
_pdbx_struct_oper_list.symmetry_operation 
_pdbx_struct_oper_list.matrix[1][1] 
_pdbx_struct_oper_list.matrix[1][2] 
_pdbx_struct_oper_list.matrix[1][3] 
_pdbx_struct_oper_list.vector[1] 
_pdbx_struct_oper_list.matrix[2][1] 
_pdbx_struct_oper_list.matrix[2][2] 
_pdbx_struct_oper_list.matrix[2][3] 
_pdbx_struct_oper_list.vector[2] 
_pdbx_struct_oper_list.matrix[3][1] 
_pdbx_struct_oper_list.matrix[3][2] 
_pdbx_struct_oper_list.matrix[3][3] 
_pdbx_struct_oper_list.vector[3] 
1 'identity operation'         1_555 x,y,z  1.0000000000  0.0000000000  0.0000000000 0.0000000000  0.0000000000  1.0000000000  0.0000000000  0.0000000000 0.0000000000 0.0000000000  1.0000000000 0.0000000000   
2 'crystal symmetry operation' 7_555 y,x,-z -0.2245074764 -0.0535232770 0.9730013627 15.9852369818 -0.0535232770 -0.9963059074 -0.0671550272 8.3060287206 0.9730013627 -0.0671550272 0.2208133838 -12.2835037529 
# 
loop_
_pdbx_audit_revision_history.ordinal 
_pdbx_audit_revision_history.data_content_type 
_pdbx_audit_revision_history.major_revision 
_pdbx_audit_revision_history.minor_revision 
_pdbx_audit_revision_history.revision_date 
1 'Structure model' 1 0 2009-11-17 
2 'Structure model' 1 1 2011-07-13 
3 'Structure model' 1 2 2012-12-12 
4 'Structure model' 1 3 2017-11-01 
5 'Structure model' 1 4 2023-09-06 
# 
_pdbx_audit_revision_details.ordinal             1 
_pdbx_audit_revision_details.revision_ordinal    1 
_pdbx_audit_revision_details.data_content_type   'Structure model' 
_pdbx_audit_revision_details.provider            repository 
_pdbx_audit_revision_details.type                'Initial release' 
_pdbx_audit_revision_details.description         ? 
_pdbx_audit_revision_details.details             ? 
# 
loop_
_pdbx_audit_revision_group.ordinal 
_pdbx_audit_revision_group.revision_ordinal 
_pdbx_audit_revision_group.data_content_type 
_pdbx_audit_revision_group.group 
1  2 'Structure model' 'Atomic model'              
2  2 'Structure model' 'Database references'       
3  2 'Structure model' 'Derived calculations'      
4  2 'Structure model' 'Non-polymer description'   
5  2 'Structure model' 'Structure summary'         
6  2 'Structure model' 'Version format compliance' 
7  3 'Structure model' Other                       
8  4 'Structure model' 'Refinement description'    
9  5 'Structure model' 'Data collection'           
10 5 'Structure model' 'Database references'       
11 5 'Structure model' 'Derived calculations'      
12 5 'Structure model' 'Refinement description'    
# 
loop_
_pdbx_audit_revision_category.ordinal 
_pdbx_audit_revision_category.revision_ordinal 
_pdbx_audit_revision_category.data_content_type 
_pdbx_audit_revision_category.category 
1 4 'Structure model' software                      
2 5 'Structure model' chem_comp_atom                
3 5 'Structure model' chem_comp_bond                
4 5 'Structure model' database_2                    
5 5 'Structure model' pdbx_initial_refinement_model 
6 5 'Structure model' struct_ref_seq_dif            
7 5 'Structure model' struct_site                   
# 
loop_
_pdbx_audit_revision_item.ordinal 
_pdbx_audit_revision_item.revision_ordinal 
_pdbx_audit_revision_item.data_content_type 
_pdbx_audit_revision_item.item 
1 5 'Structure model' '_database_2.pdbx_DOI'                
2 5 'Structure model' '_database_2.pdbx_database_accession' 
3 5 'Structure model' '_struct_ref_seq_dif.details'         
4 5 'Structure model' '_struct_site.pdbx_auth_asym_id'      
5 5 'Structure model' '_struct_site.pdbx_auth_comp_id'      
6 5 'Structure model' '_struct_site.pdbx_auth_seq_id'       
# 
_phasing.method   MR 
# 
loop_
_software.pdbx_ordinal 
_software.name 
_software.version 
_software.date 
_software.type 
_software.contact_author 
_software.contact_author_email 
_software.classification 
_software.location 
_software.language 
_software.citation_id 
1 DENZO        .     ?               package 'Zbyszek Otwinowski' hkl@hkl-xray.com       'data reduction'  
http://www.hkl-xray.com/                    ?          ? 
2 SCALEPACK    .     ?               package 'Zbyszek Otwinowski' hkl@hkl-xray.com       'data scaling'    
http://www.hkl-xray.com/                    ?          ? 
3 MOLREP       .     ?               program 'Alexei Vaguine'     alexei@ysbl.york.ac.uk phasing           
http://www.ccp4.ac.uk/dist/html/molrep.html Fortran_77 ? 
4 CNS          .     ?               package 'Axel T. Brunger'    axel.brunger@yale.edu  refinement        http://cns-online.org/ 
Fortran_77 ? 
5 PDB_EXTRACT  3.005 'June 11, 2008' package PDB                  help@deposit.rcsb.org  'data extraction' 
http://sw-tools.pdb.org/apps/PDB_EXTRACT/   C++        ? 
6 CrystalClear .     ?               ?       ?                    ?                      'data collection' ? ?          ? 
7 HKL-2000     .     ?               ?       ?                    ?                      'data reduction'  ? ?          ? 
8 HKL-2000     .     ?               ?       ?                    ?                      'data scaling'    ? ?          ? 
# 
_pdbx_validate_close_contact.id               1 
_pdbx_validate_close_contact.PDB_model_num    1 
_pdbx_validate_close_contact.auth_atom_id_1   CB 
_pdbx_validate_close_contact.auth_asym_id_1   A 
_pdbx_validate_close_contact.auth_comp_id_1   PRO 
_pdbx_validate_close_contact.auth_seq_id_1    59 
_pdbx_validate_close_contact.PDB_ins_code_1   ? 
_pdbx_validate_close_contact.label_alt_id_1   ? 
_pdbx_validate_close_contact.auth_atom_id_2   NE2 
_pdbx_validate_close_contact.auth_asym_id_2   A 
_pdbx_validate_close_contact.auth_comp_id_2   GLN 
_pdbx_validate_close_contact.auth_seq_id_2    153 
_pdbx_validate_close_contact.PDB_ins_code_2   ? 
_pdbx_validate_close_contact.label_alt_id_2   ? 
_pdbx_validate_close_contact.dist             1.99 
# 
_pdbx_validate_torsion.id              1 
_pdbx_validate_torsion.PDB_model_num   1 
_pdbx_validate_torsion.auth_comp_id    TRP 
_pdbx_validate_torsion.auth_asym_id    A 
_pdbx_validate_torsion.auth_seq_id     121 
_pdbx_validate_torsion.PDB_ins_code    ? 
_pdbx_validate_torsion.label_alt_id    ? 
_pdbx_validate_torsion.phi             -122.91 
_pdbx_validate_torsion.psi             -70.25 
# 
_pdbx_validate_chiral.id              1 
_pdbx_validate_chiral.PDB_model_num   1 
_pdbx_validate_chiral.auth_atom_id    C8 
_pdbx_validate_chiral.label_alt_id    ? 
_pdbx_validate_chiral.auth_asym_id    A 
_pdbx_validate_chiral.auth_comp_id    FYI 
_pdbx_validate_chiral.auth_seq_id     1 
_pdbx_validate_chiral.PDB_ins_code    ? 
_pdbx_validate_chiral.details         'WRONG HAND' 
_pdbx_validate_chiral.omega           . 
# 
loop_
_pdbx_unobs_or_zero_occ_residues.id 
_pdbx_unobs_or_zero_occ_residues.PDB_model_num 
_pdbx_unobs_or_zero_occ_residues.polymer_flag 
_pdbx_unobs_or_zero_occ_residues.occupancy_flag 
_pdbx_unobs_or_zero_occ_residues.auth_asym_id 
_pdbx_unobs_or_zero_occ_residues.auth_comp_id 
_pdbx_unobs_or_zero_occ_residues.auth_seq_id 
_pdbx_unobs_or_zero_occ_residues.PDB_ins_code 
_pdbx_unobs_or_zero_occ_residues.label_asym_id 
_pdbx_unobs_or_zero_occ_residues.label_comp_id 
_pdbx_unobs_or_zero_occ_residues.label_seq_id 
1  1 Y 1 A ILE 53  ? A ILE 1   
2  1 Y 1 A GLU 54  ? A GLU 2   
3  1 Y 1 A GLN 156 ? A GLN 104 
4  1 Y 1 A GLN 157 ? A GLN 105 
5  1 Y 1 A PRO 158 ? A PRO 106 
6  1 Y 1 A THR 159 ? A THR 107 
7  1 Y 1 A TYR 160 ? A TYR 108 
8  1 Y 1 A VAL 161 ? A VAL 109 
9  1 Y 1 A GLN 162 ? A GLN 110 
10 1 Y 1 A ALA 163 ? A ALA 111 
11 1 Y 1 A HIS 164 ? A HIS 112 
12 1 Y 1 A HIS 165 ? A HIS 113 
13 1 Y 1 A HIS 166 ? A HIS 114 
14 1 Y 1 A HIS 167 ? A HIS 115 
15 1 Y 1 A HIS 168 ? A HIS 116 
16 1 Y 1 A HIS 169 ? A HIS 117 
# 
loop_
_chem_comp_atom.comp_id 
_chem_comp_atom.atom_id 
_chem_comp_atom.type_symbol 
_chem_comp_atom.pdbx_aromatic_flag 
_chem_comp_atom.pdbx_stereo_config 
_chem_comp_atom.pdbx_ordinal 
ALA N    N N N 1   
ALA CA   C N S 2   
ALA C    C N N 3   
ALA O    O N N 4   
ALA CB   C N N 5   
ALA OXT  O N N 6   
ALA H    H N N 7   
ALA H2   H N N 8   
ALA HA   H N N 9   
ALA HB1  H N N 10  
ALA HB2  H N N 11  
ALA HB3  H N N 12  
ALA HXT  H N N 13  
ARG N    N N N 14  
ARG CA   C N S 15  
ARG C    C N N 16  
ARG O    O N N 17  
ARG CB   C N N 18  
ARG CG   C N N 19  
ARG CD   C N N 20  
ARG NE   N N N 21  
ARG CZ   C N N 22  
ARG NH1  N N N 23  
ARG NH2  N N N 24  
ARG OXT  O N N 25  
ARG H    H N N 26  
ARG H2   H N N 27  
ARG HA   H N N 28  
ARG HB2  H N N 29  
ARG HB3  H N N 30  
ARG HG2  H N N 31  
ARG HG3  H N N 32  
ARG HD2  H N N 33  
ARG HD3  H N N 34  
ARG HE   H N N 35  
ARG HH11 H N N 36  
ARG HH12 H N N 37  
ARG HH21 H N N 38  
ARG HH22 H N N 39  
ARG HXT  H N N 40  
ASN N    N N N 41  
ASN CA   C N S 42  
ASN C    C N N 43  
ASN O    O N N 44  
ASN CB   C N N 45  
ASN CG   C N N 46  
ASN OD1  O N N 47  
ASN ND2  N N N 48  
ASN OXT  O N N 49  
ASN H    H N N 50  
ASN H2   H N N 51  
ASN HA   H N N 52  
ASN HB2  H N N 53  
ASN HB3  H N N 54  
ASN HD21 H N N 55  
ASN HD22 H N N 56  
ASN HXT  H N N 57  
ASP N    N N N 58  
ASP CA   C N S 59  
ASP C    C N N 60  
ASP O    O N N 61  
ASP CB   C N N 62  
ASP CG   C N N 63  
ASP OD1  O N N 64  
ASP OD2  O N N 65  
ASP OXT  O N N 66  
ASP H    H N N 67  
ASP H2   H N N 68  
ASP HA   H N N 69  
ASP HB2  H N N 70  
ASP HB3  H N N 71  
ASP HD2  H N N 72  
ASP HXT  H N N 73  
FMT C    C N N 74  
FMT O1   O N N 75  
FMT O2   O N N 76  
FMT H    H N N 77  
FMT HO2  H N N 78  
FYI C1   C Y N 79  
FYI C2   C Y N 80  
FYI C3   C Y N 81  
FYI C4   C Y N 82  
FYI C5   C Y N 83  
FYI C6   C Y N 84  
FYI O1   O N N 85  
FYI P1   P N N 86  
FYI O2   O N N 87  
FYI O3   O N N 88  
FYI O4   O N N 89  
FYI C7   C N N 90  
FYI C8   C N S 91  
FYI C9   C N N 92  
FYI O5   O N N 93  
FYI C10  C N N 94  
FYI C11  C N N 95  
FYI N1   N N N 96  
FYI C12  C N N 97  
FYI O7   O N N 98  
FYI N2   N N N 99  
FYI C13  C N S 100 
FYI C14  C N N 101 
FYI O8   O N N 102 
FYI C15  C N S 103 
FYI C16  C N N 104 
FYI C17  C N N 105 
FYI C18  C N N 106 
FYI N3   N N N 107 
FYI C19  C N S 108 
FYI C20  C N N 109 
FYI O10  O N N 110 
FYI C21  C N N 111 
FYI C22  C N N 112 
FYI O11  O N N 113 
FYI N4   N N N 114 
FYI N5   N N N 115 
FYI H1   H N N 116 
FYI H2   H N N 117 
FYI H3   H N N 118 
FYI H4   H N N 119 
FYI H5   H N N 120 
FYI H6   H N N 121 
FYI H7   H N N 122 
FYI H8   H N N 123 
FYI H9   H N N 124 
FYI H11  H N N 125 
FYI H12  H N N 126 
FYI H13  H N N 127 
FYI H14  H N N 128 
FYI H15  H N N 129 
FYI H16  H N N 130 
FYI H17  H N N 131 
FYI H19  H N N 132 
FYI H20  H N N 133 
FYI H21  H N N 134 
FYI H22  H N N 135 
FYI H23  H N N 136 
FYI H24  H N N 137 
FYI H25  H N N 138 
FYI H26  H N N 139 
FYI H27  H N N 140 
FYI H28  H N N 141 
FYI H30  H N N 142 
FYI H32  H N N 143 
FYI H33  H N N 144 
FYI H34  H N N 145 
FYI H35  H N N 146 
FYI H36  H N N 147 
FYI H38  H N N 148 
FYI H39  H N N 149 
GLN N    N N N 150 
GLN CA   C N S 151 
GLN C    C N N 152 
GLN O    O N N 153 
GLN CB   C N N 154 
GLN CG   C N N 155 
GLN CD   C N N 156 
GLN OE1  O N N 157 
GLN NE2  N N N 158 
GLN OXT  O N N 159 
GLN H    H N N 160 
GLN H2   H N N 161 
GLN HA   H N N 162 
GLN HB2  H N N 163 
GLN HB3  H N N 164 
GLN HG2  H N N 165 
GLN HG3  H N N 166 
GLN HE21 H N N 167 
GLN HE22 H N N 168 
GLN HXT  H N N 169 
GLU N    N N N 170 
GLU CA   C N S 171 
GLU C    C N N 172 
GLU O    O N N 173 
GLU CB   C N N 174 
GLU CG   C N N 175 
GLU CD   C N N 176 
GLU OE1  O N N 177 
GLU OE2  O N N 178 
GLU OXT  O N N 179 
GLU H    H N N 180 
GLU H2   H N N 181 
GLU HA   H N N 182 
GLU HB2  H N N 183 
GLU HB3  H N N 184 
GLU HG2  H N N 185 
GLU HG3  H N N 186 
GLU HE2  H N N 187 
GLU HXT  H N N 188 
GLY N    N N N 189 
GLY CA   C N N 190 
GLY C    C N N 191 
GLY O    O N N 192 
GLY OXT  O N N 193 
GLY H    H N N 194 
GLY H2   H N N 195 
GLY HA2  H N N 196 
GLY HA3  H N N 197 
GLY HXT  H N N 198 
HIS N    N N N 199 
HIS CA   C N S 200 
HIS C    C N N 201 
HIS O    O N N 202 
HIS CB   C N N 203 
HIS CG   C Y N 204 
HIS ND1  N Y N 205 
HIS CD2  C Y N 206 
HIS CE1  C Y N 207 
HIS NE2  N Y N 208 
HIS OXT  O N N 209 
HIS H    H N N 210 
HIS H2   H N N 211 
HIS HA   H N N 212 
HIS HB2  H N N 213 
HIS HB3  H N N 214 
HIS HD1  H N N 215 
HIS HD2  H N N 216 
HIS HE1  H N N 217 
HIS HE2  H N N 218 
HIS HXT  H N N 219 
HOH O    O N N 220 
HOH H1   H N N 221 
HOH H2   H N N 222 
ILE N    N N N 223 
ILE CA   C N S 224 
ILE C    C N N 225 
ILE O    O N N 226 
ILE CB   C N S 227 
ILE CG1  C N N 228 
ILE CG2  C N N 229 
ILE CD1  C N N 230 
ILE OXT  O N N 231 
ILE H    H N N 232 
ILE H2   H N N 233 
ILE HA   H N N 234 
ILE HB   H N N 235 
ILE HG12 H N N 236 
ILE HG13 H N N 237 
ILE HG21 H N N 238 
ILE HG22 H N N 239 
ILE HG23 H N N 240 
ILE HD11 H N N 241 
ILE HD12 H N N 242 
ILE HD13 H N N 243 
ILE HXT  H N N 244 
LEU N    N N N 245 
LEU CA   C N S 246 
LEU C    C N N 247 
LEU O    O N N 248 
LEU CB   C N N 249 
LEU CG   C N N 250 
LEU CD1  C N N 251 
LEU CD2  C N N 252 
LEU OXT  O N N 253 
LEU H    H N N 254 
LEU H2   H N N 255 
LEU HA   H N N 256 
LEU HB2  H N N 257 
LEU HB3  H N N 258 
LEU HG   H N N 259 
LEU HD11 H N N 260 
LEU HD12 H N N 261 
LEU HD13 H N N 262 
LEU HD21 H N N 263 
LEU HD22 H N N 264 
LEU HD23 H N N 265 
LEU HXT  H N N 266 
LYS N    N N N 267 
LYS CA   C N S 268 
LYS C    C N N 269 
LYS O    O N N 270 
LYS CB   C N N 271 
LYS CG   C N N 272 
LYS CD   C N N 273 
LYS CE   C N N 274 
LYS NZ   N N N 275 
LYS OXT  O N N 276 
LYS H    H N N 277 
LYS H2   H N N 278 
LYS HA   H N N 279 
LYS HB2  H N N 280 
LYS HB3  H N N 281 
LYS HG2  H N N 282 
LYS HG3  H N N 283 
LYS HD2  H N N 284 
LYS HD3  H N N 285 
LYS HE2  H N N 286 
LYS HE3  H N N 287 
LYS HZ1  H N N 288 
LYS HZ2  H N N 289 
LYS HZ3  H N N 290 
LYS HXT  H N N 291 
MET N    N N N 292 
MET CA   C N S 293 
MET C    C N N 294 
MET O    O N N 295 
MET CB   C N N 296 
MET CG   C N N 297 
MET SD   S N N 298 
MET CE   C N N 299 
MET OXT  O N N 300 
MET H    H N N 301 
MET H2   H N N 302 
MET HA   H N N 303 
MET HB2  H N N 304 
MET HB3  H N N 305 
MET HG2  H N N 306 
MET HG3  H N N 307 
MET HE1  H N N 308 
MET HE2  H N N 309 
MET HE3  H N N 310 
MET HXT  H N N 311 
PHE N    N N N 312 
PHE CA   C N S 313 
PHE C    C N N 314 
PHE O    O N N 315 
PHE CB   C N N 316 
PHE CG   C Y N 317 
PHE CD1  C Y N 318 
PHE CD2  C Y N 319 
PHE CE1  C Y N 320 
PHE CE2  C Y N 321 
PHE CZ   C Y N 322 
PHE OXT  O N N 323 
PHE H    H N N 324 
PHE H2   H N N 325 
PHE HA   H N N 326 
PHE HB2  H N N 327 
PHE HB3  H N N 328 
PHE HD1  H N N 329 
PHE HD2  H N N 330 
PHE HE1  H N N 331 
PHE HE2  H N N 332 
PHE HZ   H N N 333 
PHE HXT  H N N 334 
PRO N    N N N 335 
PRO CA   C N S 336 
PRO C    C N N 337 
PRO O    O N N 338 
PRO CB   C N N 339 
PRO CG   C N N 340 
PRO CD   C N N 341 
PRO OXT  O N N 342 
PRO H    H N N 343 
PRO HA   H N N 344 
PRO HB2  H N N 345 
PRO HB3  H N N 346 
PRO HG2  H N N 347 
PRO HG3  H N N 348 
PRO HD2  H N N 349 
PRO HD3  H N N 350 
PRO HXT  H N N 351 
SER N    N N N 352 
SER CA   C N S 353 
SER C    C N N 354 
SER O    O N N 355 
SER CB   C N N 356 
SER OG   O N N 357 
SER OXT  O N N 358 
SER H    H N N 359 
SER H2   H N N 360 
SER HA   H N N 361 
SER HB2  H N N 362 
SER HB3  H N N 363 
SER HG   H N N 364 
SER HXT  H N N 365 
THR N    N N N 366 
THR CA   C N S 367 
THR C    C N N 368 
THR O    O N N 369 
THR CB   C N R 370 
THR OG1  O N N 371 
THR CG2  C N N 372 
THR OXT  O N N 373 
THR H    H N N 374 
THR H2   H N N 375 
THR HA   H N N 376 
THR HB   H N N 377 
THR HG1  H N N 378 
THR HG21 H N N 379 
THR HG22 H N N 380 
THR HG23 H N N 381 
THR HXT  H N N 382 
TRP N    N N N 383 
TRP CA   C N S 384 
TRP C    C N N 385 
TRP O    O N N 386 
TRP CB   C N N 387 
TRP CG   C Y N 388 
TRP CD1  C Y N 389 
TRP CD2  C Y N 390 
TRP NE1  N Y N 391 
TRP CE2  C Y N 392 
TRP CE3  C Y N 393 
TRP CZ2  C Y N 394 
TRP CZ3  C Y N 395 
TRP CH2  C Y N 396 
TRP OXT  O N N 397 
TRP H    H N N 398 
TRP H2   H N N 399 
TRP HA   H N N 400 
TRP HB2  H N N 401 
TRP HB3  H N N 402 
TRP HD1  H N N 403 
TRP HE1  H N N 404 
TRP HE3  H N N 405 
TRP HZ2  H N N 406 
TRP HZ3  H N N 407 
TRP HH2  H N N 408 
TRP HXT  H N N 409 
TYR N    N N N 410 
TYR CA   C N S 411 
TYR C    C N N 412 
TYR O    O N N 413 
TYR CB   C N N 414 
TYR CG   C Y N 415 
TYR CD1  C Y N 416 
TYR CD2  C Y N 417 
TYR CE1  C Y N 418 
TYR CE2  C Y N 419 
TYR CZ   C Y N 420 
TYR OH   O N N 421 
TYR OXT  O N N 422 
TYR H    H N N 423 
TYR H2   H N N 424 
TYR HA   H N N 425 
TYR HB2  H N N 426 
TYR HB3  H N N 427 
TYR HD1  H N N 428 
TYR HD2  H N N 429 
TYR HE1  H N N 430 
TYR HE2  H N N 431 
TYR HH   H N N 432 
TYR HXT  H N N 433 
VAL N    N N N 434 
VAL CA   C N S 435 
VAL C    C N N 436 
VAL O    O N N 437 
VAL CB   C N N 438 
VAL CG1  C N N 439 
VAL CG2  C N N 440 
VAL OXT  O N N 441 
VAL H    H N N 442 
VAL H2   H N N 443 
VAL HA   H N N 444 
VAL HB   H N N 445 
VAL HG11 H N N 446 
VAL HG12 H N N 447 
VAL HG13 H N N 448 
VAL HG21 H N N 449 
VAL HG22 H N N 450 
VAL HG23 H N N 451 
VAL HXT  H N N 452 
# 
loop_
_chem_comp_bond.comp_id 
_chem_comp_bond.atom_id_1 
_chem_comp_bond.atom_id_2 
_chem_comp_bond.value_order 
_chem_comp_bond.pdbx_aromatic_flag 
_chem_comp_bond.pdbx_stereo_config 
_chem_comp_bond.pdbx_ordinal 
ALA N   CA   sing N N 1   
ALA N   H    sing N N 2   
ALA N   H2   sing N N 3   
ALA CA  C    sing N N 4   
ALA CA  CB   sing N N 5   
ALA CA  HA   sing N N 6   
ALA C   O    doub N N 7   
ALA C   OXT  sing N N 8   
ALA CB  HB1  sing N N 9   
ALA CB  HB2  sing N N 10  
ALA CB  HB3  sing N N 11  
ALA OXT HXT  sing N N 12  
ARG N   CA   sing N N 13  
ARG N   H    sing N N 14  
ARG N   H2   sing N N 15  
ARG CA  C    sing N N 16  
ARG CA  CB   sing N N 17  
ARG CA  HA   sing N N 18  
ARG C   O    doub N N 19  
ARG C   OXT  sing N N 20  
ARG CB  CG   sing N N 21  
ARG CB  HB2  sing N N 22  
ARG CB  HB3  sing N N 23  
ARG CG  CD   sing N N 24  
ARG CG  HG2  sing N N 25  
ARG CG  HG3  sing N N 26  
ARG CD  NE   sing N N 27  
ARG CD  HD2  sing N N 28  
ARG CD  HD3  sing N N 29  
ARG NE  CZ   sing N N 30  
ARG NE  HE   sing N N 31  
ARG CZ  NH1  sing N N 32  
ARG CZ  NH2  doub N N 33  
ARG NH1 HH11 sing N N 34  
ARG NH1 HH12 sing N N 35  
ARG NH2 HH21 sing N N 36  
ARG NH2 HH22 sing N N 37  
ARG OXT HXT  sing N N 38  
ASN N   CA   sing N N 39  
ASN N   H    sing N N 40  
ASN N   H2   sing N N 41  
ASN CA  C    sing N N 42  
ASN CA  CB   sing N N 43  
ASN CA  HA   sing N N 44  
ASN C   O    doub N N 45  
ASN C   OXT  sing N N 46  
ASN CB  CG   sing N N 47  
ASN CB  HB2  sing N N 48  
ASN CB  HB3  sing N N 49  
ASN CG  OD1  doub N N 50  
ASN CG  ND2  sing N N 51  
ASN ND2 HD21 sing N N 52  
ASN ND2 HD22 sing N N 53  
ASN OXT HXT  sing N N 54  
ASP N   CA   sing N N 55  
ASP N   H    sing N N 56  
ASP N   H2   sing N N 57  
ASP CA  C    sing N N 58  
ASP CA  CB   sing N N 59  
ASP CA  HA   sing N N 60  
ASP C   O    doub N N 61  
ASP C   OXT  sing N N 62  
ASP CB  CG   sing N N 63  
ASP CB  HB2  sing N N 64  
ASP CB  HB3  sing N N 65  
ASP CG  OD1  doub N N 66  
ASP CG  OD2  sing N N 67  
ASP OD2 HD2  sing N N 68  
ASP OXT HXT  sing N N 69  
FMT C   O1   doub N N 70  
FMT C   O2   sing N N 71  
FMT C   H    sing N N 72  
FMT O2  HO2  sing N N 73  
FYI C1  C2   sing Y N 74  
FYI C1  C6   doub Y N 75  
FYI C1  H1   sing N N 76  
FYI C2  C3   doub Y N 77  
FYI C2  H2   sing N N 78  
FYI C3  C4   sing Y N 79  
FYI C3  O1   sing N N 80  
FYI C4  C5   doub Y N 81  
FYI C4  H3   sing N N 82  
FYI C5  C6   sing Y N 83  
FYI C5  H4   sing N N 84  
FYI C6  C7   sing N N 85  
FYI O1  P1   sing N N 86  
FYI P1  O2   sing N N 87  
FYI P1  O3   doub N N 88  
FYI P1  O4   sing N N 89  
FYI O2  H5   sing N N 90  
FYI O4  H6   sing N N 91  
FYI C7  C8   sing N N 92  
FYI C7  H7   sing N N 93  
FYI C7  H8   sing N N 94  
FYI C8  C9   sing N N 95  
FYI C8  C10  sing N N 96  
FYI C8  H9   sing N N 97  
FYI C9  O5   doub N N 98  
FYI C9  N2   sing N N 99  
FYI C10 C11  sing N N 100 
FYI C10 H11  sing N N 101 
FYI C10 H12  sing N N 102 
FYI C11 N1   sing N N 103 
FYI C11 O7   doub N N 104 
FYI N1  C12  sing N N 105 
FYI N1  H13  sing N N 106 
FYI C12 H14  sing N N 107 
FYI C12 H15  sing N N 108 
FYI C12 H16  sing N N 109 
FYI N2  C13  sing N N 110 
FYI N2  H17  sing N N 111 
FYI C13 C14  sing N N 112 
FYI C13 C15  sing N N 113 
FYI C13 H19  sing N N 114 
FYI C14 O8   doub N N 115 
FYI C14 N3   sing N N 116 
FYI C15 C16  sing N N 117 
FYI C15 C17  sing N N 118 
FYI C15 H20  sing N N 119 
FYI C16 C18  sing N N 120 
FYI C16 H21  sing N N 121 
FYI C16 H22  sing N N 122 
FYI C17 H23  sing N N 123 
FYI C17 H24  sing N N 124 
FYI C17 H25  sing N N 125 
FYI C18 H26  sing N N 126 
FYI C18 H27  sing N N 127 
FYI C18 H28  sing N N 128 
FYI N3  C19  sing N N 129 
FYI N3  H30  sing N N 130 
FYI C19 C20  sing N N 131 
FYI C19 C21  sing N N 132 
FYI C19 H32  sing N N 133 
FYI C20 O10  doub N N 134 
FYI C20 N5   sing N N 135 
FYI C21 C22  sing N N 136 
FYI C21 H33  sing N N 137 
FYI C21 H34  sing N N 138 
FYI C22 O11  doub N N 139 
FYI C22 N4   sing N N 140 
FYI N4  H35  sing N N 141 
FYI N4  H36  sing N N 142 
FYI N5  H38  sing N N 143 
FYI N5  H39  sing N N 144 
GLN N   CA   sing N N 145 
GLN N   H    sing N N 146 
GLN N   H2   sing N N 147 
GLN CA  C    sing N N 148 
GLN CA  CB   sing N N 149 
GLN CA  HA   sing N N 150 
GLN C   O    doub N N 151 
GLN C   OXT  sing N N 152 
GLN CB  CG   sing N N 153 
GLN CB  HB2  sing N N 154 
GLN CB  HB3  sing N N 155 
GLN CG  CD   sing N N 156 
GLN CG  HG2  sing N N 157 
GLN CG  HG3  sing N N 158 
GLN CD  OE1  doub N N 159 
GLN CD  NE2  sing N N 160 
GLN NE2 HE21 sing N N 161 
GLN NE2 HE22 sing N N 162 
GLN OXT HXT  sing N N 163 
GLU N   CA   sing N N 164 
GLU N   H    sing N N 165 
GLU N   H2   sing N N 166 
GLU CA  C    sing N N 167 
GLU CA  CB   sing N N 168 
GLU CA  HA   sing N N 169 
GLU C   O    doub N N 170 
GLU C   OXT  sing N N 171 
GLU CB  CG   sing N N 172 
GLU CB  HB2  sing N N 173 
GLU CB  HB3  sing N N 174 
GLU CG  CD   sing N N 175 
GLU CG  HG2  sing N N 176 
GLU CG  HG3  sing N N 177 
GLU CD  OE1  doub N N 178 
GLU CD  OE2  sing N N 179 
GLU OE2 HE2  sing N N 180 
GLU OXT HXT  sing N N 181 
GLY N   CA   sing N N 182 
GLY N   H    sing N N 183 
GLY N   H2   sing N N 184 
GLY CA  C    sing N N 185 
GLY CA  HA2  sing N N 186 
GLY CA  HA3  sing N N 187 
GLY C   O    doub N N 188 
GLY C   OXT  sing N N 189 
GLY OXT HXT  sing N N 190 
HIS N   CA   sing N N 191 
HIS N   H    sing N N 192 
HIS N   H2   sing N N 193 
HIS CA  C    sing N N 194 
HIS CA  CB   sing N N 195 
HIS CA  HA   sing N N 196 
HIS C   O    doub N N 197 
HIS C   OXT  sing N N 198 
HIS CB  CG   sing N N 199 
HIS CB  HB2  sing N N 200 
HIS CB  HB3  sing N N 201 
HIS CG  ND1  sing Y N 202 
HIS CG  CD2  doub Y N 203 
HIS ND1 CE1  doub Y N 204 
HIS ND1 HD1  sing N N 205 
HIS CD2 NE2  sing Y N 206 
HIS CD2 HD2  sing N N 207 
HIS CE1 NE2  sing Y N 208 
HIS CE1 HE1  sing N N 209 
HIS NE2 HE2  sing N N 210 
HIS OXT HXT  sing N N 211 
HOH O   H1   sing N N 212 
HOH O   H2   sing N N 213 
ILE N   CA   sing N N 214 
ILE N   H    sing N N 215 
ILE N   H2   sing N N 216 
ILE CA  C    sing N N 217 
ILE CA  CB   sing N N 218 
ILE CA  HA   sing N N 219 
ILE C   O    doub N N 220 
ILE C   OXT  sing N N 221 
ILE CB  CG1  sing N N 222 
ILE CB  CG2  sing N N 223 
ILE CB  HB   sing N N 224 
ILE CG1 CD1  sing N N 225 
ILE CG1 HG12 sing N N 226 
ILE CG1 HG13 sing N N 227 
ILE CG2 HG21 sing N N 228 
ILE CG2 HG22 sing N N 229 
ILE CG2 HG23 sing N N 230 
ILE CD1 HD11 sing N N 231 
ILE CD1 HD12 sing N N 232 
ILE CD1 HD13 sing N N 233 
ILE OXT HXT  sing N N 234 
LEU N   CA   sing N N 235 
LEU N   H    sing N N 236 
LEU N   H2   sing N N 237 
LEU CA  C    sing N N 238 
LEU CA  CB   sing N N 239 
LEU CA  HA   sing N N 240 
LEU C   O    doub N N 241 
LEU C   OXT  sing N N 242 
LEU CB  CG   sing N N 243 
LEU CB  HB2  sing N N 244 
LEU CB  HB3  sing N N 245 
LEU CG  CD1  sing N N 246 
LEU CG  CD2  sing N N 247 
LEU CG  HG   sing N N 248 
LEU CD1 HD11 sing N N 249 
LEU CD1 HD12 sing N N 250 
LEU CD1 HD13 sing N N 251 
LEU CD2 HD21 sing N N 252 
LEU CD2 HD22 sing N N 253 
LEU CD2 HD23 sing N N 254 
LEU OXT HXT  sing N N 255 
LYS N   CA   sing N N 256 
LYS N   H    sing N N 257 
LYS N   H2   sing N N 258 
LYS CA  C    sing N N 259 
LYS CA  CB   sing N N 260 
LYS CA  HA   sing N N 261 
LYS C   O    doub N N 262 
LYS C   OXT  sing N N 263 
LYS CB  CG   sing N N 264 
LYS CB  HB2  sing N N 265 
LYS CB  HB3  sing N N 266 
LYS CG  CD   sing N N 267 
LYS CG  HG2  sing N N 268 
LYS CG  HG3  sing N N 269 
LYS CD  CE   sing N N 270 
LYS CD  HD2  sing N N 271 
LYS CD  HD3  sing N N 272 
LYS CE  NZ   sing N N 273 
LYS CE  HE2  sing N N 274 
LYS CE  HE3  sing N N 275 
LYS NZ  HZ1  sing N N 276 
LYS NZ  HZ2  sing N N 277 
LYS NZ  HZ3  sing N N 278 
LYS OXT HXT  sing N N 279 
MET N   CA   sing N N 280 
MET N   H    sing N N 281 
MET N   H2   sing N N 282 
MET CA  C    sing N N 283 
MET CA  CB   sing N N 284 
MET CA  HA   sing N N 285 
MET C   O    doub N N 286 
MET C   OXT  sing N N 287 
MET CB  CG   sing N N 288 
MET CB  HB2  sing N N 289 
MET CB  HB3  sing N N 290 
MET CG  SD   sing N N 291 
MET CG  HG2  sing N N 292 
MET CG  HG3  sing N N 293 
MET SD  CE   sing N N 294 
MET CE  HE1  sing N N 295 
MET CE  HE2  sing N N 296 
MET CE  HE3  sing N N 297 
MET OXT HXT  sing N N 298 
PHE N   CA   sing N N 299 
PHE N   H    sing N N 300 
PHE N   H2   sing N N 301 
PHE CA  C    sing N N 302 
PHE CA  CB   sing N N 303 
PHE CA  HA   sing N N 304 
PHE C   O    doub N N 305 
PHE C   OXT  sing N N 306 
PHE CB  CG   sing N N 307 
PHE CB  HB2  sing N N 308 
PHE CB  HB3  sing N N 309 
PHE CG  CD1  doub Y N 310 
PHE CG  CD2  sing Y N 311 
PHE CD1 CE1  sing Y N 312 
PHE CD1 HD1  sing N N 313 
PHE CD2 CE2  doub Y N 314 
PHE CD2 HD2  sing N N 315 
PHE CE1 CZ   doub Y N 316 
PHE CE1 HE1  sing N N 317 
PHE CE2 CZ   sing Y N 318 
PHE CE2 HE2  sing N N 319 
PHE CZ  HZ   sing N N 320 
PHE OXT HXT  sing N N 321 
PRO N   CA   sing N N 322 
PRO N   CD   sing N N 323 
PRO N   H    sing N N 324 
PRO CA  C    sing N N 325 
PRO CA  CB   sing N N 326 
PRO CA  HA   sing N N 327 
PRO C   O    doub N N 328 
PRO C   OXT  sing N N 329 
PRO CB  CG   sing N N 330 
PRO CB  HB2  sing N N 331 
PRO CB  HB3  sing N N 332 
PRO CG  CD   sing N N 333 
PRO CG  HG2  sing N N 334 
PRO CG  HG3  sing N N 335 
PRO CD  HD2  sing N N 336 
PRO CD  HD3  sing N N 337 
PRO OXT HXT  sing N N 338 
SER N   CA   sing N N 339 
SER N   H    sing N N 340 
SER N   H2   sing N N 341 
SER CA  C    sing N N 342 
SER CA  CB   sing N N 343 
SER CA  HA   sing N N 344 
SER C   O    doub N N 345 
SER C   OXT  sing N N 346 
SER CB  OG   sing N N 347 
SER CB  HB2  sing N N 348 
SER CB  HB3  sing N N 349 
SER OG  HG   sing N N 350 
SER OXT HXT  sing N N 351 
THR N   CA   sing N N 352 
THR N   H    sing N N 353 
THR N   H2   sing N N 354 
THR CA  C    sing N N 355 
THR CA  CB   sing N N 356 
THR CA  HA   sing N N 357 
THR C   O    doub N N 358 
THR C   OXT  sing N N 359 
THR CB  OG1  sing N N 360 
THR CB  CG2  sing N N 361 
THR CB  HB   sing N N 362 
THR OG1 HG1  sing N N 363 
THR CG2 HG21 sing N N 364 
THR CG2 HG22 sing N N 365 
THR CG2 HG23 sing N N 366 
THR OXT HXT  sing N N 367 
TRP N   CA   sing N N 368 
TRP N   H    sing N N 369 
TRP N   H2   sing N N 370 
TRP CA  C    sing N N 371 
TRP CA  CB   sing N N 372 
TRP CA  HA   sing N N 373 
TRP C   O    doub N N 374 
TRP C   OXT  sing N N 375 
TRP CB  CG   sing N N 376 
TRP CB  HB2  sing N N 377 
TRP CB  HB3  sing N N 378 
TRP CG  CD1  doub Y N 379 
TRP CG  CD2  sing Y N 380 
TRP CD1 NE1  sing Y N 381 
TRP CD1 HD1  sing N N 382 
TRP CD2 CE2  doub Y N 383 
TRP CD2 CE3  sing Y N 384 
TRP NE1 CE2  sing Y N 385 
TRP NE1 HE1  sing N N 386 
TRP CE2 CZ2  sing Y N 387 
TRP CE3 CZ3  doub Y N 388 
TRP CE3 HE3  sing N N 389 
TRP CZ2 CH2  doub Y N 390 
TRP CZ2 HZ2  sing N N 391 
TRP CZ3 CH2  sing Y N 392 
TRP CZ3 HZ3  sing N N 393 
TRP CH2 HH2  sing N N 394 
TRP OXT HXT  sing N N 395 
TYR N   CA   sing N N 396 
TYR N   H    sing N N 397 
TYR N   H2   sing N N 398 
TYR CA  C    sing N N 399 
TYR CA  CB   sing N N 400 
TYR CA  HA   sing N N 401 
TYR C   O    doub N N 402 
TYR C   OXT  sing N N 403 
TYR CB  CG   sing N N 404 
TYR CB  HB2  sing N N 405 
TYR CB  HB3  sing N N 406 
TYR CG  CD1  doub Y N 407 
TYR CG  CD2  sing Y N 408 
TYR CD1 CE1  sing Y N 409 
TYR CD1 HD1  sing N N 410 
TYR CD2 CE2  doub Y N 411 
TYR CD2 HD2  sing N N 412 
TYR CE1 CZ   doub Y N 413 
TYR CE1 HE1  sing N N 414 
TYR CE2 CZ   sing Y N 415 
TYR CE2 HE2  sing N N 416 
TYR CZ  OH   sing N N 417 
TYR OH  HH   sing N N 418 
TYR OXT HXT  sing N N 419 
VAL N   CA   sing N N 420 
VAL N   H    sing N N 421 
VAL N   H2   sing N N 422 
VAL CA  C    sing N N 423 
VAL CA  CB   sing N N 424 
VAL CA  HA   sing N N 425 
VAL C   O    doub N N 426 
VAL C   OXT  sing N N 427 
VAL CB  CG1  sing N N 428 
VAL CB  CG2  sing N N 429 
VAL CB  HB   sing N N 430 
VAL CG1 HG11 sing N N 431 
VAL CG1 HG12 sing N N 432 
VAL CG1 HG13 sing N N 433 
VAL CG2 HG21 sing N N 434 
VAL CG2 HG22 sing N N 435 
VAL CG2 HG23 sing N N 436 
VAL OXT HXT  sing N N 437 
# 
loop_
_pdbx_entity_nonpoly.entity_id 
_pdbx_entity_nonpoly.name 
_pdbx_entity_nonpoly.comp_id 
2 'N-{(2S)-4-(methylamino)-4-oxo-2-[4-(phosphonooxy)benzyl]butanoyl}-L-isoleucyl-L-aspartamide' FYI 
3 'FORMIC ACID'                                                                                 FMT 
4 water                                                                                         HOH 
# 
_pdbx_initial_refinement_model.id               1 
_pdbx_initial_refinement_model.entity_id_list   ? 
_pdbx_initial_refinement_model.type             'experimental model' 
_pdbx_initial_refinement_model.source_name      PDB 
_pdbx_initial_refinement_model.accession_code   1JYR 
_pdbx_initial_refinement_model.details          'pdb entry 1JYR' 
# 
